data_1WJO
#
_entry.id   1WJO
#
_entity_poly.entity_id   1
_entity_poly.type   'polypeptide(L)'
_entity_poly.pdbx_seq_one_letter_code
;GSSGSSGNDDIIVNWVNRTLSEAGKSTSIQSFKDKTISSSLAVVDLIDAIQPGCINYDLVKSGNLTEDDKHNNAKYAVSM
ARRIGARVYALPEDLVEVKPKMVMTVFACLMGRGMKRVSGPSSG
;
_entity_poly.pdbx_strand_id   A
#
# COMPACT_ATOMS: atom_id res chain seq x y z
N GLY A 1 -7.42 -6.86 -25.59
CA GLY A 1 -7.45 -5.46 -25.26
C GLY A 1 -8.86 -4.93 -25.04
N SER A 2 -9.09 -4.36 -23.86
CA SER A 2 -10.41 -3.83 -23.53
C SER A 2 -10.41 -2.30 -23.57
N SER A 3 -11.32 -1.73 -24.35
CA SER A 3 -11.43 -0.29 -24.48
C SER A 3 -12.26 0.30 -23.34
N GLY A 4 -12.15 1.62 -23.16
CA GLY A 4 -12.90 2.28 -22.11
C GLY A 4 -12.35 1.98 -20.72
N SER A 5 -11.95 3.03 -20.01
CA SER A 5 -11.40 2.87 -18.67
C SER A 5 -12.51 2.83 -17.63
N SER A 6 -12.94 1.62 -17.28
CA SER A 6 -14.01 1.44 -16.30
C SER A 6 -13.50 0.66 -15.10
N GLY A 7 -14.08 0.94 -13.93
CA GLY A 7 -13.68 0.25 -12.72
C GLY A 7 -12.47 0.88 -12.07
N ASN A 8 -11.41 1.06 -12.85
CA ASN A 8 -10.18 1.66 -12.34
C ASN A 8 -9.61 0.84 -11.19
N ASP A 9 -9.59 -0.47 -11.35
CA ASP A 9 -9.07 -1.37 -10.33
C ASP A 9 -7.63 -1.75 -10.61
N ASP A 10 -7.35 -2.14 -11.86
CA ASP A 10 -6.01 -2.52 -12.26
C ASP A 10 -5.05 -1.35 -12.16
N ILE A 11 -5.48 -0.18 -12.64
CA ILE A 11 -4.67 1.02 -12.59
C ILE A 11 -3.89 1.11 -11.28
N ILE A 12 -4.61 1.10 -10.17
CA ILE A 12 -3.99 1.17 -8.85
C ILE A 12 -2.89 0.14 -8.70
N VAL A 13 -3.24 -1.13 -8.92
CA VAL A 13 -2.29 -2.22 -8.80
C VAL A 13 -1.02 -1.92 -9.60
N ASN A 14 -1.18 -1.63 -10.89
CA ASN A 14 -0.06 -1.33 -11.76
C ASN A 14 0.89 -0.33 -11.09
N TRP A 15 0.32 0.71 -10.51
CA TRP A 15 1.12 1.74 -9.84
C TRP A 15 1.92 1.14 -8.69
N VAL A 16 1.22 0.49 -7.76
CA VAL A 16 1.87 -0.13 -6.61
C VAL A 16 3.21 -0.73 -7.00
N ASN A 17 3.23 -1.50 -8.09
CA ASN A 17 4.45 -2.13 -8.56
C ASN A 17 5.47 -1.08 -9.01
N ARG A 18 5.00 -0.10 -9.78
CA ARG A 18 5.87 0.95 -10.27
C ARG A 18 6.55 1.68 -9.12
N THR A 19 5.78 2.00 -8.09
CA THR A 19 6.30 2.70 -6.92
C THR A 19 7.36 1.86 -6.22
N LEU A 20 7.04 0.59 -5.95
CA LEU A 20 7.96 -0.30 -5.28
C LEU A 20 9.29 -0.36 -6.01
N SER A 21 9.25 -0.34 -7.33
CA SER A 21 10.46 -0.39 -8.14
C SER A 21 11.20 0.95 -8.08
N GLU A 22 10.45 2.04 -8.11
CA GLU A 22 11.06 3.37 -8.06
C GLU A 22 12.13 3.44 -6.99
N ALA A 23 11.98 2.63 -5.94
CA ALA A 23 12.94 2.60 -4.85
C ALA A 23 13.79 1.33 -4.90
N GLY A 24 13.17 0.24 -5.34
CA GLY A 24 13.89 -1.03 -5.43
C GLY A 24 13.50 -2.00 -4.33
N LYS A 25 12.23 -2.36 -4.29
CA LYS A 25 11.73 -3.29 -3.28
C LYS A 25 11.58 -4.70 -3.85
N SER A 26 11.66 -5.70 -2.98
CA SER A 26 11.54 -7.09 -3.41
C SER A 26 10.13 -7.62 -3.15
N THR A 27 9.18 -6.70 -3.01
CA THR A 27 7.80 -7.08 -2.76
C THR A 27 6.85 -6.46 -3.80
N SER A 28 5.80 -7.17 -4.14
CA SER A 28 4.82 -6.68 -5.12
C SER A 28 3.53 -7.48 -5.04
N ILE A 29 2.43 -6.85 -5.42
CA ILE A 29 1.12 -7.49 -5.40
C ILE A 29 0.57 -7.65 -6.81
N GLN A 30 -0.63 -8.23 -6.91
CA GLN A 30 -1.28 -8.44 -8.20
C GLN A 30 -2.70 -7.91 -8.19
N SER A 31 -3.36 -8.03 -7.04
CA SER A 31 -4.74 -7.57 -6.89
C SER A 31 -5.10 -7.38 -5.42
N PHE A 32 -6.24 -6.75 -5.18
CA PHE A 32 -6.71 -6.50 -3.82
C PHE A 32 -7.15 -7.79 -3.15
N LYS A 33 -7.34 -8.83 -3.96
CA LYS A 33 -7.77 -10.13 -3.44
C LYS A 33 -6.58 -11.05 -3.21
N ASP A 34 -5.42 -10.64 -3.71
CA ASP A 34 -4.20 -11.42 -3.55
C ASP A 34 -4.03 -11.87 -2.11
N LYS A 35 -3.41 -13.04 -1.92
CA LYS A 35 -3.18 -13.57 -0.59
C LYS A 35 -1.81 -13.14 -0.06
N THR A 36 -1.30 -12.03 -0.57
CA THR A 36 0.00 -11.52 -0.14
C THR A 36 -0.15 -10.29 0.73
N ILE A 37 -1.28 -9.59 0.58
CA ILE A 37 -1.55 -8.39 1.37
C ILE A 37 -1.72 -8.74 2.84
N SER A 38 -2.02 -10.00 3.12
CA SER A 38 -2.22 -10.45 4.49
C SER A 38 -0.91 -10.37 5.29
N SER A 39 0.20 -10.27 4.56
CA SER A 39 1.51 -10.19 5.20
C SER A 39 1.92 -8.74 5.42
N SER A 40 1.15 -7.82 4.85
CA SER A 40 1.43 -6.39 4.96
C SER A 40 2.89 -6.10 4.65
N LEU A 41 3.48 -6.90 3.78
CA LEU A 41 4.87 -6.73 3.38
C LEU A 41 4.99 -5.79 2.19
N ALA A 42 4.04 -5.88 1.28
CA ALA A 42 4.03 -5.03 0.08
C ALA A 42 3.51 -3.64 0.40
N VAL A 43 2.70 -3.54 1.45
CA VAL A 43 2.12 -2.26 1.86
C VAL A 43 3.19 -1.37 2.50
N VAL A 44 4.01 -1.96 3.36
CA VAL A 44 5.06 -1.21 4.04
C VAL A 44 6.15 -0.79 3.06
N ASP A 45 6.62 -1.73 2.25
CA ASP A 45 7.66 -1.45 1.27
C ASP A 45 7.22 -0.34 0.32
N LEU A 46 5.91 -0.13 0.22
CA LEU A 46 5.35 0.90 -0.65
C LEU A 46 5.50 2.29 -0.02
N ILE A 47 4.94 2.44 1.18
CA ILE A 47 5.01 3.71 1.89
C ILE A 47 6.41 4.31 1.80
N ASP A 48 7.41 3.51 2.15
CA ASP A 48 8.80 3.96 2.11
C ASP A 48 9.09 4.73 0.82
N ALA A 49 8.91 4.06 -0.32
CA ALA A 49 9.15 4.67 -1.62
C ALA A 49 8.73 6.14 -1.62
N ILE A 50 7.55 6.41 -1.06
CA ILE A 50 7.04 7.77 -1.00
C ILE A 50 7.75 8.58 0.08
N GLN A 51 7.61 8.16 1.33
CA GLN A 51 8.25 8.83 2.44
C GLN A 51 9.24 7.92 3.15
N PRO A 52 10.46 7.82 2.59
CA PRO A 52 11.52 6.99 3.14
C PRO A 52 12.07 7.53 4.45
N GLY A 53 12.85 6.72 5.16
CA GLY A 53 13.43 7.14 6.42
C GLY A 53 12.47 6.93 7.58
N CYS A 54 11.17 6.89 7.29
CA CYS A 54 10.16 6.71 8.32
C CYS A 54 9.86 5.22 8.52
N ILE A 55 9.93 4.46 7.42
CA ILE A 55 9.66 3.04 7.48
C ILE A 55 10.84 2.27 8.07
N ASN A 56 10.60 1.60 9.19
CA ASN A 56 11.66 0.83 9.85
C ASN A 56 11.38 -0.66 9.74
N TYR A 57 12.14 -1.33 8.88
CA TYR A 57 11.98 -2.78 8.68
C TYR A 57 12.39 -3.55 9.93
N ASP A 58 13.41 -3.05 10.61
CA ASP A 58 13.90 -3.69 11.83
C ASP A 58 12.74 -4.23 12.67
N LEU A 59 11.63 -3.50 12.66
CA LEU A 59 10.45 -3.91 13.42
C LEU A 59 9.52 -4.76 12.56
N VAL A 60 9.42 -4.43 11.28
CA VAL A 60 8.57 -5.16 10.35
C VAL A 60 9.05 -6.61 10.21
N LYS A 61 8.13 -7.54 10.37
CA LYS A 61 8.44 -8.97 10.25
C LYS A 61 8.55 -9.38 8.79
N SER A 62 8.96 -10.62 8.57
CA SER A 62 9.11 -11.15 7.22
C SER A 62 9.16 -12.67 7.22
N GLY A 63 8.70 -13.28 6.12
CA GLY A 63 8.69 -14.72 6.03
C GLY A 63 7.42 -15.34 6.56
N ASN A 64 7.55 -16.41 7.35
CA ASN A 64 6.41 -17.10 7.92
C ASN A 64 5.75 -16.24 9.00
N LEU A 65 4.71 -15.50 8.62
CA LEU A 65 4.00 -14.65 9.57
C LEU A 65 2.77 -15.35 10.12
N THR A 66 2.84 -15.76 11.38
CA THR A 66 1.73 -16.45 12.04
C THR A 66 0.55 -15.51 12.23
N GLU A 67 -0.64 -16.09 12.44
CA GLU A 67 -1.85 -15.31 12.63
C GLU A 67 -1.55 -14.03 13.41
N ASP A 68 -0.72 -14.15 14.44
CA ASP A 68 -0.35 -13.00 15.26
C ASP A 68 0.56 -12.05 14.49
N ASP A 69 1.55 -12.62 13.79
CA ASP A 69 2.49 -11.81 13.03
C ASP A 69 1.75 -11.00 11.96
N LYS A 70 1.08 -11.70 11.05
CA LYS A 70 0.35 -11.04 9.98
C LYS A 70 -0.31 -9.76 10.47
N HIS A 71 -1.09 -9.88 11.55
CA HIS A 71 -1.78 -8.73 12.13
C HIS A 71 -0.78 -7.64 12.51
N ASN A 72 0.28 -8.03 13.22
CA ASN A 72 1.30 -7.08 13.65
C ASN A 72 1.86 -6.31 12.47
N ASN A 73 2.25 -7.04 11.42
CA ASN A 73 2.81 -6.42 10.22
C ASN A 73 1.88 -5.34 9.69
N ALA A 74 0.61 -5.69 9.49
CA ALA A 74 -0.38 -4.75 8.99
C ALA A 74 -0.49 -3.53 9.89
N LYS A 75 -0.73 -3.77 11.18
CA LYS A 75 -0.86 -2.69 12.16
C LYS A 75 0.17 -1.60 11.89
N TYR A 76 1.42 -2.00 11.66
CA TYR A 76 2.49 -1.06 11.39
C TYR A 76 2.22 -0.26 10.12
N ALA A 77 1.95 -0.97 9.03
CA ALA A 77 1.66 -0.33 7.75
C ALA A 77 0.58 0.73 7.90
N VAL A 78 -0.49 0.38 8.61
CA VAL A 78 -1.60 1.31 8.82
C VAL A 78 -1.11 2.62 9.45
N SER A 79 -0.56 2.51 10.66
CA SER A 79 -0.05 3.68 11.37
C SER A 79 0.71 4.60 10.44
N MET A 80 1.70 4.04 9.73
CA MET A 80 2.51 4.81 8.79
C MET A 80 1.62 5.50 7.76
N ALA A 81 0.91 4.71 6.97
CA ALA A 81 0.02 5.24 5.94
C ALA A 81 -0.70 6.49 6.43
N ARG A 82 -1.27 6.40 7.63
CA ARG A 82 -2.00 7.52 8.21
C ARG A 82 -1.03 8.57 8.75
N ARG A 83 0.14 8.13 9.20
CA ARG A 83 1.14 9.04 9.74
C ARG A 83 1.56 10.07 8.70
N ILE A 84 1.75 9.60 7.47
CA ILE A 84 2.15 10.49 6.38
C ILE A 84 0.96 11.26 5.83
N GLY A 85 -0.23 10.92 6.31
CA GLY A 85 -1.44 11.59 5.86
C GLY A 85 -1.87 11.15 4.48
N ALA A 86 -2.64 10.07 4.42
CA ALA A 86 -3.12 9.54 3.15
C ALA A 86 -4.64 9.44 3.13
N ARG A 87 -5.29 10.34 3.86
CA ARG A 87 -6.75 10.36 3.93
C ARG A 87 -7.31 8.94 3.94
N VAL A 88 -6.67 8.07 4.71
CA VAL A 88 -7.10 6.67 4.80
C VAL A 88 -7.33 6.27 6.26
N TYR A 89 -8.56 5.88 6.58
CA TYR A 89 -8.91 5.49 7.93
C TYR A 89 -9.33 4.01 7.96
N ALA A 90 -8.62 3.19 7.22
CA ALA A 90 -8.92 1.75 7.17
C ALA A 90 -8.39 1.04 8.39
N LEU A 91 -8.96 -0.13 8.68
CA LEU A 91 -8.54 -0.92 9.84
C LEU A 91 -7.45 -1.92 9.45
N PRO A 92 -6.58 -2.25 10.41
CA PRO A 92 -5.48 -3.20 10.20
C PRO A 92 -5.98 -4.62 10.04
N GLU A 93 -7.26 -4.83 10.29
CA GLU A 93 -7.87 -6.15 10.17
C GLU A 93 -8.20 -6.48 8.72
N ASP A 94 -8.84 -5.54 8.05
CA ASP A 94 -9.22 -5.72 6.65
C ASP A 94 -8.02 -6.19 5.82
N LEU A 95 -6.83 -5.77 6.22
CA LEU A 95 -5.61 -6.15 5.52
C LEU A 95 -5.30 -7.62 5.73
N VAL A 96 -5.44 -8.08 6.97
CA VAL A 96 -5.18 -9.48 7.30
C VAL A 96 -6.04 -10.42 6.46
N GLU A 97 -7.33 -10.12 6.38
CA GLU A 97 -8.27 -10.94 5.61
C GLU A 97 -8.16 -10.61 4.12
N VAL A 98 -7.50 -9.50 3.81
CA VAL A 98 -7.33 -9.08 2.43
C VAL A 98 -8.67 -8.77 1.78
N LYS A 99 -9.48 -7.96 2.45
CA LYS A 99 -10.79 -7.59 1.95
C LYS A 99 -10.67 -6.56 0.83
N PRO A 100 -11.23 -6.89 -0.34
CA PRO A 100 -11.20 -6.01 -1.51
C PRO A 100 -12.08 -4.78 -1.33
N LYS A 101 -12.77 -4.71 -0.20
CA LYS A 101 -13.64 -3.59 0.09
C LYS A 101 -12.85 -2.38 0.59
N MET A 102 -11.88 -2.63 1.46
CA MET A 102 -11.03 -1.57 2.00
C MET A 102 -9.62 -1.66 1.44
N VAL A 103 -9.18 -2.88 1.15
CA VAL A 103 -7.85 -3.09 0.61
C VAL A 103 -7.70 -2.47 -0.78
N MET A 104 -8.83 -2.09 -1.37
CA MET A 104 -8.84 -1.48 -2.69
C MET A 104 -8.43 -0.01 -2.61
N THR A 105 -8.97 0.70 -1.63
CA THR A 105 -8.66 2.12 -1.44
C THR A 105 -7.31 2.30 -0.75
N VAL A 106 -7.05 1.47 0.26
CA VAL A 106 -5.80 1.54 0.99
C VAL A 106 -4.61 1.69 0.06
N PHE A 107 -4.73 1.12 -1.14
CA PHE A 107 -3.67 1.20 -2.13
C PHE A 107 -3.81 2.46 -2.99
N ALA A 108 -5.05 2.85 -3.25
CA ALA A 108 -5.32 4.03 -4.06
C ALA A 108 -4.91 5.31 -3.31
N CYS A 109 -5.43 5.47 -2.10
CA CYS A 109 -5.13 6.64 -1.29
C CYS A 109 -3.64 6.95 -1.32
N LEU A 110 -2.82 5.90 -1.20
CA LEU A 110 -1.37 6.06 -1.21
C LEU A 110 -0.90 6.72 -2.50
N MET A 111 -1.38 6.20 -3.62
CA MET A 111 -1.01 6.75 -4.93
C MET A 111 -1.17 8.25 -4.96
N GLY A 112 -2.33 8.73 -4.50
CA GLY A 112 -2.57 10.17 -4.48
C GLY A 112 -1.34 10.97 -4.10
N ARG A 113 -0.94 10.87 -2.84
CA ARG A 113 0.22 11.59 -2.35
C ARG A 113 1.41 11.41 -3.31
N GLY A 114 1.61 10.18 -3.78
CA GLY A 114 2.71 9.91 -4.68
C GLY A 114 2.60 10.69 -5.98
N MET A 115 2.24 10.01 -7.05
CA MET A 115 2.10 10.66 -8.35
C MET A 115 1.31 11.95 -8.24
N LYS A 116 1.91 13.05 -8.69
CA LYS A 116 1.25 14.36 -8.64
C LYS A 116 0.77 14.78 -10.02
N ARG A 117 1.51 14.36 -11.05
CA ARG A 117 1.15 14.70 -12.43
C ARG A 117 2.05 13.95 -13.41
N VAL A 118 1.61 13.89 -14.67
CA VAL A 118 2.37 13.21 -15.71
C VAL A 118 2.00 13.74 -17.09
N SER A 119 3.01 14.12 -17.86
CA SER A 119 2.80 14.64 -19.20
C SER A 119 3.81 14.06 -20.18
N GLY A 120 3.31 13.58 -21.32
CA GLY A 120 4.18 13.00 -22.33
C GLY A 120 4.17 13.77 -23.63
N PRO A 121 4.91 13.28 -24.63
CA PRO A 121 4.99 13.92 -25.95
C PRO A 121 3.69 13.80 -26.73
N SER A 122 3.08 14.94 -27.04
CA SER A 122 1.82 14.98 -27.77
C SER A 122 1.91 14.11 -29.03
N SER A 123 2.98 14.31 -29.80
CA SER A 123 3.18 13.56 -31.03
C SER A 123 4.64 13.14 -31.18
N GLY A 124 4.87 12.01 -31.81
CA GLY A 124 6.23 11.52 -32.02
C GLY A 124 6.77 10.81 -30.79
N GLY A 1 -4.68 -5.17 -24.34
CA GLY A 1 -5.16 -4.32 -23.26
C GLY A 1 -6.12 -5.03 -22.34
N SER A 2 -7.36 -4.57 -22.29
CA SER A 2 -8.38 -5.16 -21.43
C SER A 2 -9.76 -5.04 -22.06
N SER A 3 -10.62 -6.03 -21.78
CA SER A 3 -11.97 -6.04 -22.32
C SER A 3 -12.69 -4.73 -21.99
N GLY A 4 -12.74 -4.39 -20.70
CA GLY A 4 -13.39 -3.17 -20.28
C GLY A 4 -14.24 -3.37 -19.04
N SER A 5 -13.81 -2.79 -17.93
CA SER A 5 -14.54 -2.91 -16.67
C SER A 5 -14.97 -1.54 -16.16
N SER A 6 -15.73 -1.54 -15.06
CA SER A 6 -16.20 -0.29 -14.47
C SER A 6 -15.44 0.02 -13.19
N GLY A 7 -14.62 1.07 -13.24
CA GLY A 7 -13.83 1.47 -12.08
C GLY A 7 -12.37 1.11 -12.21
N ASN A 8 -11.50 1.99 -11.73
CA ASN A 8 -10.06 1.76 -11.81
C ASN A 8 -9.63 0.72 -10.79
N ASP A 9 -9.62 -0.55 -11.20
CA ASP A 9 -9.23 -1.64 -10.34
C ASP A 9 -7.77 -2.02 -10.55
N ASP A 10 -7.39 -2.17 -11.82
CA ASP A 10 -6.01 -2.53 -12.16
C ASP A 10 -5.08 -1.33 -11.99
N ILE A 11 -5.49 -0.18 -12.53
CA ILE A 11 -4.69 1.03 -12.43
C ILE A 11 -3.96 1.10 -11.09
N ILE A 12 -4.70 0.98 -10.00
CA ILE A 12 -4.11 1.02 -8.67
C ILE A 12 -2.95 0.05 -8.54
N VAL A 13 -3.22 -1.22 -8.84
CA VAL A 13 -2.20 -2.26 -8.77
C VAL A 13 -0.93 -1.83 -9.51
N ASN A 14 -1.08 -1.52 -10.79
CA ASN A 14 0.05 -1.10 -11.61
C ASN A 14 0.90 -0.07 -10.87
N TRP A 15 0.24 0.86 -10.18
CA TRP A 15 0.93 1.90 -9.44
C TRP A 15 1.60 1.33 -8.20
N VAL A 16 0.82 0.57 -7.41
CA VAL A 16 1.34 -0.04 -6.19
C VAL A 16 2.67 -0.74 -6.44
N ASN A 17 2.74 -1.48 -7.55
CA ASN A 17 3.95 -2.20 -7.90
C ASN A 17 4.99 -1.26 -8.51
N ARG A 18 4.52 -0.20 -9.15
CA ARG A 18 5.40 0.78 -9.77
C ARG A 18 6.20 1.54 -8.73
N THR A 19 5.50 2.04 -7.71
CA THR A 19 6.14 2.80 -6.64
C THR A 19 7.17 1.94 -5.90
N LEU A 20 6.87 0.65 -5.76
CA LEU A 20 7.77 -0.28 -5.10
C LEU A 20 9.12 -0.33 -5.78
N SER A 21 9.11 -0.57 -7.09
CA SER A 21 10.34 -0.65 -7.86
C SER A 21 11.13 0.66 -7.75
N GLU A 22 10.42 1.78 -7.87
CA GLU A 22 11.06 3.09 -7.79
C GLU A 22 12.07 3.13 -6.65
N ALA A 23 11.75 2.44 -5.55
CA ALA A 23 12.63 2.41 -4.39
C ALA A 23 13.64 1.25 -4.50
N GLY A 24 13.22 0.18 -5.17
CA GLY A 24 14.08 -0.97 -5.34
C GLY A 24 13.74 -2.09 -4.36
N LYS A 25 12.45 -2.28 -4.10
CA LYS A 25 12.00 -3.32 -3.19
C LYS A 25 11.76 -4.63 -3.93
N SER A 26 11.53 -5.70 -3.17
CA SER A 26 11.30 -7.02 -3.76
C SER A 26 9.89 -7.49 -3.45
N THR A 27 8.97 -6.55 -3.27
CA THR A 27 7.59 -6.87 -2.96
C THR A 27 6.66 -6.47 -4.11
N SER A 28 5.51 -7.13 -4.19
CA SER A 28 4.54 -6.84 -5.24
C SER A 28 3.22 -7.56 -4.98
N ILE A 29 2.20 -7.21 -5.75
CA ILE A 29 0.89 -7.82 -5.60
C ILE A 29 0.22 -8.05 -6.96
N GLN A 30 -0.84 -8.84 -6.96
CA GLN A 30 -1.57 -9.13 -8.19
C GLN A 30 -2.91 -8.41 -8.22
N SER A 31 -3.52 -8.28 -7.05
CA SER A 31 -4.82 -7.61 -6.93
C SER A 31 -5.23 -7.48 -5.47
N PHE A 32 -6.37 -6.84 -5.24
CA PHE A 32 -6.88 -6.64 -3.89
C PHE A 32 -7.34 -7.95 -3.27
N LYS A 33 -7.40 -8.99 -4.10
CA LYS A 33 -7.81 -10.31 -3.64
C LYS A 33 -6.63 -11.27 -3.57
N ASP A 34 -5.43 -10.71 -3.58
CA ASP A 34 -4.21 -11.52 -3.51
C ASP A 34 -3.93 -11.95 -2.08
N LYS A 35 -3.26 -13.08 -1.94
CA LYS A 35 -2.91 -13.61 -0.62
C LYS A 35 -1.54 -13.14 -0.18
N THR A 36 -1.12 -11.98 -0.68
CA THR A 36 0.18 -11.42 -0.34
C THR A 36 0.03 -10.20 0.58
N ILE A 37 -1.09 -9.50 0.45
CA ILE A 37 -1.36 -8.33 1.26
C ILE A 37 -1.45 -8.69 2.74
N SER A 38 -1.91 -9.90 3.00
CA SER A 38 -2.06 -10.38 4.38
C SER A 38 -0.76 -10.21 5.15
N SER A 39 0.36 -10.41 4.46
CA SER A 39 1.68 -10.28 5.08
C SER A 39 2.02 -8.82 5.34
N SER A 40 1.31 -7.92 4.67
CA SER A 40 1.54 -6.49 4.83
C SER A 40 2.99 -6.13 4.52
N LEU A 41 3.63 -6.94 3.68
CA LEU A 41 5.02 -6.71 3.30
C LEU A 41 5.11 -5.75 2.12
N ALA A 42 4.18 -5.88 1.19
CA ALA A 42 4.15 -5.01 0.01
C ALA A 42 3.73 -3.59 0.39
N VAL A 43 2.80 -3.49 1.32
CA VAL A 43 2.30 -2.18 1.77
C VAL A 43 3.43 -1.35 2.38
N VAL A 44 4.03 -1.87 3.45
CA VAL A 44 5.12 -1.18 4.13
C VAL A 44 6.18 -0.72 3.14
N ASP A 45 6.44 -1.55 2.14
CA ASP A 45 7.43 -1.23 1.11
C ASP A 45 6.97 -0.05 0.26
N LEU A 46 5.66 0.03 0.05
CA LEU A 46 5.09 1.12 -0.76
C LEU A 46 5.30 2.46 -0.09
N ILE A 47 5.00 2.53 1.21
CA ILE A 47 5.16 3.76 1.97
C ILE A 47 6.59 4.28 1.89
N ASP A 48 7.54 3.42 2.24
CA ASP A 48 8.95 3.79 2.20
C ASP A 48 9.32 4.39 0.86
N ALA A 49 8.82 3.78 -0.21
CA ALA A 49 9.10 4.26 -1.56
C ALA A 49 8.72 5.73 -1.72
N ILE A 50 7.58 6.10 -1.13
CA ILE A 50 7.10 7.48 -1.21
C ILE A 50 7.88 8.38 -0.25
N GLN A 51 7.92 8.00 1.02
CA GLN A 51 8.63 8.79 2.03
C GLN A 51 9.54 7.89 2.86
N PRO A 52 10.73 7.60 2.32
CA PRO A 52 11.72 6.76 3.00
C PRO A 52 12.33 7.42 4.23
N GLY A 53 13.05 6.66 5.03
CA GLY A 53 13.68 7.20 6.23
C GLY A 53 12.75 7.14 7.43
N CYS A 54 11.47 7.00 7.19
CA CYS A 54 10.48 6.93 8.26
C CYS A 54 10.13 5.48 8.59
N ILE A 55 10.29 4.60 7.60
CA ILE A 55 9.99 3.19 7.79
C ILE A 55 11.15 2.47 8.48
N ASN A 56 10.81 1.52 9.35
CA ASN A 56 11.81 0.76 10.09
C ASN A 56 11.53 -0.73 9.99
N TYR A 57 12.23 -1.40 9.09
CA TYR A 57 12.06 -2.84 8.90
C TYR A 57 12.35 -3.59 10.19
N ASP A 58 13.33 -3.12 10.94
CA ASP A 58 13.72 -3.74 12.20
C ASP A 58 12.49 -4.22 12.97
N LEU A 59 11.43 -3.43 12.91
CA LEU A 59 10.19 -3.76 13.60
C LEU A 59 9.28 -4.62 12.72
N VAL A 60 9.33 -4.37 11.41
CA VAL A 60 8.53 -5.11 10.46
C VAL A 60 9.01 -6.56 10.34
N LYS A 61 8.10 -7.50 10.55
CA LYS A 61 8.42 -8.92 10.46
C LYS A 61 8.40 -9.40 9.01
N SER A 62 8.83 -10.63 8.79
CA SER A 62 8.87 -11.20 7.45
C SER A 62 9.16 -12.70 7.51
N GLY A 63 8.84 -13.39 6.43
CA GLY A 63 9.07 -14.83 6.37
C GLY A 63 7.81 -15.63 6.60
N ASN A 64 7.62 -16.07 7.84
CA ASN A 64 6.44 -16.87 8.19
C ASN A 64 5.64 -16.18 9.29
N LEU A 65 4.73 -15.29 8.89
CA LEU A 65 3.90 -14.57 9.85
C LEU A 65 2.64 -15.36 10.18
N THR A 66 2.42 -15.60 11.46
CA THR A 66 1.25 -16.35 11.92
C THR A 66 0.06 -15.42 12.15
N GLU A 67 -1.08 -16.01 12.50
CA GLU A 67 -2.29 -15.23 12.75
C GLU A 67 -1.95 -13.92 13.47
N ASP A 68 -0.90 -13.95 14.27
CA ASP A 68 -0.47 -12.77 15.02
C ASP A 68 0.41 -11.87 14.15
N ASP A 69 1.64 -12.32 13.93
CA ASP A 69 2.59 -11.57 13.12
C ASP A 69 1.88 -10.83 11.98
N LYS A 70 1.08 -11.57 11.22
CA LYS A 70 0.34 -10.98 10.10
C LYS A 70 -0.31 -9.68 10.51
N HIS A 71 -1.02 -9.69 11.64
CA HIS A 71 -1.70 -8.49 12.14
C HIS A 71 -0.68 -7.39 12.46
N ASN A 72 0.38 -7.77 13.16
CA ASN A 72 1.42 -6.81 13.53
C ASN A 72 1.98 -6.10 12.30
N ASN A 73 2.40 -6.89 11.31
CA ASN A 73 2.96 -6.33 10.08
C ASN A 73 2.01 -5.30 9.48
N ALA A 74 0.71 -5.62 9.48
CA ALA A 74 -0.29 -4.72 8.94
C ALA A 74 -0.45 -3.47 9.80
N LYS A 75 -0.87 -3.66 11.04
CA LYS A 75 -1.06 -2.56 11.97
C LYS A 75 0.00 -1.48 11.75
N TYR A 76 1.26 -1.90 11.63
CA TYR A 76 2.36 -0.98 11.42
C TYR A 76 2.18 -0.21 10.12
N ALA A 77 2.01 -0.93 9.02
CA ALA A 77 1.82 -0.31 7.71
C ALA A 77 0.77 0.79 7.78
N VAL A 78 -0.32 0.54 8.50
CA VAL A 78 -1.39 1.52 8.65
C VAL A 78 -0.85 2.84 9.19
N SER A 79 -0.50 2.85 10.47
CA SER A 79 0.02 4.05 11.11
C SER A 79 0.88 4.85 10.14
N MET A 80 1.80 4.16 9.48
CA MET A 80 2.70 4.81 8.52
C MET A 80 1.91 5.44 7.38
N ALA A 81 1.07 4.63 6.72
CA ALA A 81 0.26 5.12 5.61
C ALA A 81 -0.37 6.47 5.94
N ARG A 82 -1.15 6.51 7.01
CA ARG A 82 -1.81 7.74 7.43
C ARG A 82 -0.80 8.76 7.94
N ARG A 83 0.24 8.27 8.60
CA ARG A 83 1.29 9.13 9.15
C ARG A 83 1.87 10.02 8.06
N ILE A 84 2.26 9.40 6.94
CA ILE A 84 2.84 10.13 5.83
C ILE A 84 1.81 11.05 5.17
N GLY A 85 0.53 10.70 5.33
CA GLY A 85 -0.53 11.51 4.76
C GLY A 85 -1.52 10.67 3.97
N ALA A 86 -2.44 10.02 4.68
CA ALA A 86 -3.44 9.18 4.04
C ALA A 86 -4.75 9.20 4.82
N ARG A 87 -5.75 9.89 4.28
CA ARG A 87 -7.06 9.99 4.92
C ARG A 87 -7.94 8.79 4.56
N VAL A 88 -7.38 7.59 4.71
CA VAL A 88 -8.13 6.37 4.39
C VAL A 88 -8.55 5.64 5.66
N TYR A 89 -7.80 5.86 6.74
CA TYR A 89 -8.09 5.22 8.02
C TYR A 89 -8.62 3.81 7.81
N ALA A 90 -7.92 3.04 6.98
CA ALA A 90 -8.32 1.67 6.70
C ALA A 90 -7.94 0.73 7.84
N LEU A 91 -8.94 0.13 8.46
CA LEU A 91 -8.71 -0.80 9.57
C LEU A 91 -7.57 -1.75 9.26
N PRO A 92 -6.80 -2.11 10.28
CA PRO A 92 -5.66 -3.03 10.15
C PRO A 92 -6.10 -4.46 9.87
N GLU A 93 -7.40 -4.69 9.97
CA GLU A 93 -7.95 -6.03 9.73
C GLU A 93 -8.19 -6.26 8.23
N ASP A 94 -8.37 -5.17 7.50
CA ASP A 94 -8.61 -5.26 6.05
C ASP A 94 -7.43 -5.93 5.36
N LEU A 95 -6.22 -5.60 5.80
CA LEU A 95 -5.01 -6.16 5.23
C LEU A 95 -4.89 -7.65 5.55
N VAL A 96 -5.01 -7.98 6.83
CA VAL A 96 -4.92 -9.37 7.27
C VAL A 96 -5.85 -10.26 6.47
N GLU A 97 -7.13 -9.91 6.44
CA GLU A 97 -8.13 -10.69 5.70
C GLU A 97 -8.06 -10.37 4.22
N VAL A 98 -7.27 -9.35 3.86
CA VAL A 98 -7.13 -8.95 2.47
C VAL A 98 -8.48 -8.69 1.82
N LYS A 99 -9.30 -7.89 2.50
CA LYS A 99 -10.63 -7.56 1.99
C LYS A 99 -10.53 -6.64 0.78
N PRO A 100 -11.10 -7.07 -0.35
CA PRO A 100 -11.09 -6.29 -1.60
C PRO A 100 -11.98 -5.06 -1.51
N LYS A 101 -12.59 -4.85 -0.35
CA LYS A 101 -13.47 -3.71 -0.13
C LYS A 101 -12.68 -2.49 0.29
N MET A 102 -11.81 -2.67 1.28
CA MET A 102 -10.99 -1.57 1.79
C MET A 102 -9.58 -1.64 1.21
N VAL A 103 -9.01 -2.85 1.17
CA VAL A 103 -7.68 -3.05 0.63
C VAL A 103 -7.51 -2.35 -0.71
N MET A 104 -8.63 -2.14 -1.40
CA MET A 104 -8.60 -1.49 -2.71
C MET A 104 -8.33 0.00 -2.55
N THR A 105 -9.05 0.65 -1.65
CA THR A 105 -8.89 2.08 -1.41
C THR A 105 -7.61 2.36 -0.63
N VAL A 106 -7.13 1.36 0.10
CA VAL A 106 -5.91 1.49 0.89
C VAL A 106 -4.70 1.71 -0.01
N PHE A 107 -4.76 1.17 -1.22
CA PHE A 107 -3.66 1.30 -2.17
C PHE A 107 -3.82 2.56 -3.00
N ALA A 108 -5.06 2.93 -3.30
CA ALA A 108 -5.35 4.11 -4.09
C ALA A 108 -5.05 5.39 -3.31
N CYS A 109 -5.59 5.47 -2.09
CA CYS A 109 -5.38 6.63 -1.23
C CYS A 109 -3.90 6.99 -1.17
N LEU A 110 -3.05 5.97 -1.09
CA LEU A 110 -1.61 6.19 -1.02
C LEU A 110 -1.11 6.92 -2.25
N MET A 111 -1.47 6.41 -3.43
CA MET A 111 -1.05 7.02 -4.69
C MET A 111 -1.37 8.51 -4.70
N GLY A 112 -2.61 8.85 -4.38
CA GLY A 112 -3.03 10.25 -4.37
C GLY A 112 -1.91 11.17 -3.90
N ARG A 113 -1.70 11.23 -2.59
CA ARG A 113 -0.66 12.07 -2.02
C ARG A 113 0.70 11.75 -2.63
N GLY A 114 1.01 10.47 -2.72
CA GLY A 114 2.29 10.05 -3.28
C GLY A 114 2.59 10.73 -4.60
N MET A 115 2.10 10.13 -5.69
CA MET A 115 2.34 10.69 -7.02
C MET A 115 1.97 12.16 -7.06
N LYS A 116 2.93 12.99 -7.45
CA LYS A 116 2.72 14.44 -7.53
C LYS A 116 1.31 14.74 -8.03
N ARG A 117 0.65 15.70 -7.39
CA ARG A 117 -0.70 16.09 -7.77
C ARG A 117 -0.82 16.20 -9.29
N VAL A 118 -1.77 15.45 -9.85
CA VAL A 118 -1.99 15.47 -11.29
C VAL A 118 -2.25 16.88 -11.79
N SER A 119 -1.77 17.17 -13.01
CA SER A 119 -1.93 18.49 -13.60
C SER A 119 -2.84 18.42 -14.82
N GLY A 120 -2.53 17.49 -15.73
CA GLY A 120 -3.31 17.33 -16.94
C GLY A 120 -2.47 17.34 -18.19
N PRO A 121 -3.07 16.93 -19.32
CA PRO A 121 -2.37 16.88 -20.61
C PRO A 121 -2.07 18.28 -21.16
N SER A 122 -0.83 18.47 -21.61
CA SER A 122 -0.41 19.76 -22.15
C SER A 122 -0.59 19.79 -23.66
N SER A 123 -0.04 18.79 -24.34
CA SER A 123 -0.13 18.71 -25.79
C SER A 123 -1.51 18.21 -26.22
N GLY A 124 -2.07 18.84 -27.26
CA GLY A 124 -3.37 18.45 -27.75
C GLY A 124 -4.10 19.60 -28.42
N GLY A 1 -11.69 -14.42 -9.36
CA GLY A 1 -11.30 -13.72 -10.57
C GLY A 1 -12.44 -13.62 -11.56
N SER A 2 -12.71 -12.39 -12.02
CA SER A 2 -13.78 -12.16 -12.98
C SER A 2 -13.28 -11.34 -14.17
N SER A 3 -13.54 -11.84 -15.37
CA SER A 3 -13.12 -11.16 -16.59
C SER A 3 -13.62 -9.70 -16.60
N GLY A 4 -14.89 -9.52 -16.27
CA GLY A 4 -15.46 -8.19 -16.26
C GLY A 4 -15.21 -7.46 -14.95
N SER A 5 -14.83 -6.20 -15.05
CA SER A 5 -14.54 -5.39 -13.86
C SER A 5 -14.72 -3.90 -14.16
N SER A 6 -15.66 -3.28 -13.47
CA SER A 6 -15.92 -1.85 -13.66
C SER A 6 -15.15 -1.02 -12.65
N GLY A 7 -14.87 0.23 -13.01
CA GLY A 7 -14.14 1.13 -12.14
C GLY A 7 -12.63 1.02 -12.33
N ASN A 8 -11.88 1.55 -11.37
CA ASN A 8 -10.43 1.52 -11.45
C ASN A 8 -9.86 0.49 -10.46
N ASP A 9 -9.31 -0.58 -11.01
CA ASP A 9 -8.72 -1.64 -10.19
C ASP A 9 -7.30 -1.94 -10.62
N ASP A 10 -7.12 -2.22 -11.91
CA ASP A 10 -5.80 -2.53 -12.46
C ASP A 10 -4.89 -1.31 -12.38
N ILE A 11 -5.42 -0.15 -12.73
CA ILE A 11 -4.66 1.09 -12.71
C ILE A 11 -3.92 1.26 -11.38
N ILE A 12 -4.64 1.01 -10.29
CA ILE A 12 -4.05 1.12 -8.96
C ILE A 12 -2.89 0.14 -8.77
N VAL A 13 -3.14 -1.12 -9.10
CA VAL A 13 -2.11 -2.16 -8.97
C VAL A 13 -0.87 -1.80 -9.79
N ASN A 14 -1.09 -1.41 -11.04
CA ASN A 14 0.01 -1.05 -11.93
C ASN A 14 0.93 -0.02 -11.26
N TRP A 15 0.32 0.98 -10.64
CA TRP A 15 1.08 2.04 -9.97
C TRP A 15 1.87 1.47 -8.79
N VAL A 16 1.20 0.66 -7.97
CA VAL A 16 1.85 0.05 -6.81
C VAL A 16 3.19 -0.56 -7.18
N ASN A 17 3.18 -1.43 -8.18
CA ASN A 17 4.41 -2.09 -8.64
C ASN A 17 5.44 -1.05 -9.08
N ARG A 18 4.97 -0.03 -9.79
CA ARG A 18 5.85 1.02 -10.28
C ARG A 18 6.55 1.73 -9.13
N THR A 19 5.76 2.16 -8.14
CA THR A 19 6.30 2.86 -6.98
C THR A 19 7.32 2.01 -6.25
N LEU A 20 7.11 0.68 -6.28
CA LEU A 20 8.02 -0.24 -5.62
C LEU A 20 9.40 -0.23 -6.29
N SER A 21 9.40 -0.28 -7.61
CA SER A 21 10.65 -0.27 -8.38
C SER A 21 11.41 1.04 -8.16
N GLU A 22 10.69 2.16 -8.26
CA GLU A 22 11.30 3.46 -8.08
C GLU A 22 12.39 3.42 -7.02
N ALA A 23 12.09 2.78 -5.89
CA ALA A 23 13.04 2.67 -4.79
C ALA A 23 13.82 1.35 -4.88
N GLY A 24 13.15 0.31 -5.36
CA GLY A 24 13.80 -0.98 -5.49
C GLY A 24 13.40 -1.94 -4.39
N LYS A 25 12.09 -2.11 -4.20
CA LYS A 25 11.57 -3.01 -3.18
C LYS A 25 11.50 -4.44 -3.69
N SER A 26 11.62 -5.41 -2.79
CA SER A 26 11.58 -6.81 -3.16
C SER A 26 10.19 -7.38 -2.92
N THR A 27 9.16 -6.53 -3.06
CA THR A 27 7.78 -6.95 -2.86
C THR A 27 6.88 -6.41 -3.97
N SER A 28 5.78 -7.10 -4.21
CA SER A 28 4.84 -6.69 -5.25
C SER A 28 3.56 -7.51 -5.17
N ILE A 29 2.44 -6.90 -5.54
CA ILE A 29 1.14 -7.56 -5.51
C ILE A 29 0.55 -7.68 -6.91
N GLN A 30 -0.61 -8.32 -7.01
CA GLN A 30 -1.28 -8.49 -8.29
C GLN A 30 -2.69 -7.91 -8.25
N SER A 31 -3.38 -8.13 -7.13
CA SER A 31 -4.75 -7.63 -6.97
C SER A 31 -5.08 -7.47 -5.49
N PHE A 32 -6.28 -6.95 -5.23
CA PHE A 32 -6.73 -6.74 -3.85
C PHE A 32 -7.35 -8.01 -3.28
N LYS A 33 -6.98 -9.16 -3.85
CA LYS A 33 -7.49 -10.45 -3.40
C LYS A 33 -6.35 -11.38 -3.03
N ASP A 34 -5.18 -11.15 -3.61
CA ASP A 34 -4.02 -11.98 -3.33
C ASP A 34 -3.85 -12.21 -1.83
N LYS A 35 -3.27 -13.35 -1.47
CA LYS A 35 -3.06 -13.69 -0.07
C LYS A 35 -1.68 -13.24 0.40
N THR A 36 -1.11 -12.27 -0.31
CA THR A 36 0.21 -11.75 0.03
C THR A 36 0.11 -10.39 0.71
N ILE A 37 -1.10 -9.83 0.71
CA ILE A 37 -1.33 -8.53 1.35
C ILE A 37 -1.50 -8.68 2.86
N SER A 38 -2.06 -9.80 3.28
CA SER A 38 -2.29 -10.05 4.69
C SER A 38 -0.99 -9.88 5.48
N SER A 39 0.13 -10.17 4.84
CA SER A 39 1.44 -10.05 5.48
C SER A 39 1.84 -8.59 5.63
N SER A 40 1.27 -7.74 4.78
CA SER A 40 1.57 -6.30 4.81
C SER A 40 3.03 -6.05 4.46
N LEU A 41 3.62 -6.97 3.71
CA LEU A 41 5.01 -6.85 3.31
C LEU A 41 5.16 -5.91 2.11
N ALA A 42 4.24 -6.04 1.15
CA ALA A 42 4.26 -5.20 -0.04
C ALA A 42 3.81 -3.78 0.28
N VAL A 43 2.81 -3.65 1.13
CA VAL A 43 2.30 -2.35 1.53
C VAL A 43 3.39 -1.50 2.17
N VAL A 44 3.99 -2.02 3.23
CA VAL A 44 5.05 -1.31 3.93
C VAL A 44 6.15 -0.87 2.98
N ASP A 45 6.49 -1.75 2.04
CA ASP A 45 7.53 -1.46 1.05
C ASP A 45 7.13 -0.27 0.18
N LEU A 46 5.84 -0.22 -0.18
CA LEU A 46 5.34 0.87 -1.02
C LEU A 46 5.54 2.22 -0.33
N ILE A 47 5.00 2.36 0.87
CA ILE A 47 5.11 3.59 1.62
C ILE A 47 6.54 4.12 1.58
N ASP A 48 7.49 3.29 2.01
CA ASP A 48 8.90 3.68 2.03
C ASP A 48 9.25 4.50 0.79
N ALA A 49 8.86 3.99 -0.38
CA ALA A 49 9.12 4.68 -1.64
C ALA A 49 8.71 6.14 -1.57
N ILE A 50 7.44 6.37 -1.26
CA ILE A 50 6.91 7.73 -1.15
C ILE A 50 7.66 8.54 -0.11
N GLN A 51 7.52 8.14 1.16
CA GLN A 51 8.19 8.83 2.25
C GLN A 51 9.17 7.90 2.96
N PRO A 52 10.38 7.76 2.38
CA PRO A 52 11.42 6.89 2.93
C PRO A 52 12.01 7.46 4.23
N GLY A 53 12.77 6.63 4.94
CA GLY A 53 13.38 7.07 6.18
C GLY A 53 12.48 6.81 7.38
N CYS A 54 11.17 6.81 7.15
CA CYS A 54 10.21 6.58 8.23
C CYS A 54 9.97 5.09 8.44
N ILE A 55 10.06 4.32 7.36
CA ILE A 55 9.86 2.89 7.43
C ILE A 55 11.07 2.19 8.04
N ASN A 56 10.83 1.43 9.11
CA ASN A 56 11.89 0.71 9.80
C ASN A 56 11.67 -0.79 9.72
N TYR A 57 12.22 -1.41 8.69
CA TYR A 57 12.08 -2.85 8.50
C TYR A 57 12.50 -3.61 9.75
N ASP A 58 13.53 -3.10 10.42
CA ASP A 58 14.03 -3.73 11.65
C ASP A 58 12.88 -4.25 12.50
N LEU A 59 11.76 -3.52 12.48
CA LEU A 59 10.59 -3.91 13.26
C LEU A 59 9.65 -4.79 12.43
N VAL A 60 9.57 -4.50 11.13
CA VAL A 60 8.71 -5.27 10.23
C VAL A 60 9.16 -6.72 10.16
N LYS A 61 8.20 -7.63 10.23
CA LYS A 61 8.48 -9.06 10.19
C LYS A 61 8.51 -9.56 8.73
N SER A 62 8.84 -10.82 8.56
CA SER A 62 8.91 -11.43 7.23
C SER A 62 8.97 -12.94 7.31
N GLY A 63 8.61 -13.60 6.22
CA GLY A 63 8.63 -15.05 6.18
C GLY A 63 7.33 -15.66 6.67
N ASN A 64 7.41 -16.39 7.78
CA ASN A 64 6.23 -17.04 8.35
C ASN A 64 5.59 -16.15 9.41
N LEU A 65 4.50 -15.48 9.05
CA LEU A 65 3.80 -14.60 9.97
C LEU A 65 2.57 -15.28 10.55
N THR A 66 2.63 -15.58 11.85
CA THR A 66 1.52 -16.24 12.53
C THR A 66 0.35 -15.28 12.75
N GLU A 67 -0.76 -15.81 13.25
CA GLU A 67 -1.94 -14.99 13.51
C GLU A 67 -1.55 -13.62 14.04
N ASP A 68 -0.70 -13.60 15.06
CA ASP A 68 -0.24 -12.35 15.65
C ASP A 68 0.59 -11.54 14.66
N ASP A 69 1.66 -12.15 14.17
CA ASP A 69 2.54 -11.49 13.21
C ASP A 69 1.73 -10.77 12.14
N LYS A 70 1.01 -11.55 11.33
CA LYS A 70 0.19 -10.99 10.25
C LYS A 70 -0.45 -9.67 10.69
N HIS A 71 -1.06 -9.69 11.88
CA HIS A 71 -1.72 -8.50 12.41
C HIS A 71 -0.69 -7.43 12.77
N ASN A 72 0.44 -7.86 13.32
CA ASN A 72 1.50 -6.93 13.71
C ASN A 72 2.00 -6.14 12.50
N ASN A 73 2.31 -6.85 11.42
CA ASN A 73 2.79 -6.20 10.20
C ASN A 73 1.80 -5.17 9.70
N ALA A 74 0.55 -5.59 9.53
CA ALA A 74 -0.51 -4.71 9.06
C ALA A 74 -0.63 -3.47 9.96
N LYS A 75 -0.84 -3.71 11.25
CA LYS A 75 -0.98 -2.62 12.21
C LYS A 75 0.04 -1.51 11.93
N TYR A 76 1.28 -1.90 11.71
CA TYR A 76 2.35 -0.94 11.42
C TYR A 76 2.01 -0.10 10.21
N ALA A 77 1.82 -0.75 9.08
CA ALA A 77 1.49 -0.05 7.83
C ALA A 77 0.37 0.96 8.06
N VAL A 78 -0.78 0.46 8.50
CA VAL A 78 -1.93 1.33 8.76
C VAL A 78 -1.50 2.65 9.40
N SER A 79 -0.64 2.56 10.40
CA SER A 79 -0.15 3.74 11.09
C SER A 79 0.72 4.60 10.17
N MET A 80 1.58 3.94 9.42
CA MET A 80 2.47 4.64 8.49
C MET A 80 1.67 5.36 7.41
N ALA A 81 0.93 4.60 6.61
CA ALA A 81 0.12 5.17 5.55
C ALA A 81 -0.46 6.53 5.96
N ARG A 82 -1.31 6.51 6.99
CA ARG A 82 -1.92 7.74 7.47
C ARG A 82 -0.87 8.72 7.99
N ARG A 83 0.05 8.20 8.79
CA ARG A 83 1.12 9.02 9.37
C ARG A 83 1.74 9.92 8.29
N ILE A 84 2.27 9.30 7.25
CA ILE A 84 2.89 10.04 6.16
C ILE A 84 1.91 11.01 5.52
N GLY A 85 0.62 10.71 5.64
CA GLY A 85 -0.40 11.56 5.08
C GLY A 85 -1.38 10.80 4.20
N ALA A 86 -2.30 10.08 4.84
CA ALA A 86 -3.30 9.30 4.11
C ALA A 86 -4.58 9.19 4.91
N ARG A 87 -5.67 9.73 4.37
CA ARG A 87 -6.97 9.69 5.03
C ARG A 87 -7.65 8.35 4.78
N VAL A 88 -7.03 7.27 5.26
CA VAL A 88 -7.59 5.93 5.11
C VAL A 88 -7.84 5.28 6.46
N TYR A 89 -9.10 5.32 6.90
CA TYR A 89 -9.47 4.72 8.18
C TYR A 89 -9.75 3.23 8.02
N ALA A 90 -8.94 2.56 7.21
CA ALA A 90 -9.09 1.14 6.98
C ALA A 90 -8.53 0.33 8.15
N LEU A 91 -9.42 -0.31 8.91
CA LEU A 91 -9.01 -1.11 10.05
C LEU A 91 -7.86 -2.05 9.68
N PRO A 92 -7.02 -2.37 10.67
CA PRO A 92 -5.86 -3.26 10.48
C PRO A 92 -6.29 -4.70 10.23
N GLU A 93 -7.57 -4.99 10.47
CA GLU A 93 -8.09 -6.33 10.27
C GLU A 93 -8.41 -6.59 8.80
N ASP A 94 -9.03 -5.61 8.16
CA ASP A 94 -9.38 -5.72 6.74
C ASP A 94 -8.19 -6.18 5.91
N LEU A 95 -7.00 -5.67 6.26
CA LEU A 95 -5.79 -6.03 5.54
C LEU A 95 -5.48 -7.51 5.70
N VAL A 96 -5.58 -8.01 6.93
CA VAL A 96 -5.31 -9.42 7.21
C VAL A 96 -6.23 -10.32 6.39
N GLU A 97 -7.46 -9.87 6.18
CA GLU A 97 -8.43 -10.64 5.42
C GLU A 97 -8.29 -10.35 3.92
N VAL A 98 -7.44 -9.40 3.58
CA VAL A 98 -7.22 -9.04 2.19
C VAL A 98 -8.53 -8.73 1.48
N LYS A 99 -9.36 -7.92 2.11
CA LYS A 99 -10.65 -7.54 1.54
C LYS A 99 -10.47 -6.60 0.36
N PRO A 100 -10.96 -7.03 -0.81
CA PRO A 100 -10.88 -6.23 -2.04
C PRO A 100 -11.76 -5.00 -2.00
N LYS A 101 -12.57 -4.89 -0.95
CA LYS A 101 -13.47 -3.75 -0.79
C LYS A 101 -12.76 -2.59 -0.09
N MET A 102 -11.95 -2.91 0.92
CA MET A 102 -11.22 -1.91 1.67
C MET A 102 -9.78 -1.81 1.19
N VAL A 103 -9.19 -2.97 0.88
CA VAL A 103 -7.81 -3.02 0.42
C VAL A 103 -7.63 -2.18 -0.84
N MET A 104 -8.74 -1.84 -1.49
CA MET A 104 -8.69 -1.04 -2.71
C MET A 104 -8.44 0.44 -2.38
N THR A 105 -9.24 0.97 -1.46
CA THR A 105 -9.10 2.36 -1.05
C THR A 105 -7.77 2.60 -0.33
N VAL A 106 -7.18 1.53 0.17
CA VAL A 106 -5.90 1.63 0.88
C VAL A 106 -4.76 1.88 -0.10
N PHE A 107 -4.78 1.18 -1.23
CA PHE A 107 -3.73 1.32 -2.23
C PHE A 107 -3.90 2.62 -3.00
N ALA A 108 -5.15 3.03 -3.22
CA ALA A 108 -5.45 4.25 -3.93
C ALA A 108 -5.06 5.48 -3.11
N CYS A 109 -5.70 5.61 -1.95
CA CYS A 109 -5.42 6.75 -1.06
C CYS A 109 -3.93 7.07 -1.04
N LEU A 110 -3.11 6.04 -1.00
CA LEU A 110 -1.67 6.20 -0.97
C LEU A 110 -1.17 6.92 -2.23
N MET A 111 -1.55 6.40 -3.39
CA MET A 111 -1.15 7.01 -4.66
C MET A 111 -1.35 8.52 -4.63
N GLY A 112 -2.46 8.96 -4.06
CA GLY A 112 -2.73 10.38 -3.98
C GLY A 112 -1.51 11.19 -3.64
N ARG A 113 -0.76 10.72 -2.64
CA ARG A 113 0.46 11.41 -2.22
C ARG A 113 1.55 11.31 -3.27
N GLY A 114 1.77 10.09 -3.77
CA GLY A 114 2.79 9.88 -4.77
C GLY A 114 2.73 10.90 -5.90
N MET A 115 1.65 10.84 -6.67
CA MET A 115 1.47 11.77 -7.79
C MET A 115 2.03 13.15 -7.45
N LYS A 116 3.12 13.51 -8.11
CA LYS A 116 3.76 14.81 -7.88
C LYS A 116 3.21 15.87 -8.83
N ARG A 117 3.29 17.12 -8.42
CA ARG A 117 2.79 18.23 -9.22
C ARG A 117 3.86 18.69 -10.21
N VAL A 118 3.57 18.56 -11.50
CA VAL A 118 4.50 18.98 -12.55
C VAL A 118 4.30 20.44 -12.92
N SER A 119 3.04 20.86 -12.96
CA SER A 119 2.72 22.25 -13.30
C SER A 119 2.85 23.16 -12.10
N GLY A 120 3.11 24.43 -12.35
CA GLY A 120 3.26 25.40 -11.27
C GLY A 120 3.18 26.82 -11.75
N PRO A 121 4.34 27.44 -12.00
CA PRO A 121 4.43 28.83 -12.47
C PRO A 121 3.92 28.99 -13.90
N SER A 122 4.15 27.96 -14.72
CA SER A 122 3.72 27.99 -16.11
C SER A 122 2.36 28.65 -16.25
N SER A 123 2.36 29.94 -16.56
CA SER A 123 1.12 30.70 -16.71
C SER A 123 1.23 31.70 -17.86
N GLY A 124 0.40 31.51 -18.87
CA GLY A 124 0.40 32.40 -20.02
C GLY A 124 0.52 31.66 -21.33
N GLY A 1 -23.31 -2.51 -13.52
CA GLY A 1 -21.91 -2.44 -13.13
C GLY A 1 -21.61 -1.26 -12.22
N SER A 2 -21.56 -0.07 -12.79
CA SER A 2 -21.28 1.13 -12.02
C SER A 2 -22.10 2.32 -12.54
N SER A 3 -22.03 3.43 -11.82
CA SER A 3 -22.76 4.64 -12.21
C SER A 3 -21.80 5.73 -12.68
N GLY A 4 -21.66 5.85 -14.00
CA GLY A 4 -20.77 6.86 -14.55
C GLY A 4 -19.32 6.46 -14.46
N SER A 5 -18.76 6.49 -13.25
CA SER A 5 -17.37 6.13 -13.03
C SER A 5 -17.02 4.85 -13.78
N SER A 6 -15.72 4.62 -13.98
CA SER A 6 -15.25 3.43 -14.68
C SER A 6 -14.41 2.55 -13.75
N GLY A 7 -14.39 1.25 -14.04
CA GLY A 7 -13.64 0.33 -13.22
C GLY A 7 -12.14 0.60 -13.28
N ASN A 8 -11.63 1.30 -12.28
CA ASN A 8 -10.21 1.63 -12.23
C ASN A 8 -9.51 0.82 -11.13
N ASP A 9 -9.44 -0.49 -11.33
CA ASP A 9 -8.79 -1.37 -10.36
C ASP A 9 -7.37 -1.70 -10.80
N ASP A 10 -7.24 -2.35 -11.95
CA ASP A 10 -5.95 -2.73 -12.48
C ASP A 10 -4.95 -1.57 -12.37
N ILE A 11 -5.34 -0.42 -12.88
CA ILE A 11 -4.49 0.77 -12.83
C ILE A 11 -3.78 0.88 -11.49
N ILE A 12 -4.56 0.87 -10.41
CA ILE A 12 -4.01 0.97 -9.07
C ILE A 12 -2.91 -0.07 -8.84
N VAL A 13 -3.23 -1.33 -9.16
CA VAL A 13 -2.28 -2.42 -9.00
C VAL A 13 -0.97 -2.11 -9.71
N ASN A 14 -1.07 -1.71 -10.98
CA ASN A 14 0.11 -1.39 -11.77
C ASN A 14 0.97 -0.34 -11.06
N TRP A 15 0.32 0.61 -10.41
CA TRP A 15 1.02 1.67 -9.70
C TRP A 15 1.79 1.11 -8.51
N VAL A 16 1.11 0.32 -7.69
CA VAL A 16 1.74 -0.29 -6.52
C VAL A 16 3.04 -0.97 -6.89
N ASN A 17 3.05 -1.65 -8.04
CA ASN A 17 4.24 -2.35 -8.51
C ASN A 17 5.30 -1.37 -8.98
N ARG A 18 4.87 -0.33 -9.68
CA ARG A 18 5.79 0.68 -10.20
C ARG A 18 6.49 1.41 -9.05
N THR A 19 5.70 1.95 -8.13
CA THR A 19 6.25 2.67 -6.99
C THR A 19 7.31 1.85 -6.27
N LEU A 20 6.99 0.59 -5.99
CA LEU A 20 7.92 -0.30 -5.31
C LEU A 20 9.24 -0.39 -6.07
N SER A 21 9.15 -0.52 -7.39
CA SER A 21 10.34 -0.62 -8.23
C SER A 21 11.20 0.64 -8.11
N GLU A 22 10.55 1.80 -8.24
CA GLU A 22 11.25 3.07 -8.14
C GLU A 22 12.29 3.05 -7.03
N ALA A 23 11.91 2.46 -5.89
CA ALA A 23 12.81 2.38 -4.74
C ALA A 23 13.71 1.15 -4.85
N GLY A 24 13.18 0.07 -5.41
CA GLY A 24 13.95 -1.14 -5.56
C GLY A 24 13.62 -2.18 -4.51
N LYS A 25 12.33 -2.40 -4.29
CA LYS A 25 11.87 -3.38 -3.30
C LYS A 25 11.61 -4.73 -3.96
N SER A 26 11.58 -5.78 -3.14
CA SER A 26 11.35 -7.13 -3.63
C SER A 26 9.94 -7.60 -3.29
N THR A 27 9.08 -6.66 -2.91
CA THR A 27 7.70 -6.98 -2.56
C THR A 27 6.73 -6.36 -3.55
N SER A 28 5.56 -7.00 -3.70
CA SER A 28 4.54 -6.51 -4.62
C SER A 28 3.27 -7.33 -4.49
N ILE A 29 2.17 -6.81 -5.04
CA ILE A 29 0.88 -7.49 -4.99
C ILE A 29 0.34 -7.74 -6.39
N GLN A 30 -0.32 -8.89 -6.56
CA GLN A 30 -0.90 -9.25 -7.86
C GLN A 30 -2.27 -8.62 -8.03
N SER A 31 -3.00 -8.49 -6.93
CA SER A 31 -4.35 -7.92 -6.96
C SER A 31 -4.89 -7.73 -5.55
N PHE A 32 -6.03 -7.05 -5.44
CA PHE A 32 -6.65 -6.81 -4.15
C PHE A 32 -7.14 -8.11 -3.52
N LYS A 33 -7.13 -9.18 -4.32
CA LYS A 33 -7.57 -10.49 -3.85
C LYS A 33 -6.40 -11.47 -3.82
N ASP A 34 -5.19 -10.95 -3.69
CA ASP A 34 -4.00 -11.78 -3.66
C ASP A 34 -3.63 -12.14 -2.22
N LYS A 35 -2.91 -13.23 -2.05
CA LYS A 35 -2.50 -13.69 -0.72
C LYS A 35 -1.13 -13.10 -0.35
N THR A 36 -0.81 -11.96 -0.94
CA THR A 36 0.46 -11.29 -0.66
C THR A 36 0.26 -10.05 0.18
N ILE A 37 -1.00 -9.71 0.44
CA ILE A 37 -1.33 -8.53 1.24
C ILE A 37 -1.44 -8.89 2.72
N SER A 38 -1.90 -10.11 2.99
CA SER A 38 -2.06 -10.57 4.36
C SER A 38 -0.76 -10.46 5.13
N SER A 39 0.36 -10.48 4.41
CA SER A 39 1.67 -10.39 5.02
C SER A 39 2.00 -8.94 5.39
N SER A 40 1.31 -8.00 4.73
CA SER A 40 1.53 -6.58 5.00
C SER A 40 2.98 -6.19 4.71
N LEU A 41 3.63 -6.95 3.83
CA LEU A 41 5.01 -6.69 3.47
C LEU A 41 5.08 -5.76 2.26
N ALA A 42 4.09 -5.85 1.38
CA ALA A 42 4.04 -5.01 0.19
C ALA A 42 3.56 -3.61 0.52
N VAL A 43 2.53 -3.52 1.36
CA VAL A 43 1.97 -2.23 1.77
C VAL A 43 3.04 -1.34 2.38
N VAL A 44 3.78 -1.89 3.34
CA VAL A 44 4.84 -1.14 4.01
C VAL A 44 5.92 -0.71 3.03
N ASP A 45 6.42 -1.68 2.25
CA ASP A 45 7.46 -1.40 1.27
C ASP A 45 7.04 -0.25 0.35
N LEU A 46 5.74 -0.09 0.18
CA LEU A 46 5.21 0.96 -0.68
C LEU A 46 5.48 2.35 -0.08
N ILE A 47 5.05 2.54 1.16
CA ILE A 47 5.26 3.81 1.84
C ILE A 47 6.69 4.30 1.67
N ASP A 48 7.64 3.44 2.00
CA ASP A 48 9.05 3.79 1.88
C ASP A 48 9.31 4.61 0.62
N ALA A 49 8.91 4.07 -0.52
CA ALA A 49 9.10 4.75 -1.80
C ALA A 49 8.70 6.23 -1.69
N ILE A 50 7.44 6.47 -1.34
CA ILE A 50 6.94 7.83 -1.21
C ILE A 50 7.78 8.64 -0.22
N GLN A 51 7.76 8.23 1.04
CA GLN A 51 8.53 8.91 2.08
C GLN A 51 9.51 7.95 2.74
N PRO A 52 10.66 7.73 2.10
CA PRO A 52 11.70 6.85 2.62
C PRO A 52 12.38 7.41 3.86
N GLY A 53 13.14 6.56 4.55
CA GLY A 53 13.84 7.00 5.75
C GLY A 53 12.99 6.85 7.00
N CYS A 54 11.67 6.83 6.82
CA CYS A 54 10.75 6.69 7.94
C CYS A 54 10.47 5.23 8.25
N ILE A 55 10.36 4.42 7.20
CA ILE A 55 10.10 2.99 7.37
C ILE A 55 11.26 2.30 8.06
N ASN A 56 10.93 1.49 9.07
CA ASN A 56 11.95 0.76 9.81
C ASN A 56 11.64 -0.74 9.85
N TYR A 57 12.08 -1.44 8.81
CA TYR A 57 11.84 -2.88 8.72
C TYR A 57 12.26 -3.59 10.01
N ASP A 58 13.34 -3.10 10.62
CA ASP A 58 13.84 -3.68 11.85
C ASP A 58 12.70 -4.15 12.75
N LEU A 59 11.64 -3.34 12.80
CA LEU A 59 10.47 -3.67 13.62
C LEU A 59 9.48 -4.52 12.83
N VAL A 60 9.33 -4.22 11.55
CA VAL A 60 8.42 -4.97 10.70
C VAL A 60 8.85 -6.43 10.57
N LYS A 61 7.89 -7.34 10.66
CA LYS A 61 8.16 -8.77 10.55
C LYS A 61 8.23 -9.19 9.09
N SER A 62 8.70 -10.42 8.86
CA SER A 62 8.82 -10.96 7.52
C SER A 62 8.94 -12.47 7.54
N GLY A 63 8.51 -13.12 6.46
CA GLY A 63 8.58 -14.57 6.39
C GLY A 63 7.27 -15.23 6.76
N ASN A 64 7.34 -16.21 7.67
CA ASN A 64 6.15 -16.93 8.11
C ASN A 64 5.40 -16.14 9.18
N LEU A 65 4.45 -15.31 8.74
CA LEU A 65 3.66 -14.51 9.66
C LEU A 65 2.39 -15.23 10.07
N THR A 66 2.34 -15.65 11.33
CA THR A 66 1.18 -16.37 11.85
C THR A 66 -0.03 -15.43 11.97
N GLU A 67 -1.20 -16.02 12.22
CA GLU A 67 -2.42 -15.24 12.36
C GLU A 67 -2.17 -13.96 13.15
N ASP A 68 -1.17 -14.00 14.02
CA ASP A 68 -0.82 -12.84 14.83
C ASP A 68 0.12 -11.91 14.09
N ASP A 69 1.30 -12.43 13.74
CA ASP A 69 2.30 -11.65 13.03
C ASP A 69 1.64 -10.79 11.95
N LYS A 70 0.90 -11.44 11.05
CA LYS A 70 0.22 -10.74 9.96
C LYS A 70 -0.43 -9.47 10.46
N HIS A 71 -1.27 -9.60 11.49
CA HIS A 71 -1.96 -8.46 12.07
C HIS A 71 -0.97 -7.38 12.49
N ASN A 72 0.06 -7.78 13.22
CA ASN A 72 1.08 -6.85 13.69
C ASN A 72 1.63 -6.02 12.53
N ASN A 73 2.12 -6.71 11.50
CA ASN A 73 2.69 -6.04 10.34
C ASN A 73 1.73 -4.99 9.80
N ALA A 74 0.46 -5.38 9.63
CA ALA A 74 -0.55 -4.46 9.13
C ALA A 74 -0.60 -3.19 9.96
N LYS A 75 -0.98 -3.32 11.22
CA LYS A 75 -1.06 -2.18 12.12
C LYS A 75 0.04 -1.17 11.83
N TYR A 76 1.26 -1.67 11.70
CA TYR A 76 2.41 -0.81 11.42
C TYR A 76 2.23 -0.06 10.12
N ALA A 77 2.09 -0.81 9.03
CA ALA A 77 1.91 -0.22 7.71
C ALA A 77 0.79 0.83 7.73
N VAL A 78 -0.09 0.73 8.71
CA VAL A 78 -1.20 1.66 8.85
C VAL A 78 -0.76 2.95 9.54
N SER A 79 -0.11 2.80 10.69
CA SER A 79 0.37 3.95 11.45
C SER A 79 1.34 4.79 10.62
N MET A 80 2.20 4.11 9.87
CA MET A 80 3.18 4.79 9.04
C MET A 80 2.49 5.71 8.03
N ALA A 81 1.63 5.12 7.20
CA ALA A 81 0.91 5.89 6.19
C ALA A 81 0.12 7.02 6.82
N ARG A 82 -0.80 6.67 7.73
CA ARG A 82 -1.62 7.65 8.41
C ARG A 82 -0.76 8.73 9.06
N ARG A 83 0.43 8.34 9.50
CA ARG A 83 1.35 9.27 10.15
C ARG A 83 1.91 10.27 9.14
N ILE A 84 2.40 9.77 8.02
CA ILE A 84 2.97 10.62 6.98
C ILE A 84 1.87 11.41 6.28
N GLY A 85 0.62 11.16 6.65
CA GLY A 85 -0.50 11.85 6.06
C GLY A 85 -1.19 11.03 4.99
N ALA A 86 -2.05 10.12 5.41
CA ALA A 86 -2.78 9.26 4.49
C ALA A 86 -4.28 9.31 4.76
N ARG A 87 -5.04 9.80 3.78
CA ARG A 87 -6.48 9.90 3.91
C ARG A 87 -7.15 8.55 3.73
N VAL A 88 -6.78 7.60 4.59
CA VAL A 88 -7.35 6.25 4.53
C VAL A 88 -7.79 5.77 5.91
N TYR A 89 -9.09 5.85 6.16
CA TYR A 89 -9.65 5.43 7.44
C TYR A 89 -9.94 3.93 7.44
N ALA A 90 -9.07 3.17 6.81
CA ALA A 90 -9.22 1.72 6.74
C ALA A 90 -8.71 1.05 8.00
N LEU A 91 -9.12 -0.19 8.21
CA LEU A 91 -8.69 -0.95 9.39
C LEU A 91 -7.49 -1.83 9.07
N PRO A 92 -6.63 -2.03 10.07
CA PRO A 92 -5.41 -2.84 9.93
C PRO A 92 -5.73 -4.32 9.78
N GLU A 93 -6.99 -4.68 9.97
CA GLU A 93 -7.43 -6.07 9.85
C GLU A 93 -7.77 -6.41 8.40
N ASP A 94 -8.42 -5.46 7.72
CA ASP A 94 -8.80 -5.66 6.33
C ASP A 94 -7.65 -6.25 5.52
N LEU A 95 -6.45 -5.72 5.74
CA LEU A 95 -5.27 -6.19 5.04
C LEU A 95 -4.99 -7.66 5.33
N VAL A 96 -5.17 -8.05 6.59
CA VAL A 96 -4.95 -9.43 7.00
C VAL A 96 -5.83 -10.39 6.20
N GLU A 97 -7.12 -10.10 6.15
CA GLU A 97 -8.06 -10.93 5.41
C GLU A 97 -8.04 -10.60 3.92
N VAL A 98 -7.16 -9.67 3.54
CA VAL A 98 -7.03 -9.26 2.16
C VAL A 98 -8.40 -8.98 1.53
N LYS A 99 -9.21 -8.20 2.23
CA LYS A 99 -10.54 -7.86 1.75
C LYS A 99 -10.47 -6.87 0.58
N PRO A 100 -11.00 -7.28 -0.57
CA PRO A 100 -11.01 -6.44 -1.77
C PRO A 100 -11.94 -5.24 -1.65
N LYS A 101 -12.71 -5.21 -0.57
CA LYS A 101 -13.65 -4.12 -0.32
C LYS A 101 -12.97 -2.97 0.43
N MET A 102 -11.82 -3.27 1.03
CA MET A 102 -11.07 -2.26 1.77
C MET A 102 -9.66 -2.10 1.20
N VAL A 103 -9.00 -3.23 0.95
CA VAL A 103 -7.65 -3.21 0.40
C VAL A 103 -7.58 -2.37 -0.87
N MET A 104 -8.72 -2.24 -1.54
CA MET A 104 -8.79 -1.45 -2.78
C MET A 104 -8.62 0.04 -2.49
N THR A 105 -9.49 0.57 -1.62
CA THR A 105 -9.44 1.98 -1.26
C THR A 105 -8.19 2.29 -0.43
N VAL A 106 -7.62 1.26 0.19
CA VAL A 106 -6.43 1.44 1.00
C VAL A 106 -5.23 1.84 0.15
N PHE A 107 -5.18 1.31 -1.07
CA PHE A 107 -4.09 1.62 -1.98
C PHE A 107 -4.37 2.92 -2.74
N ALA A 108 -5.56 3.03 -3.30
CA ALA A 108 -5.95 4.21 -4.05
C ALA A 108 -5.71 5.48 -3.22
N CYS A 109 -5.87 5.36 -1.91
CA CYS A 109 -5.68 6.50 -1.02
C CYS A 109 -4.22 6.94 -1.01
N LEU A 110 -3.31 5.97 -0.85
CA LEU A 110 -1.88 6.26 -0.82
C LEU A 110 -1.45 7.01 -2.09
N MET A 111 -1.95 6.55 -3.23
CA MET A 111 -1.62 7.16 -4.51
C MET A 111 -1.85 8.68 -4.46
N GLY A 112 -3.01 9.07 -3.97
CA GLY A 112 -3.33 10.49 -3.89
C GLY A 112 -2.13 11.33 -3.51
N ARG A 113 -1.37 10.88 -2.52
CA ARG A 113 -0.18 11.60 -2.07
C ARG A 113 0.99 11.36 -3.01
N GLY A 114 1.27 10.08 -3.29
CA GLY A 114 2.36 9.73 -4.17
C GLY A 114 2.41 10.62 -5.40
N MET A 115 1.75 10.19 -6.47
CA MET A 115 1.73 10.95 -7.71
C MET A 115 1.49 12.43 -7.44
N LYS A 116 2.53 13.24 -7.67
CA LYS A 116 2.44 14.68 -7.45
C LYS A 116 1.36 15.29 -8.34
N ARG A 117 0.53 16.14 -7.74
CA ARG A 117 -0.55 16.80 -8.47
C ARG A 117 -0.02 18.03 -9.22
N VAL A 118 -0.21 18.02 -10.54
CA VAL A 118 0.24 19.13 -11.38
C VAL A 118 -0.26 20.47 -10.83
N SER A 119 -1.57 20.56 -10.62
CA SER A 119 -2.18 21.78 -10.12
C SER A 119 -3.53 21.49 -9.47
N GLY A 120 -3.83 22.20 -8.39
CA GLY A 120 -5.09 22.01 -7.70
C GLY A 120 -5.00 22.37 -6.22
N PRO A 121 -6.12 22.19 -5.50
CA PRO A 121 -6.18 22.49 -4.07
C PRO A 121 -5.36 21.52 -3.23
N SER A 122 -4.10 21.89 -2.97
CA SER A 122 -3.21 21.04 -2.18
C SER A 122 -2.82 21.74 -0.88
N SER A 123 -3.50 21.40 0.20
CA SER A 123 -3.23 22.00 1.50
C SER A 123 -3.14 20.93 2.58
N GLY A 124 -2.24 21.13 3.54
CA GLY A 124 -2.07 20.18 4.62
C GLY A 124 -0.62 19.89 4.92
N GLY A 1 -21.33 -10.74 -8.78
CA GLY A 1 -20.59 -9.96 -9.75
C GLY A 1 -21.49 -9.38 -10.83
N SER A 2 -21.12 -9.58 -12.09
CA SER A 2 -21.89 -9.07 -13.21
C SER A 2 -22.25 -7.61 -12.99
N SER A 3 -21.28 -6.83 -12.52
CA SER A 3 -21.50 -5.41 -12.26
C SER A 3 -20.49 -4.57 -13.02
N GLY A 4 -20.95 -3.46 -13.60
CA GLY A 4 -20.07 -2.58 -14.35
C GLY A 4 -20.14 -1.15 -13.86
N SER A 5 -19.21 -0.78 -12.99
CA SER A 5 -19.17 0.57 -12.44
C SER A 5 -17.87 1.28 -12.84
N SER A 6 -17.93 2.60 -12.92
CA SER A 6 -16.77 3.40 -13.29
C SER A 6 -15.81 3.55 -12.11
N GLY A 7 -14.73 2.76 -12.14
CA GLY A 7 -13.75 2.82 -11.07
C GLY A 7 -12.47 2.10 -11.42
N ASN A 8 -11.35 2.82 -11.36
CA ASN A 8 -10.05 2.24 -11.68
C ASN A 8 -9.75 1.05 -10.78
N ASP A 9 -9.30 -0.05 -11.38
CA ASP A 9 -8.97 -1.25 -10.62
C ASP A 9 -7.54 -1.70 -10.92
N ASP A 10 -7.26 -1.99 -12.19
CA ASP A 10 -5.94 -2.44 -12.60
C ASP A 10 -4.93 -1.30 -12.48
N ILE A 11 -5.32 -0.11 -12.93
CA ILE A 11 -4.45 1.06 -12.87
C ILE A 11 -3.73 1.14 -11.53
N ILE A 12 -4.49 0.99 -10.45
CA ILE A 12 -3.93 1.05 -9.11
C ILE A 12 -2.80 0.04 -8.94
N VAL A 13 -3.10 -1.23 -9.20
CA VAL A 13 -2.11 -2.28 -9.08
C VAL A 13 -0.82 -1.91 -9.81
N ASN A 14 -0.91 -1.73 -11.12
CA ASN A 14 0.25 -1.38 -11.93
C ASN A 14 1.14 -0.39 -11.19
N TRP A 15 0.53 0.64 -10.61
CA TRP A 15 1.27 1.66 -9.88
C TRP A 15 1.99 1.04 -8.68
N VAL A 16 1.26 0.25 -7.91
CA VAL A 16 1.83 -0.41 -6.73
C VAL A 16 3.22 -0.95 -7.02
N ASN A 17 3.34 -1.75 -8.06
CA ASN A 17 4.63 -2.33 -8.45
C ASN A 17 5.60 -1.24 -8.89
N ARG A 18 5.13 -0.31 -9.71
CA ARG A 18 5.96 0.78 -10.19
C ARG A 18 6.65 1.50 -9.03
N THR A 19 5.84 1.97 -8.08
CA THR A 19 6.37 2.68 -6.92
C THR A 19 7.39 1.83 -6.17
N LEU A 20 7.09 0.55 -6.02
CA LEU A 20 7.98 -0.38 -5.32
C LEU A 20 9.35 -0.39 -5.97
N SER A 21 9.38 -0.43 -7.30
CA SER A 21 10.64 -0.45 -8.04
C SER A 21 11.39 0.87 -7.87
N GLU A 22 10.69 1.97 -8.08
CA GLU A 22 11.29 3.30 -7.94
C GLU A 22 12.30 3.32 -6.79
N ALA A 23 11.94 2.66 -5.69
CA ALA A 23 12.82 2.61 -4.53
C ALA A 23 13.76 1.42 -4.59
N GLY A 24 13.22 0.26 -4.99
CA GLY A 24 14.03 -0.94 -5.09
C GLY A 24 13.60 -2.01 -4.11
N LYS A 25 12.31 -2.28 -4.06
CA LYS A 25 11.77 -3.30 -3.16
C LYS A 25 11.49 -4.60 -3.90
N SER A 26 11.55 -5.71 -3.17
CA SER A 26 11.31 -7.02 -3.77
C SER A 26 9.86 -7.46 -3.54
N THR A 27 9.08 -6.60 -2.91
CA THR A 27 7.68 -6.89 -2.64
C THR A 27 6.77 -6.39 -3.76
N SER A 28 5.67 -7.09 -3.97
CA SER A 28 4.72 -6.71 -5.03
C SER A 28 3.44 -7.53 -4.91
N ILE A 29 2.35 -6.97 -5.43
CA ILE A 29 1.06 -7.66 -5.39
C ILE A 29 0.50 -7.86 -6.79
N GLN A 30 -0.65 -8.52 -6.88
CA GLN A 30 -1.28 -8.79 -8.17
C GLN A 30 -2.69 -8.19 -8.21
N SER A 31 -3.33 -8.09 -7.04
CA SER A 31 -4.66 -7.54 -6.95
C SER A 31 -5.05 -7.30 -5.50
N PHE A 32 -6.30 -6.87 -5.28
CA PHE A 32 -6.80 -6.61 -3.94
C PHE A 32 -7.38 -7.87 -3.32
N LYS A 33 -7.34 -8.96 -4.06
CA LYS A 33 -7.87 -10.24 -3.59
C LYS A 33 -6.74 -11.22 -3.30
N ASP A 34 -5.59 -11.00 -3.94
CA ASP A 34 -4.44 -11.87 -3.75
C ASP A 34 -4.25 -12.22 -2.28
N LYS A 35 -3.58 -13.34 -2.02
CA LYS A 35 -3.33 -13.78 -0.66
C LYS A 35 -1.92 -13.39 -0.20
N THR A 36 -1.41 -12.31 -0.77
CA THR A 36 -0.08 -11.82 -0.43
C THR A 36 -0.15 -10.52 0.36
N ILE A 37 -1.29 -9.85 0.28
CA ILE A 37 -1.48 -8.59 0.98
C ILE A 37 -1.60 -8.81 2.49
N SER A 38 -2.00 -10.02 2.88
CA SER A 38 -2.14 -10.37 4.28
C SER A 38 -0.84 -10.12 5.04
N SER A 39 0.28 -10.36 4.37
CA SER A 39 1.59 -10.17 4.97
C SER A 39 1.88 -8.69 5.21
N SER A 40 1.10 -7.83 4.55
CA SER A 40 1.27 -6.39 4.67
C SER A 40 2.70 -5.98 4.37
N LEU A 41 3.37 -6.77 3.52
CA LEU A 41 4.74 -6.49 3.14
C LEU A 41 4.80 -5.50 1.98
N ALA A 42 3.84 -5.61 1.07
CA ALA A 42 3.77 -4.72 -0.08
C ALA A 42 3.19 -3.36 0.30
N VAL A 43 2.70 -3.26 1.54
CA VAL A 43 2.12 -2.02 2.03
C VAL A 43 3.17 -1.16 2.73
N VAL A 44 4.02 -1.80 3.53
CA VAL A 44 5.06 -1.10 4.25
C VAL A 44 6.21 -0.71 3.34
N ASP A 45 6.49 -1.56 2.35
CA ASP A 45 7.56 -1.30 1.40
C ASP A 45 7.16 -0.21 0.41
N LEU A 46 5.87 -0.13 0.11
CA LEU A 46 5.36 0.88 -0.83
C LEU A 46 5.47 2.27 -0.22
N ILE A 47 4.94 2.43 0.99
CA ILE A 47 4.98 3.71 1.69
C ILE A 47 6.40 4.28 1.71
N ASP A 48 7.37 3.43 2.03
CA ASP A 48 8.77 3.86 2.09
C ASP A 48 9.13 4.67 0.86
N ALA A 49 8.75 4.18 -0.32
CA ALA A 49 9.03 4.87 -1.57
C ALA A 49 8.60 6.33 -1.51
N ILE A 50 7.35 6.55 -1.14
CA ILE A 50 6.80 7.90 -1.04
C ILE A 50 7.53 8.71 0.02
N GLN A 51 7.44 8.25 1.26
CA GLN A 51 8.11 8.93 2.38
C GLN A 51 9.12 8.01 3.05
N PRO A 52 10.32 7.92 2.46
CA PRO A 52 11.40 7.09 2.98
C PRO A 52 11.98 7.63 4.28
N GLY A 53 12.77 6.81 4.97
CA GLY A 53 13.37 7.23 6.23
C GLY A 53 12.42 7.07 7.40
N CYS A 54 11.12 7.15 7.13
CA CYS A 54 10.11 7.01 8.17
C CYS A 54 9.80 5.55 8.44
N ILE A 55 9.93 4.72 7.41
CA ILE A 55 9.65 3.30 7.54
C ILE A 55 10.81 2.58 8.22
N ASN A 56 10.47 1.63 9.10
CA ASN A 56 11.48 0.86 9.81
C ASN A 56 11.18 -0.63 9.74
N TYR A 57 11.84 -1.31 8.82
CA TYR A 57 11.65 -2.75 8.64
C TYR A 57 12.14 -3.52 9.87
N ASP A 58 13.20 -3.00 10.49
CA ASP A 58 13.77 -3.64 11.68
C ASP A 58 12.67 -4.20 12.57
N LEU A 59 11.53 -3.52 12.61
CA LEU A 59 10.40 -3.94 13.43
C LEU A 59 9.45 -4.83 12.63
N VAL A 60 9.29 -4.51 11.35
CA VAL A 60 8.41 -5.28 10.48
C VAL A 60 8.87 -6.73 10.39
N LYS A 61 7.91 -7.64 10.23
CA LYS A 61 8.22 -9.06 10.12
C LYS A 61 8.12 -9.54 8.67
N SER A 62 8.86 -10.60 8.35
CA SER A 62 8.85 -11.15 6.99
C SER A 62 9.27 -12.61 7.01
N GLY A 63 8.58 -13.42 6.22
CA GLY A 63 8.90 -14.84 6.15
C GLY A 63 7.70 -15.72 6.45
N ASN A 64 7.42 -15.92 7.73
CA ASN A 64 6.30 -16.75 8.15
C ASN A 64 5.48 -16.05 9.24
N LEU A 65 4.64 -15.12 8.82
CA LEU A 65 3.79 -14.38 9.76
C LEU A 65 2.54 -15.17 10.12
N THR A 66 2.33 -15.41 11.41
CA THR A 66 1.18 -16.16 11.88
C THR A 66 0.00 -15.23 12.17
N GLU A 67 -1.14 -15.82 12.48
CA GLU A 67 -2.34 -15.04 12.77
C GLU A 67 -1.99 -13.77 13.53
N ASP A 68 -1.00 -13.87 14.42
CA ASP A 68 -0.57 -12.72 15.22
C ASP A 68 0.33 -11.81 14.39
N ASP A 69 1.47 -12.34 13.98
CA ASP A 69 2.44 -11.58 13.18
C ASP A 69 1.73 -10.82 12.07
N LYS A 70 1.07 -11.56 11.18
CA LYS A 70 0.35 -10.96 10.06
C LYS A 70 -0.32 -9.65 10.48
N HIS A 71 -1.02 -9.69 11.62
CA HIS A 71 -1.71 -8.51 12.13
C HIS A 71 -0.71 -7.43 12.51
N ASN A 72 0.24 -7.77 13.37
CA ASN A 72 1.25 -6.82 13.82
C ASN A 72 1.82 -6.04 12.63
N ASN A 73 2.07 -6.74 11.53
CA ASN A 73 2.61 -6.11 10.33
C ASN A 73 1.65 -5.06 9.78
N ALA A 74 0.39 -5.45 9.60
CA ALA A 74 -0.62 -4.54 9.09
C ALA A 74 -0.74 -3.30 9.97
N LYS A 75 -1.00 -3.50 11.25
CA LYS A 75 -1.13 -2.39 12.19
C LYS A 75 -0.08 -1.32 11.92
N TYR A 76 1.18 -1.73 11.89
CA TYR A 76 2.28 -0.80 11.65
C TYR A 76 1.98 0.07 10.42
N ALA A 77 1.76 -0.57 9.28
CA ALA A 77 1.46 0.15 8.05
C ALA A 77 0.36 1.19 8.27
N VAL A 78 -0.70 0.78 8.95
CA VAL A 78 -1.83 1.66 9.23
C VAL A 78 -1.34 3.00 9.76
N SER A 79 -0.41 2.96 10.71
CA SER A 79 0.13 4.17 11.31
C SER A 79 0.94 4.96 10.29
N MET A 80 1.74 4.25 9.50
CA MET A 80 2.59 4.88 8.49
C MET A 80 1.73 5.69 7.52
N ALA A 81 0.88 5.00 6.77
CA ALA A 81 0.01 5.66 5.80
C ALA A 81 -0.51 6.99 6.34
N ARG A 82 -1.05 6.96 7.55
CA ARG A 82 -1.59 8.16 8.18
C ARG A 82 -0.47 9.10 8.59
N ARG A 83 0.66 8.53 9.00
CA ARG A 83 1.81 9.32 9.42
C ARG A 83 2.37 10.13 8.26
N ILE A 84 2.14 9.65 7.04
CA ILE A 84 2.61 10.33 5.85
C ILE A 84 1.52 11.20 5.23
N GLY A 85 0.35 11.19 5.86
CA GLY A 85 -0.77 11.97 5.35
C GLY A 85 -1.94 11.11 4.94
N ALA A 86 -1.66 10.06 4.17
CA ALA A 86 -2.71 9.15 3.70
C ALA A 86 -3.79 8.98 4.76
N ARG A 87 -4.91 9.68 4.57
CA ARG A 87 -6.03 9.60 5.50
C ARG A 87 -6.97 8.46 5.13
N VAL A 88 -6.58 7.24 5.45
CA VAL A 88 -7.38 6.07 5.16
C VAL A 88 -7.68 5.27 6.42
N TYR A 89 -6.77 5.33 7.39
CA TYR A 89 -6.94 4.61 8.64
C TYR A 89 -7.65 3.28 8.42
N ALA A 90 -7.22 2.54 7.40
CA ALA A 90 -7.82 1.25 7.08
C ALA A 90 -7.56 0.24 8.20
N LEU A 91 -8.63 -0.23 8.82
CA LEU A 91 -8.52 -1.20 9.89
C LEU A 91 -7.41 -2.21 9.62
N PRO A 92 -6.71 -2.63 10.68
CA PRO A 92 -5.61 -3.61 10.56
C PRO A 92 -6.10 -5.00 10.22
N GLU A 93 -7.42 -5.20 10.30
CA GLU A 93 -8.02 -6.49 9.99
C GLU A 93 -8.28 -6.63 8.50
N ASP A 94 -8.71 -5.54 7.87
CA ASP A 94 -9.00 -5.53 6.44
C ASP A 94 -7.77 -5.96 5.64
N LEU A 95 -6.60 -5.55 6.09
CA LEU A 95 -5.35 -5.89 5.42
C LEU A 95 -4.97 -7.35 5.69
N VAL A 96 -5.28 -7.81 6.89
CA VAL A 96 -4.97 -9.19 7.27
C VAL A 96 -5.77 -10.18 6.43
N GLU A 97 -7.08 -9.96 6.36
CA GLU A 97 -7.96 -10.83 5.59
C GLU A 97 -7.87 -10.53 4.10
N VAL A 98 -7.25 -9.40 3.77
CA VAL A 98 -7.09 -8.99 2.38
C VAL A 98 -8.45 -8.68 1.75
N LYS A 99 -9.33 -8.09 2.52
CA LYS A 99 -10.66 -7.72 2.04
C LYS A 99 -10.57 -6.71 0.90
N PRO A 100 -11.14 -7.07 -0.25
CA PRO A 100 -11.14 -6.20 -1.44
C PRO A 100 -12.03 -4.98 -1.27
N LYS A 101 -12.69 -4.89 -0.12
CA LYS A 101 -13.58 -3.77 0.18
C LYS A 101 -12.77 -2.53 0.55
N MET A 102 -11.83 -2.70 1.48
CA MET A 102 -10.99 -1.58 1.92
C MET A 102 -9.62 -1.64 1.25
N VAL A 103 -9.06 -2.85 1.17
CA VAL A 103 -7.76 -3.03 0.54
C VAL A 103 -7.71 -2.44 -0.85
N MET A 104 -8.90 -2.22 -1.44
CA MET A 104 -9.00 -1.64 -2.77
C MET A 104 -8.68 -0.16 -2.75
N THR A 105 -9.17 0.54 -1.73
CA THR A 105 -8.94 1.97 -1.59
C THR A 105 -7.63 2.24 -0.87
N VAL A 106 -7.23 1.33 0.01
CA VAL A 106 -5.99 1.47 0.77
C VAL A 106 -4.80 1.70 -0.17
N PHE A 107 -4.88 1.13 -1.37
CA PHE A 107 -3.82 1.27 -2.35
C PHE A 107 -3.99 2.54 -3.17
N ALA A 108 -5.25 2.90 -3.43
CA ALA A 108 -5.56 4.09 -4.21
C ALA A 108 -5.19 5.35 -3.44
N CYS A 109 -5.47 5.36 -2.14
CA CYS A 109 -5.16 6.51 -1.30
C CYS A 109 -3.66 6.78 -1.27
N LEU A 110 -2.88 5.71 -1.10
CA LEU A 110 -1.42 5.84 -1.05
C LEU A 110 -0.90 6.57 -2.27
N MET A 111 -1.32 6.11 -3.46
CA MET A 111 -0.89 6.73 -4.71
C MET A 111 -1.33 8.19 -4.78
N GLY A 112 -2.45 8.50 -4.13
CA GLY A 112 -2.96 9.85 -4.13
C GLY A 112 -1.86 10.89 -3.97
N ARG A 113 -0.98 10.67 -2.98
CA ARG A 113 0.11 11.60 -2.72
C ARG A 113 1.34 11.22 -3.56
N GLY A 114 1.50 9.94 -3.82
CA GLY A 114 2.63 9.48 -4.61
C GLY A 114 2.57 9.97 -6.04
N MET A 115 1.66 9.42 -6.82
CA MET A 115 1.51 9.81 -8.22
C MET A 115 1.14 11.29 -8.33
N LYS A 116 1.95 12.04 -9.06
CA LYS A 116 1.71 13.47 -9.26
C LYS A 116 0.85 13.71 -10.49
N ARG A 117 -0.44 13.96 -10.27
CA ARG A 117 -1.37 14.22 -11.36
C ARG A 117 -1.40 15.70 -11.72
N VAL A 118 -2.19 16.04 -12.72
CA VAL A 118 -2.32 17.43 -13.16
C VAL A 118 -3.43 18.14 -12.40
N SER A 119 -3.10 18.62 -11.20
CA SER A 119 -4.06 19.33 -10.37
C SER A 119 -3.37 20.06 -9.22
N GLY A 120 -4.16 20.70 -8.36
CA GLY A 120 -3.61 21.42 -7.23
C GLY A 120 -3.50 22.90 -7.49
N PRO A 121 -2.62 23.58 -6.73
CA PRO A 121 -2.41 25.02 -6.85
C PRO A 121 -1.71 25.39 -8.16
N SER A 122 -1.63 26.69 -8.43
CA SER A 122 -0.98 27.18 -9.66
C SER A 122 0.49 27.48 -9.39
N SER A 123 1.19 26.54 -8.78
CA SER A 123 2.60 26.70 -8.47
C SER A 123 3.46 26.40 -9.70
N GLY A 124 4.14 27.44 -10.20
CA GLY A 124 4.98 27.26 -11.36
C GLY A 124 5.89 28.45 -11.61
N GLY A 1 -0.56 8.67 -16.84
CA GLY A 1 -1.00 9.27 -15.59
C GLY A 1 -1.38 10.73 -15.75
N SER A 2 -2.65 10.97 -16.10
CA SER A 2 -3.14 12.33 -16.29
C SER A 2 -3.21 13.08 -14.96
N SER A 3 -3.52 14.37 -15.03
CA SER A 3 -3.62 15.20 -13.84
C SER A 3 -4.59 14.59 -12.83
N GLY A 4 -4.04 13.95 -11.80
CA GLY A 4 -4.87 13.34 -10.78
C GLY A 4 -5.63 12.14 -11.30
N SER A 5 -4.89 11.18 -11.88
CA SER A 5 -5.50 9.97 -12.43
C SER A 5 -5.71 8.94 -11.34
N SER A 6 -6.95 8.78 -10.90
CA SER A 6 -7.29 7.81 -9.85
C SER A 6 -7.46 6.41 -10.44
N GLY A 7 -7.07 5.40 -9.67
CA GLY A 7 -7.20 4.03 -10.14
C GLY A 7 -8.58 3.46 -9.88
N ASN A 8 -9.09 2.72 -10.86
CA ASN A 8 -10.42 2.12 -10.75
C ASN A 8 -10.34 0.78 -10.01
N ASP A 9 -9.77 -0.21 -10.67
CA ASP A 9 -9.64 -1.54 -10.08
C ASP A 9 -8.20 -2.04 -10.17
N ASP A 10 -7.71 -2.20 -11.40
CA ASP A 10 -6.36 -2.67 -11.64
C ASP A 10 -5.40 -1.49 -11.77
N ILE A 11 -5.92 -0.34 -12.18
CA ILE A 11 -5.11 0.85 -12.35
C ILE A 11 -4.31 1.15 -11.08
N ILE A 12 -4.87 0.78 -9.94
CA ILE A 12 -4.21 1.02 -8.65
C ILE A 12 -3.01 0.10 -8.49
N VAL A 13 -3.23 -1.20 -8.69
CA VAL A 13 -2.17 -2.18 -8.56
C VAL A 13 -0.97 -1.83 -9.43
N ASN A 14 -1.25 -1.43 -10.67
CA ASN A 14 -0.19 -1.06 -11.61
C ASN A 14 0.76 -0.04 -10.99
N TRP A 15 0.19 1.01 -10.39
CA TRP A 15 0.99 2.05 -9.75
C TRP A 15 1.78 1.48 -8.58
N VAL A 16 1.10 0.71 -7.74
CA VAL A 16 1.75 0.11 -6.57
C VAL A 16 3.09 -0.51 -6.95
N ASN A 17 3.10 -1.23 -8.06
CA ASN A 17 4.32 -1.89 -8.53
C ASN A 17 5.37 -0.86 -8.94
N ARG A 18 4.98 0.08 -9.78
CA ARG A 18 5.88 1.13 -10.24
C ARG A 18 6.53 1.85 -9.06
N THR A 19 5.72 2.14 -8.05
CA THR A 19 6.20 2.83 -6.86
C THR A 19 7.20 1.97 -6.08
N LEU A 20 6.94 0.67 -6.05
CA LEU A 20 7.81 -0.26 -5.34
C LEU A 20 9.19 -0.33 -6.00
N SER A 21 9.20 -0.42 -7.33
CA SER A 21 10.44 -0.49 -8.08
C SER A 21 11.25 0.79 -7.91
N GLU A 22 10.57 1.93 -8.03
CA GLU A 22 11.22 3.22 -7.90
C GLU A 22 12.31 3.17 -6.83
N ALA A 23 11.98 2.61 -5.67
CA ALA A 23 12.93 2.50 -4.57
C ALA A 23 13.79 1.24 -4.71
N GLY A 24 13.17 0.17 -5.20
CA GLY A 24 13.88 -1.08 -5.37
C GLY A 24 13.48 -2.12 -4.34
N LYS A 25 12.18 -2.26 -4.11
CA LYS A 25 11.66 -3.23 -3.16
C LYS A 25 11.55 -4.61 -3.79
N SER A 26 11.53 -5.64 -2.95
CA SER A 26 11.42 -7.01 -3.42
C SER A 26 10.02 -7.57 -3.19
N THR A 27 9.06 -6.66 -3.02
CA THR A 27 7.67 -7.06 -2.79
C THR A 27 6.76 -6.47 -3.85
N SER A 28 5.62 -7.14 -4.07
CA SER A 28 4.65 -6.68 -5.08
C SER A 28 3.38 -7.52 -5.00
N ILE A 29 2.24 -6.87 -5.29
CA ILE A 29 0.96 -7.55 -5.25
C ILE A 29 0.41 -7.75 -6.67
N GLN A 30 -0.67 -8.52 -6.77
CA GLN A 30 -1.29 -8.78 -8.06
C GLN A 30 -2.71 -8.24 -8.10
N SER A 31 -3.44 -8.41 -7.00
CA SER A 31 -4.81 -7.93 -6.92
C SER A 31 -5.26 -7.80 -5.46
N PHE A 32 -6.45 -7.26 -5.25
CA PHE A 32 -6.99 -7.08 -3.91
C PHE A 32 -7.48 -8.41 -3.34
N LYS A 33 -7.30 -9.48 -4.10
CA LYS A 33 -7.72 -10.80 -3.67
C LYS A 33 -6.51 -11.71 -3.45
N ASP A 34 -5.33 -11.18 -3.70
CA ASP A 34 -4.10 -11.94 -3.52
C ASP A 34 -3.95 -12.42 -2.09
N LYS A 35 -3.03 -13.35 -1.87
CA LYS A 35 -2.78 -13.90 -0.54
C LYS A 35 -1.49 -13.32 0.05
N THR A 36 -0.88 -12.38 -0.66
CA THR A 36 0.36 -11.77 -0.21
C THR A 36 0.08 -10.53 0.63
N ILE A 37 -1.06 -9.89 0.38
CA ILE A 37 -1.45 -8.69 1.12
C ILE A 37 -1.57 -8.98 2.61
N SER A 38 -2.06 -10.17 2.94
CA SER A 38 -2.23 -10.57 4.33
C SER A 38 -0.92 -10.39 5.11
N SER A 39 0.20 -10.53 4.42
CA SER A 39 1.51 -10.38 5.05
C SER A 39 1.82 -8.91 5.32
N SER A 40 1.15 -8.03 4.59
CA SER A 40 1.34 -6.59 4.75
C SER A 40 2.80 -6.21 4.46
N LEU A 41 3.46 -7.01 3.63
CA LEU A 41 4.85 -6.77 3.27
C LEU A 41 4.94 -5.82 2.08
N ALA A 42 3.96 -5.90 1.18
CA ALA A 42 3.93 -5.06 0.01
C ALA A 42 3.45 -3.65 0.35
N VAL A 43 2.57 -3.56 1.33
CA VAL A 43 2.03 -2.27 1.76
C VAL A 43 3.11 -1.40 2.38
N VAL A 44 3.82 -1.94 3.36
CA VAL A 44 4.89 -1.22 4.03
C VAL A 44 5.99 -0.83 3.04
N ASP A 45 6.41 -1.78 2.22
CA ASP A 45 7.45 -1.54 1.23
C ASP A 45 7.07 -0.38 0.33
N LEU A 46 5.77 -0.18 0.14
CA LEU A 46 5.28 0.90 -0.71
C LEU A 46 5.51 2.27 -0.06
N ILE A 47 4.94 2.46 1.12
CA ILE A 47 5.10 3.71 1.85
C ILE A 47 6.53 4.23 1.76
N ASP A 48 7.49 3.37 2.12
CA ASP A 48 8.90 3.74 2.07
C ASP A 48 9.22 4.51 0.80
N ALA A 49 8.83 3.94 -0.34
CA ALA A 49 9.07 4.59 -1.63
C ALA A 49 8.67 6.05 -1.60
N ILE A 50 7.40 6.31 -1.32
CA ILE A 50 6.89 7.66 -1.26
C ILE A 50 7.67 8.51 -0.26
N GLN A 51 7.60 8.14 1.00
CA GLN A 51 8.30 8.86 2.06
C GLN A 51 9.25 7.94 2.81
N PRO A 52 10.44 7.71 2.22
CA PRO A 52 11.45 6.83 2.82
C PRO A 52 12.08 7.45 4.06
N GLY A 53 12.84 6.64 4.80
CA GLY A 53 13.49 7.14 6.01
C GLY A 53 12.63 6.95 7.24
N CYS A 54 11.32 6.85 7.03
CA CYS A 54 10.39 6.67 8.14
C CYS A 54 10.16 5.19 8.43
N ILE A 55 10.00 4.40 7.38
CA ILE A 55 9.79 2.97 7.52
C ILE A 55 10.98 2.28 8.17
N ASN A 56 10.74 1.61 9.29
CA ASN A 56 11.79 0.92 10.01
C ASN A 56 11.59 -0.59 9.96
N TYR A 57 12.24 -1.24 9.00
CA TYR A 57 12.11 -2.69 8.84
C TYR A 57 12.49 -3.41 10.13
N ASP A 58 13.54 -2.93 10.78
CA ASP A 58 14.01 -3.52 12.03
C ASP A 58 12.82 -3.99 12.89
N LEU A 59 11.71 -3.28 12.77
CA LEU A 59 10.51 -3.61 13.53
C LEU A 59 9.55 -4.46 12.69
N VAL A 60 9.49 -4.16 11.40
CA VAL A 60 8.62 -4.89 10.48
C VAL A 60 9.04 -6.36 10.38
N LYS A 61 8.05 -7.25 10.31
CA LYS A 61 8.31 -8.67 10.22
C LYS A 61 8.27 -9.13 8.76
N SER A 62 8.77 -10.34 8.51
CA SER A 62 8.79 -10.89 7.15
C SER A 62 9.00 -12.40 7.20
N GLY A 63 8.24 -13.12 6.36
CA GLY A 63 8.36 -14.56 6.31
C GLY A 63 7.14 -15.26 6.88
N ASN A 64 7.37 -16.24 7.75
CA ASN A 64 6.29 -16.98 8.37
C ASN A 64 5.59 -16.14 9.43
N LEU A 65 4.60 -15.36 9.01
CA LEU A 65 3.85 -14.52 9.93
C LEU A 65 2.61 -15.23 10.45
N THR A 66 2.65 -15.63 11.72
CA THR A 66 1.53 -16.32 12.34
C THR A 66 0.30 -15.43 12.42
N GLU A 67 -0.85 -16.03 12.70
CA GLU A 67 -2.10 -15.29 12.81
C GLU A 67 -1.87 -13.93 13.46
N ASP A 68 -0.96 -13.89 14.43
CA ASP A 68 -0.64 -12.65 15.12
C ASP A 68 0.26 -11.76 14.28
N ASP A 69 1.42 -12.30 13.90
CA ASP A 69 2.38 -11.55 13.09
C ASP A 69 1.67 -10.81 11.97
N LYS A 70 0.97 -11.55 11.12
CA LYS A 70 0.24 -10.96 10.00
C LYS A 70 -0.41 -9.64 10.40
N HIS A 71 -1.14 -9.66 11.51
CA HIS A 71 -1.81 -8.46 12.01
C HIS A 71 -0.80 -7.39 12.37
N ASN A 72 0.23 -7.77 13.12
CA ASN A 72 1.26 -6.84 13.54
C ASN A 72 1.83 -6.08 12.34
N ASN A 73 2.20 -6.82 11.31
CA ASN A 73 2.76 -6.22 10.09
C ASN A 73 1.80 -5.19 9.52
N ALA A 74 0.50 -5.46 9.63
CA ALA A 74 -0.52 -4.55 9.11
C ALA A 74 -0.58 -3.26 9.94
N LYS A 75 -0.96 -3.39 11.19
CA LYS A 75 -1.06 -2.24 12.09
C LYS A 75 0.03 -1.22 11.78
N TYR A 76 1.27 -1.69 11.72
CA TYR A 76 2.41 -0.83 11.43
C TYR A 76 2.21 -0.09 10.11
N ALA A 77 1.86 -0.84 9.07
CA ALA A 77 1.65 -0.27 7.75
C ALA A 77 0.65 0.89 7.81
N VAL A 78 -0.39 0.73 8.62
CA VAL A 78 -1.41 1.76 8.78
C VAL A 78 -0.82 3.03 9.36
N SER A 79 -0.26 2.92 10.57
CA SER A 79 0.33 4.07 11.24
C SER A 79 1.20 4.88 10.27
N MET A 80 2.11 4.19 9.60
CA MET A 80 3.00 4.84 8.64
C MET A 80 2.21 5.56 7.56
N ALA A 81 1.29 4.84 6.92
CA ALA A 81 0.46 5.41 5.86
C ALA A 81 -0.28 6.65 6.36
N ARG A 82 -1.17 6.45 7.32
CA ARG A 82 -1.96 7.54 7.89
C ARG A 82 -1.04 8.65 8.41
N ARG A 83 0.17 8.27 8.82
CA ARG A 83 1.14 9.22 9.34
C ARG A 83 1.58 10.19 8.26
N ILE A 84 2.33 9.67 7.29
CA ILE A 84 2.82 10.50 6.19
C ILE A 84 1.75 11.46 5.69
N GLY A 85 0.49 11.05 5.84
CA GLY A 85 -0.62 11.89 5.41
C GLY A 85 -1.60 11.14 4.53
N ALA A 86 -2.08 10.00 5.03
CA ALA A 86 -3.03 9.19 4.28
C ALA A 86 -4.35 9.07 5.03
N ARG A 87 -5.30 9.96 4.72
CA ARG A 87 -6.60 9.95 5.37
C ARG A 87 -7.14 8.52 5.49
N VAL A 88 -6.85 7.70 4.49
CA VAL A 88 -7.29 6.31 4.49
C VAL A 88 -7.20 5.70 5.89
N TYR A 89 -8.34 5.51 6.53
CA TYR A 89 -8.39 4.93 7.86
C TYR A 89 -8.80 3.47 7.81
N ALA A 90 -8.66 2.86 6.64
CA ALA A 90 -9.01 1.45 6.46
C ALA A 90 -8.52 0.61 7.63
N LEU A 91 -9.46 -0.06 8.30
CA LEU A 91 -9.13 -0.89 9.44
C LEU A 91 -7.91 -1.77 9.15
N PRO A 92 -7.08 -2.01 10.18
CA PRO A 92 -5.87 -2.82 10.06
C PRO A 92 -6.19 -4.30 9.84
N GLU A 93 -7.47 -4.65 9.98
CA GLU A 93 -7.90 -6.03 9.79
C GLU A 93 -8.17 -6.33 8.32
N ASP A 94 -8.49 -5.28 7.57
CA ASP A 94 -8.77 -5.43 6.14
C ASP A 94 -7.62 -6.12 5.43
N LEU A 95 -6.40 -5.69 5.74
CA LEU A 95 -5.20 -6.27 5.12
C LEU A 95 -5.09 -7.76 5.43
N VAL A 96 -5.10 -8.08 6.72
CA VAL A 96 -5.00 -9.47 7.16
C VAL A 96 -6.01 -10.35 6.43
N GLU A 97 -7.24 -9.86 6.33
CA GLU A 97 -8.30 -10.61 5.65
C GLU A 97 -8.24 -10.40 4.14
N VAL A 98 -7.42 -9.43 3.72
CA VAL A 98 -7.27 -9.12 2.30
C VAL A 98 -8.62 -8.85 1.65
N LYS A 99 -9.46 -8.09 2.34
CA LYS A 99 -10.78 -7.74 1.83
C LYS A 99 -10.68 -6.90 0.56
N PRO A 100 -11.19 -7.43 -0.56
CA PRO A 100 -11.16 -6.74 -1.85
C PRO A 100 -12.09 -5.53 -1.88
N LYS A 101 -12.74 -5.26 -0.75
CA LYS A 101 -13.66 -4.13 -0.65
C LYS A 101 -13.01 -2.97 0.11
N MET A 102 -11.81 -3.21 0.63
CA MET A 102 -11.09 -2.18 1.37
C MET A 102 -9.63 -2.09 0.92
N VAL A 103 -9.07 -3.24 0.54
CA VAL A 103 -7.69 -3.30 0.09
C VAL A 103 -7.52 -2.58 -1.25
N MET A 104 -8.64 -2.18 -1.84
CA MET A 104 -8.61 -1.48 -3.11
C MET A 104 -8.41 0.02 -2.91
N THR A 105 -9.01 0.55 -1.84
CA THR A 105 -8.89 1.97 -1.53
C THR A 105 -7.66 2.25 -0.68
N VAL A 106 -7.17 1.23 0.01
CA VAL A 106 -6.00 1.36 0.86
C VAL A 106 -4.76 1.66 0.02
N PHE A 107 -4.75 1.17 -1.21
CA PHE A 107 -3.62 1.39 -2.11
C PHE A 107 -3.80 2.68 -2.91
N ALA A 108 -5.03 3.18 -2.93
CA ALA A 108 -5.34 4.40 -3.67
C ALA A 108 -4.84 5.63 -2.92
N CYS A 109 -5.48 5.93 -1.79
CA CYS A 109 -5.10 7.09 -0.99
C CYS A 109 -3.59 7.28 -0.99
N LEU A 110 -2.86 6.17 -1.09
CA LEU A 110 -1.40 6.22 -1.09
C LEU A 110 -0.88 6.88 -2.37
N MET A 111 -1.40 6.44 -3.51
CA MET A 111 -0.99 7.00 -4.79
C MET A 111 -1.17 8.51 -4.81
N GLY A 112 -2.39 8.96 -4.51
CA GLY A 112 -2.67 10.39 -4.50
C GLY A 112 -1.49 11.20 -4.00
N ARG A 113 -1.24 11.14 -2.70
CA ARG A 113 -0.14 11.88 -2.10
C ARG A 113 1.14 11.71 -2.91
N GLY A 114 1.46 10.47 -3.25
CA GLY A 114 2.66 10.19 -4.02
C GLY A 114 2.78 11.10 -5.24
N MET A 115 1.99 10.82 -6.26
CA MET A 115 2.02 11.61 -7.48
C MET A 115 2.14 13.10 -7.16
N LYS A 116 3.33 13.65 -7.33
CA LYS A 116 3.57 15.06 -7.06
C LYS A 116 2.71 15.93 -7.96
N ARG A 117 1.45 16.11 -7.57
CA ARG A 117 0.51 16.93 -8.33
C ARG A 117 0.25 18.26 -7.63
N VAL A 118 -0.28 19.22 -8.38
CA VAL A 118 -0.58 20.54 -7.82
C VAL A 118 -1.45 20.42 -6.58
N SER A 119 -0.93 20.90 -5.46
CA SER A 119 -1.65 20.85 -4.19
C SER A 119 -2.53 22.09 -4.02
N GLY A 120 -3.40 22.06 -3.01
CA GLY A 120 -4.28 23.18 -2.76
C GLY A 120 -5.54 23.13 -3.60
N PRO A 121 -6.40 22.15 -3.31
CA PRO A 121 -7.67 21.96 -4.04
C PRO A 121 -8.67 23.08 -3.75
N SER A 122 -9.81 23.02 -4.43
CA SER A 122 -10.86 24.02 -4.24
C SER A 122 -12.16 23.38 -3.78
N SER A 123 -12.28 23.18 -2.48
CA SER A 123 -13.48 22.57 -1.91
C SER A 123 -14.69 23.50 -2.03
N GLY A 124 -15.61 23.14 -2.92
CA GLY A 124 -16.80 23.95 -3.12
C GLY A 124 -18.08 23.13 -3.09
N GLY A 1 -7.20 -3.55 -22.93
CA GLY A 1 -6.39 -3.08 -21.82
C GLY A 1 -6.98 -3.47 -20.47
N SER A 2 -8.19 -2.97 -20.20
CA SER A 2 -8.86 -3.25 -18.94
C SER A 2 -10.05 -4.17 -19.15
N SER A 3 -10.52 -4.80 -18.08
CA SER A 3 -11.66 -5.70 -18.14
C SER A 3 -12.83 -5.07 -18.90
N GLY A 4 -13.33 -3.95 -18.37
CA GLY A 4 -14.44 -3.28 -19.01
C GLY A 4 -15.20 -2.38 -18.05
N SER A 5 -15.91 -2.99 -17.12
CA SER A 5 -16.70 -2.23 -16.14
C SER A 5 -15.98 -0.94 -15.76
N SER A 6 -16.76 0.10 -15.50
CA SER A 6 -16.21 1.40 -15.13
C SER A 6 -15.56 1.34 -13.75
N GLY A 7 -14.22 1.37 -13.74
CA GLY A 7 -13.50 1.32 -12.48
C GLY A 7 -12.02 1.00 -12.68
N ASN A 8 -11.21 1.40 -11.71
CA ASN A 8 -9.77 1.17 -11.78
C ASN A 8 -9.39 -0.11 -11.04
N ASP A 9 -9.21 -1.19 -11.78
CA ASP A 9 -8.85 -2.47 -11.19
C ASP A 9 -7.34 -2.71 -11.29
N ASP A 10 -6.80 -2.56 -12.50
CA ASP A 10 -5.37 -2.76 -12.72
C ASP A 10 -4.61 -1.45 -12.51
N ILE A 11 -5.11 -0.37 -13.09
CA ILE A 11 -4.47 0.93 -12.97
C ILE A 11 -3.83 1.09 -11.59
N ILE A 12 -4.54 0.67 -10.55
CA ILE A 12 -4.04 0.76 -9.19
C ILE A 12 -2.89 -0.22 -8.96
N VAL A 13 -3.16 -1.49 -9.24
CA VAL A 13 -2.15 -2.53 -9.07
C VAL A 13 -0.85 -2.16 -9.75
N ASN A 14 -0.95 -1.61 -10.96
CA ASN A 14 0.22 -1.21 -11.73
C ASN A 14 1.04 -0.17 -10.96
N TRP A 15 0.36 0.87 -10.47
CA TRP A 15 1.02 1.93 -9.72
C TRP A 15 1.75 1.36 -8.51
N VAL A 16 1.09 0.45 -7.81
CA VAL A 16 1.67 -0.18 -6.62
C VAL A 16 3.02 -0.81 -6.94
N ASN A 17 3.08 -1.58 -8.02
CA ASN A 17 4.30 -2.24 -8.44
C ASN A 17 5.35 -1.22 -8.87
N ARG A 18 4.92 -0.25 -9.69
CA ARG A 18 5.82 0.79 -10.18
C ARG A 18 6.46 1.54 -9.02
N THR A 19 5.65 1.93 -8.05
CA THR A 19 6.14 2.66 -6.89
C THR A 19 7.15 1.84 -6.10
N LEU A 20 6.94 0.53 -6.08
CA LEU A 20 7.84 -0.37 -5.36
C LEU A 20 9.22 -0.40 -6.02
N SER A 21 9.24 -0.36 -7.35
CA SER A 21 10.49 -0.38 -8.10
C SER A 21 11.20 0.96 -8.01
N GLU A 22 10.43 2.04 -8.20
CA GLU A 22 10.99 3.39 -8.14
C GLU A 22 12.03 3.50 -7.04
N ALA A 23 11.79 2.80 -5.93
CA ALA A 23 12.72 2.83 -4.80
C ALA A 23 13.63 1.60 -4.81
N GLY A 24 13.06 0.44 -5.14
CA GLY A 24 13.83 -0.78 -5.18
C GLY A 24 13.43 -1.75 -4.08
N LYS A 25 12.15 -2.07 -4.02
CA LYS A 25 11.64 -3.00 -3.01
C LYS A 25 11.55 -4.41 -3.57
N SER A 26 11.63 -5.41 -2.68
CA SER A 26 11.55 -6.80 -3.09
C SER A 26 10.17 -7.38 -2.78
N THR A 27 9.16 -6.53 -2.84
CA THR A 27 7.79 -6.95 -2.56
C THR A 27 6.83 -6.44 -3.63
N SER A 28 5.73 -7.16 -3.82
CA SER A 28 4.74 -6.79 -4.83
C SER A 28 3.48 -7.66 -4.70
N ILE A 29 2.35 -7.11 -5.10
CA ILE A 29 1.08 -7.82 -5.03
C ILE A 29 0.53 -8.09 -6.43
N GLN A 30 -0.48 -8.95 -6.50
CA GLN A 30 -1.10 -9.29 -7.78
C GLN A 30 -2.45 -8.58 -7.94
N SER A 31 -3.21 -8.52 -6.86
CA SER A 31 -4.52 -7.87 -6.88
C SER A 31 -5.11 -7.79 -5.48
N PHE A 32 -6.18 -7.01 -5.34
CA PHE A 32 -6.84 -6.85 -4.05
C PHE A 32 -7.33 -8.19 -3.51
N LYS A 33 -7.28 -9.21 -4.35
CA LYS A 33 -7.71 -10.54 -3.96
C LYS A 33 -6.52 -11.49 -3.80
N ASP A 34 -5.34 -10.90 -3.63
CA ASP A 34 -4.11 -11.68 -3.47
C ASP A 34 -3.85 -11.96 -1.99
N LYS A 35 -3.36 -13.17 -1.71
CA LYS A 35 -3.06 -13.57 -0.34
C LYS A 35 -1.67 -13.10 0.07
N THR A 36 -1.21 -12.01 -0.54
CA THR A 36 0.10 -11.46 -0.24
C THR A 36 -0.01 -10.19 0.61
N ILE A 37 -1.20 -9.59 0.60
CA ILE A 37 -1.45 -8.37 1.36
C ILE A 37 -1.58 -8.67 2.85
N SER A 38 -2.04 -9.88 3.17
CA SER A 38 -2.21 -10.28 4.55
C SER A 38 -0.93 -10.08 5.35
N SER A 39 0.21 -10.29 4.68
CA SER A 39 1.51 -10.14 5.32
C SER A 39 1.88 -8.66 5.46
N SER A 40 1.16 -7.81 4.74
CA SER A 40 1.41 -6.38 4.78
C SER A 40 2.86 -6.07 4.46
N LEU A 41 3.49 -6.94 3.67
CA LEU A 41 4.88 -6.76 3.29
C LEU A 41 5.00 -5.80 2.11
N ALA A 42 4.04 -5.87 1.19
CA ALA A 42 4.04 -5.00 0.02
C ALA A 42 3.58 -3.60 0.38
N VAL A 43 2.65 -3.51 1.33
CA VAL A 43 2.13 -2.22 1.77
C VAL A 43 3.23 -1.36 2.39
N VAL A 44 3.92 -1.93 3.37
CA VAL A 44 5.00 -1.21 4.05
C VAL A 44 6.07 -0.77 3.06
N ASP A 45 6.56 -1.71 2.26
CA ASP A 45 7.58 -1.42 1.27
C ASP A 45 7.15 -0.27 0.35
N LEU A 46 5.85 -0.21 0.08
CA LEU A 46 5.30 0.84 -0.78
C LEU A 46 5.54 2.22 -0.17
N ILE A 47 4.95 2.45 0.99
CA ILE A 47 5.10 3.73 1.68
C ILE A 47 6.52 4.28 1.53
N ASP A 48 7.49 3.51 2.02
CA ASP A 48 8.89 3.92 1.94
C ASP A 48 9.16 4.68 0.64
N ALA A 49 8.70 4.12 -0.47
CA ALA A 49 8.90 4.75 -1.77
C ALA A 49 8.50 6.22 -1.74
N ILE A 50 7.30 6.50 -1.24
CA ILE A 50 6.81 7.87 -1.15
C ILE A 50 7.59 8.66 -0.11
N GLN A 51 7.53 8.20 1.14
CA GLN A 51 8.23 8.87 2.22
C GLN A 51 9.18 7.92 2.93
N PRO A 52 10.37 7.72 2.34
CA PRO A 52 11.39 6.83 2.89
C PRO A 52 12.01 7.38 4.18
N GLY A 53 12.83 6.57 4.83
CA GLY A 53 13.48 6.99 6.06
C GLY A 53 12.63 6.70 7.29
N CYS A 54 11.31 6.72 7.11
CA CYS A 54 10.38 6.46 8.21
C CYS A 54 10.19 4.96 8.40
N ILE A 55 10.02 4.23 7.30
CA ILE A 55 9.82 2.79 7.35
C ILE A 55 11.01 2.10 8.03
N ASN A 56 10.75 1.49 9.18
CA ASN A 56 11.79 0.78 9.92
C ASN A 56 11.58 -0.72 9.84
N TYR A 57 12.24 -1.36 8.87
CA TYR A 57 12.13 -2.80 8.69
C TYR A 57 12.51 -3.53 9.96
N ASP A 58 13.51 -3.01 10.67
CA ASP A 58 13.98 -3.63 11.90
C ASP A 58 12.81 -4.16 12.72
N LEU A 59 11.67 -3.47 12.64
CA LEU A 59 10.48 -3.88 13.37
C LEU A 59 9.57 -4.73 12.49
N VAL A 60 9.45 -4.35 11.23
CA VAL A 60 8.60 -5.08 10.28
C VAL A 60 9.02 -6.54 10.19
N LYS A 61 8.05 -7.44 10.30
CA LYS A 61 8.31 -8.87 10.22
C LYS A 61 8.14 -9.38 8.80
N SER A 62 8.45 -10.66 8.59
CA SER A 62 8.34 -11.27 7.27
C SER A 62 8.46 -12.78 7.37
N GLY A 63 8.25 -13.46 6.24
CA GLY A 63 8.34 -14.91 6.22
C GLY A 63 7.13 -15.57 6.86
N ASN A 64 7.39 -16.56 7.72
CA ASN A 64 6.32 -17.28 8.40
C ASN A 64 5.63 -16.38 9.43
N LEU A 65 4.64 -15.63 8.96
CA LEU A 65 3.88 -14.73 9.84
C LEU A 65 2.65 -15.41 10.39
N THR A 66 2.67 -15.74 11.68
CA THR A 66 1.54 -16.40 12.33
C THR A 66 0.33 -15.48 12.40
N GLU A 67 -0.83 -16.05 12.68
CA GLU A 67 -2.06 -15.28 12.78
C GLU A 67 -1.80 -13.93 13.45
N ASP A 68 -0.93 -13.93 14.46
CA ASP A 68 -0.59 -12.72 15.19
C ASP A 68 0.33 -11.83 14.36
N ASP A 69 1.48 -12.37 13.99
CA ASP A 69 2.46 -11.63 13.19
C ASP A 69 1.77 -10.79 12.13
N LYS A 70 1.12 -11.46 11.19
CA LYS A 70 0.41 -10.76 10.11
C LYS A 70 -0.23 -9.47 10.62
N HIS A 71 -1.04 -9.60 11.68
CA HIS A 71 -1.70 -8.44 12.26
C HIS A 71 -0.71 -7.35 12.61
N ASN A 72 0.41 -7.74 13.23
CA ASN A 72 1.45 -6.79 13.61
C ASN A 72 1.98 -6.05 12.39
N ASN A 73 2.30 -6.79 11.33
CA ASN A 73 2.82 -6.20 10.11
C ASN A 73 1.86 -5.16 9.56
N ALA A 74 0.59 -5.53 9.45
CA ALA A 74 -0.44 -4.63 8.93
C ALA A 74 -0.49 -3.35 9.75
N LYS A 75 -0.80 -3.48 11.04
CA LYS A 75 -0.88 -2.32 11.92
C LYS A 75 0.24 -1.33 11.63
N TYR A 76 1.47 -1.83 11.53
CA TYR A 76 2.62 -0.98 11.26
C TYR A 76 2.40 -0.15 10.01
N ALA A 77 2.17 -0.83 8.88
CA ALA A 77 1.93 -0.15 7.62
C ALA A 77 0.89 0.95 7.76
N VAL A 78 -0.29 0.58 8.26
CA VAL A 78 -1.38 1.53 8.44
C VAL A 78 -0.90 2.76 9.21
N SER A 79 -0.26 2.53 10.36
CA SER A 79 0.24 3.62 11.18
C SER A 79 1.11 4.57 10.35
N MET A 80 2.11 4.00 9.68
CA MET A 80 3.02 4.81 8.86
C MET A 80 2.23 5.62 7.83
N ALA A 81 1.45 4.94 7.00
CA ALA A 81 0.66 5.60 5.98
C ALA A 81 -0.05 6.82 6.54
N ARG A 82 -0.80 6.62 7.62
CA ARG A 82 -1.54 7.71 8.26
C ARG A 82 -0.58 8.71 8.90
N ARG A 83 0.60 8.25 9.26
CA ARG A 83 1.62 9.10 9.87
C ARG A 83 2.19 10.08 8.84
N ILE A 84 2.46 9.57 7.64
CA ILE A 84 3.02 10.39 6.58
C ILE A 84 1.94 11.27 5.94
N GLY A 85 0.74 11.20 6.49
CA GLY A 85 -0.36 12.00 5.96
C GLY A 85 -1.12 11.27 4.87
N ALA A 86 -1.82 10.19 5.25
CA ALA A 86 -2.60 9.41 4.30
C ALA A 86 -4.06 9.34 4.72
N ARG A 87 -4.91 10.14 4.08
CA ARG A 87 -6.33 10.16 4.38
C ARG A 87 -6.84 8.77 4.71
N VAL A 88 -6.33 7.77 3.98
CA VAL A 88 -6.74 6.39 4.20
C VAL A 88 -6.96 6.09 5.68
N TYR A 89 -8.21 5.85 6.05
CA TYR A 89 -8.55 5.55 7.43
C TYR A 89 -9.08 4.13 7.57
N ALA A 90 -8.62 3.24 6.70
CA ALA A 90 -9.03 1.84 6.73
C ALA A 90 -8.51 1.14 7.97
N LEU A 91 -9.07 -0.03 8.27
CA LEU A 91 -8.65 -0.80 9.44
C LEU A 91 -7.52 -1.76 9.07
N PRO A 92 -6.66 -2.05 10.06
CA PRO A 92 -5.52 -2.96 9.87
C PRO A 92 -5.95 -4.41 9.70
N GLU A 93 -7.23 -4.68 9.96
CA GLU A 93 -7.77 -6.01 9.82
C GLU A 93 -8.12 -6.33 8.37
N ASP A 94 -8.53 -5.30 7.64
CA ASP A 94 -8.89 -5.47 6.23
C ASP A 94 -7.76 -6.14 5.46
N LEU A 95 -6.53 -5.69 5.70
CA LEU A 95 -5.37 -6.25 5.03
C LEU A 95 -5.19 -7.72 5.37
N VAL A 96 -5.24 -8.03 6.66
CA VAL A 96 -5.10 -9.41 7.12
C VAL A 96 -5.96 -10.36 6.31
N GLU A 97 -7.25 -10.05 6.22
CA GLU A 97 -8.19 -10.87 5.46
C GLU A 97 -8.13 -10.54 3.98
N VAL A 98 -7.30 -9.57 3.62
CA VAL A 98 -7.15 -9.15 2.24
C VAL A 98 -8.51 -8.94 1.57
N LYS A 99 -9.37 -8.16 2.23
CA LYS A 99 -10.70 -7.89 1.71
C LYS A 99 -10.62 -6.95 0.50
N PRO A 100 -11.15 -7.42 -0.64
CA PRO A 100 -11.16 -6.64 -1.89
C PRO A 100 -12.11 -5.45 -1.82
N LYS A 101 -12.75 -5.27 -0.66
CA LYS A 101 -13.69 -4.17 -0.46
C LYS A 101 -12.97 -2.93 0.05
N MET A 102 -12.03 -3.13 0.95
CA MET A 102 -11.25 -2.02 1.52
C MET A 102 -9.85 -1.98 0.92
N VAL A 103 -9.20 -3.13 0.84
CA VAL A 103 -7.85 -3.21 0.28
C VAL A 103 -7.76 -2.45 -1.03
N MET A 104 -8.90 -2.22 -1.67
CA MET A 104 -8.94 -1.50 -2.93
C MET A 104 -8.71 -0.01 -2.71
N THR A 105 -9.40 0.56 -1.72
CA THR A 105 -9.27 1.98 -1.41
C THR A 105 -7.97 2.26 -0.66
N VAL A 106 -7.51 1.27 0.10
CA VAL A 106 -6.28 1.41 0.87
C VAL A 106 -5.10 1.79 -0.03
N PHE A 107 -5.03 1.15 -1.19
CA PHE A 107 -3.96 1.41 -2.15
C PHE A 107 -4.19 2.73 -2.86
N ALA A 108 -5.40 2.90 -3.41
CA ALA A 108 -5.74 4.13 -4.13
C ALA A 108 -5.39 5.36 -3.30
N CYS A 109 -5.95 5.45 -2.10
CA CYS A 109 -5.69 6.59 -1.22
C CYS A 109 -4.22 6.98 -1.26
N LEU A 110 -3.34 6.01 -1.08
CA LEU A 110 -1.90 6.26 -1.10
C LEU A 110 -1.49 6.96 -2.38
N MET A 111 -1.93 6.43 -3.51
CA MET A 111 -1.59 7.00 -4.81
C MET A 111 -1.85 8.51 -4.81
N GLY A 112 -3.04 8.90 -4.37
CA GLY A 112 -3.39 10.31 -4.33
C GLY A 112 -2.30 11.16 -3.72
N ARG A 113 -1.73 10.69 -2.61
CA ARG A 113 -0.68 11.42 -1.93
C ARG A 113 0.63 11.32 -2.70
N GLY A 114 1.13 10.11 -2.87
CA GLY A 114 2.38 9.90 -3.60
C GLY A 114 2.48 10.77 -4.83
N MET A 115 1.60 10.54 -5.79
CA MET A 115 1.60 11.31 -7.03
C MET A 115 1.37 12.79 -6.75
N LYS A 116 2.34 13.62 -7.13
CA LYS A 116 2.24 15.06 -6.91
C LYS A 116 1.42 15.72 -8.01
N ARG A 117 0.61 16.70 -7.63
CA ARG A 117 -0.23 17.42 -8.58
C ARG A 117 -1.09 16.44 -9.39
N VAL A 118 -1.42 15.31 -8.77
CA VAL A 118 -2.23 14.30 -9.44
C VAL A 118 -3.60 14.85 -9.81
N SER A 119 -4.08 14.48 -10.99
CA SER A 119 -5.37 14.94 -11.48
C SER A 119 -6.45 14.73 -10.42
N GLY A 120 -6.88 15.81 -9.79
CA GLY A 120 -7.90 15.71 -8.77
C GLY A 120 -8.05 17.00 -7.98
N PRO A 121 -9.23 17.19 -7.36
CA PRO A 121 -9.51 18.38 -6.55
C PRO A 121 -8.71 18.42 -5.26
N SER A 122 -8.50 19.62 -4.75
CA SER A 122 -7.74 19.81 -3.51
C SER A 122 -8.55 19.34 -2.30
N SER A 123 -7.85 18.83 -1.29
CA SER A 123 -8.51 18.34 -0.09
C SER A 123 -8.72 19.47 0.91
N GLY A 124 -7.67 20.24 1.15
CA GLY A 124 -7.75 21.35 2.08
C GLY A 124 -7.65 22.71 1.39
N GLY A 1 -24.09 12.79 -10.81
CA GLY A 1 -24.48 14.06 -10.24
C GLY A 1 -23.29 14.93 -9.87
N SER A 2 -22.67 14.63 -8.74
CA SER A 2 -21.52 15.39 -8.27
C SER A 2 -20.25 14.53 -8.29
N SER A 3 -19.15 15.12 -8.75
CA SER A 3 -17.87 14.42 -8.81
C SER A 3 -17.62 13.64 -7.53
N GLY A 4 -16.98 12.48 -7.66
CA GLY A 4 -16.68 11.67 -6.49
C GLY A 4 -16.55 10.20 -6.84
N SER A 5 -17.42 9.71 -7.71
CA SER A 5 -17.40 8.32 -8.11
C SER A 5 -16.04 7.94 -8.69
N SER A 6 -15.79 6.63 -8.78
CA SER A 6 -14.53 6.13 -9.30
C SER A 6 -14.71 4.74 -9.93
N GLY A 7 -13.64 4.24 -10.53
CA GLY A 7 -13.71 2.93 -11.17
C GLY A 7 -12.35 2.47 -11.67
N ASN A 8 -11.49 2.07 -10.75
CA ASN A 8 -10.15 1.60 -11.10
C ASN A 8 -9.84 0.27 -10.42
N ASP A 9 -9.41 -0.71 -11.21
CA ASP A 9 -9.08 -2.03 -10.68
C ASP A 9 -7.60 -2.33 -10.87
N ASP A 10 -7.16 -2.33 -12.13
CA ASP A 10 -5.76 -2.60 -12.45
C ASP A 10 -4.90 -1.35 -12.24
N ILE A 11 -5.36 -0.23 -12.79
CA ILE A 11 -4.64 1.03 -12.67
C ILE A 11 -3.92 1.13 -11.32
N ILE A 12 -4.66 0.85 -10.24
CA ILE A 12 -4.09 0.90 -8.90
C ILE A 12 -2.97 -0.11 -8.74
N VAL A 13 -3.27 -1.38 -8.99
CA VAL A 13 -2.29 -2.45 -8.88
C VAL A 13 -1.00 -2.09 -9.60
N ASN A 14 -1.13 -1.54 -10.80
CA ASN A 14 0.03 -1.14 -11.59
C ASN A 14 0.86 -0.09 -10.85
N TRP A 15 0.18 0.87 -10.24
CA TRP A 15 0.84 1.93 -9.50
C TRP A 15 1.66 1.37 -8.34
N VAL A 16 1.00 0.59 -7.49
CA VAL A 16 1.66 -0.02 -6.35
C VAL A 16 3.03 -0.54 -6.71
N ASN A 17 3.09 -1.37 -7.76
CA ASN A 17 4.35 -1.94 -8.21
C ASN A 17 5.32 -0.84 -8.65
N ARG A 18 4.80 0.13 -9.40
CA ARG A 18 5.63 1.24 -9.88
C ARG A 18 6.36 1.91 -8.71
N THR A 19 5.59 2.43 -7.76
CA THR A 19 6.15 3.11 -6.60
C THR A 19 7.17 2.21 -5.90
N LEU A 20 6.84 0.94 -5.76
CA LEU A 20 7.72 -0.02 -5.10
C LEU A 20 9.05 -0.12 -5.83
N SER A 21 9.00 -0.23 -7.16
CA SER A 21 10.21 -0.34 -7.96
C SER A 21 11.00 0.96 -7.93
N GLU A 22 10.29 2.07 -8.10
CA GLU A 22 10.93 3.39 -8.09
C GLU A 22 12.09 3.43 -7.09
N ALA A 23 11.83 2.94 -5.88
CA ALA A 23 12.85 2.92 -4.84
C ALA A 23 13.68 1.64 -4.91
N GLY A 24 13.00 0.51 -5.07
CA GLY A 24 13.68 -0.77 -5.14
C GLY A 24 13.24 -1.73 -4.06
N LYS A 25 11.93 -1.87 -3.89
CA LYS A 25 11.38 -2.77 -2.88
C LYS A 25 11.22 -4.17 -3.43
N SER A 26 11.53 -5.17 -2.61
CA SER A 26 11.41 -6.57 -3.03
C SER A 26 10.04 -7.14 -2.65
N THR A 27 9.01 -6.34 -2.85
CA THR A 27 7.65 -6.75 -2.55
C THR A 27 6.66 -6.23 -3.59
N SER A 28 5.54 -6.93 -3.74
CA SER A 28 4.51 -6.54 -4.71
C SER A 28 3.28 -7.43 -4.56
N ILE A 29 2.13 -6.88 -4.93
CA ILE A 29 0.88 -7.62 -4.86
C ILE A 29 0.33 -7.92 -6.25
N GLN A 30 -0.51 -8.95 -6.34
CA GLN A 30 -1.10 -9.35 -7.61
C GLN A 30 -2.44 -8.65 -7.83
N SER A 31 -3.23 -8.53 -6.77
CA SER A 31 -4.54 -7.89 -6.84
C SER A 31 -5.15 -7.77 -5.46
N PHE A 32 -6.23 -6.99 -5.37
CA PHE A 32 -6.92 -6.77 -4.10
C PHE A 32 -7.39 -8.11 -3.51
N LYS A 33 -7.37 -9.15 -4.32
CA LYS A 33 -7.78 -10.47 -3.88
C LYS A 33 -6.60 -11.43 -3.85
N ASP A 34 -5.44 -10.91 -3.48
CA ASP A 34 -4.23 -11.73 -3.40
C ASP A 34 -3.93 -12.13 -1.96
N LYS A 35 -3.21 -13.22 -1.79
CA LYS A 35 -2.85 -13.73 -0.47
C LYS A 35 -1.53 -13.12 0.01
N THR A 36 -1.21 -11.94 -0.51
CA THR A 36 0.03 -11.25 -0.14
C THR A 36 -0.25 -10.09 0.82
N ILE A 37 -1.32 -9.35 0.54
CA ILE A 37 -1.69 -8.22 1.38
C ILE A 37 -1.77 -8.62 2.85
N SER A 38 -2.20 -9.85 3.09
CA SER A 38 -2.32 -10.36 4.45
C SER A 38 -1.02 -10.17 5.22
N SER A 39 0.11 -10.41 4.56
CA SER A 39 1.41 -10.26 5.18
C SER A 39 1.73 -8.79 5.43
N SER A 40 1.13 -7.91 4.62
CA SER A 40 1.36 -6.48 4.75
C SER A 40 2.83 -6.13 4.50
N LEU A 41 3.49 -6.97 3.71
CA LEU A 41 4.91 -6.76 3.38
C LEU A 41 5.05 -5.79 2.22
N ALA A 42 4.13 -5.86 1.27
CA ALA A 42 4.15 -4.99 0.11
C ALA A 42 3.73 -3.57 0.47
N VAL A 43 2.69 -3.46 1.31
CA VAL A 43 2.19 -2.16 1.73
C VAL A 43 3.29 -1.35 2.43
N VAL A 44 3.82 -1.90 3.51
CA VAL A 44 4.87 -1.23 4.27
C VAL A 44 5.98 -0.73 3.34
N ASP A 45 6.34 -1.55 2.36
CA ASP A 45 7.38 -1.20 1.41
C ASP A 45 6.95 -0.01 0.55
N LEU A 46 5.69 -0.02 0.14
CA LEU A 46 5.15 1.05 -0.69
C LEU A 46 5.42 2.42 -0.06
N ILE A 47 5.10 2.55 1.21
CA ILE A 47 5.31 3.80 1.94
C ILE A 47 6.76 4.25 1.83
N ASP A 48 7.68 3.33 2.12
CA ASP A 48 9.11 3.63 2.05
C ASP A 48 9.45 4.38 0.77
N ALA A 49 9.02 3.83 -0.36
CA ALA A 49 9.28 4.45 -1.66
C ALA A 49 8.90 5.92 -1.65
N ILE A 50 7.69 6.22 -1.18
CA ILE A 50 7.20 7.59 -1.12
C ILE A 50 8.01 8.41 -0.12
N GLN A 51 8.05 7.95 1.12
CA GLN A 51 8.79 8.65 2.16
C GLN A 51 9.69 7.68 2.94
N PRO A 52 10.88 7.41 2.39
CA PRO A 52 11.85 6.50 3.01
C PRO A 52 12.46 7.09 4.28
N GLY A 53 13.20 6.25 5.01
CA GLY A 53 13.82 6.71 6.24
C GLY A 53 12.92 6.53 7.45
N CYS A 54 11.62 6.66 7.24
CA CYS A 54 10.66 6.51 8.32
C CYS A 54 10.32 5.05 8.56
N ILE A 55 10.27 4.26 7.49
CA ILE A 55 9.97 2.84 7.60
C ILE A 55 11.11 2.09 8.30
N ASN A 56 10.78 1.44 9.40
CA ASN A 56 11.77 0.68 10.16
C ASN A 56 11.50 -0.82 10.06
N TYR A 57 12.18 -1.47 9.12
CA TYR A 57 12.01 -2.91 8.92
C TYR A 57 12.41 -3.68 10.18
N ASP A 58 13.46 -3.22 10.84
CA ASP A 58 13.94 -3.87 12.06
C ASP A 58 12.78 -4.44 12.87
N LEU A 59 11.69 -3.68 12.95
CA LEU A 59 10.51 -4.11 13.70
C LEU A 59 9.63 -5.00 12.84
N VAL A 60 9.43 -4.61 11.59
CA VAL A 60 8.60 -5.37 10.66
C VAL A 60 9.10 -6.81 10.54
N LYS A 61 8.17 -7.74 10.38
CA LYS A 61 8.52 -9.15 10.25
C LYS A 61 8.34 -9.63 8.81
N SER A 62 8.84 -10.82 8.52
CA SER A 62 8.74 -11.39 7.18
C SER A 62 9.18 -12.84 7.18
N GLY A 63 8.48 -13.67 6.39
CA GLY A 63 8.81 -15.07 6.31
C GLY A 63 8.03 -15.91 7.30
N ASN A 64 6.93 -16.50 6.84
CA ASN A 64 6.09 -17.34 7.69
C ASN A 64 5.47 -16.52 8.82
N LEU A 65 4.81 -15.43 8.44
CA LEU A 65 4.17 -14.55 9.42
C LEU A 65 2.95 -15.23 10.05
N THR A 66 3.06 -15.57 11.32
CA THR A 66 1.97 -16.22 12.04
C THR A 66 0.79 -15.28 12.24
N GLU A 67 -0.39 -15.83 12.45
CA GLU A 67 -1.59 -15.03 12.65
C GLU A 67 -1.26 -13.72 13.33
N ASP A 68 -0.43 -13.79 14.37
CA ASP A 68 -0.02 -12.59 15.11
C ASP A 68 0.82 -11.68 14.24
N ASP A 69 1.88 -12.23 13.65
CA ASP A 69 2.77 -11.46 12.79
C ASP A 69 1.97 -10.68 11.75
N LYS A 70 1.30 -11.40 10.86
CA LYS A 70 0.50 -10.77 9.82
C LYS A 70 -0.26 -9.56 10.35
N HIS A 71 -0.95 -9.76 11.47
CA HIS A 71 -1.71 -8.67 12.10
C HIS A 71 -0.80 -7.53 12.52
N ASN A 72 0.34 -7.88 13.11
CA ASN A 72 1.30 -6.88 13.57
C ASN A 72 1.79 -6.04 12.40
N ASN A 73 2.14 -6.69 11.31
CA ASN A 73 2.62 -6.00 10.12
C ASN A 73 1.59 -5.00 9.61
N ALA A 74 0.33 -5.42 9.59
CA ALA A 74 -0.75 -4.56 9.13
C ALA A 74 -0.84 -3.29 9.97
N LYS A 75 -1.15 -3.46 11.26
CA LYS A 75 -1.27 -2.32 12.17
C LYS A 75 -0.21 -1.27 11.87
N TYR A 76 1.02 -1.72 11.68
CA TYR A 76 2.13 -0.82 11.39
C TYR A 76 1.87 -0.03 10.12
N ALA A 77 1.66 -0.75 9.01
CA ALA A 77 1.39 -0.11 7.73
C ALA A 77 0.24 0.88 7.83
N VAL A 78 -0.76 0.54 8.63
CA VAL A 78 -1.92 1.40 8.82
C VAL A 78 -1.52 2.74 9.42
N SER A 79 -0.65 2.69 10.43
CA SER A 79 -0.19 3.90 11.09
C SER A 79 0.73 4.70 10.18
N MET A 80 1.68 4.01 9.55
CA MET A 80 2.64 4.66 8.65
C MET A 80 1.91 5.32 7.49
N ALA A 81 1.14 4.53 6.74
CA ALA A 81 0.39 5.04 5.61
C ALA A 81 -0.10 6.46 5.85
N ARG A 82 -0.98 6.61 6.85
CA ARG A 82 -1.52 7.91 7.19
C ARG A 82 -0.43 8.83 7.75
N ARG A 83 0.42 8.26 8.60
CA ARG A 83 1.50 9.02 9.21
C ARG A 83 2.22 9.88 8.17
N ILE A 84 2.76 9.23 7.15
CA ILE A 84 3.47 9.93 6.09
C ILE A 84 2.58 10.95 5.39
N GLY A 85 1.27 10.75 5.51
CA GLY A 85 0.32 11.65 4.89
C GLY A 85 -0.66 10.94 3.98
N ALA A 86 -1.62 10.24 4.57
CA ALA A 86 -2.62 9.51 3.81
C ALA A 86 -3.99 9.56 4.49
N ARG A 87 -5.01 9.92 3.72
CA ARG A 87 -6.37 10.01 4.25
C ARG A 87 -7.07 8.66 4.19
N VAL A 88 -6.39 7.62 4.66
CA VAL A 88 -6.94 6.27 4.66
C VAL A 88 -7.09 5.74 6.08
N TYR A 89 -8.33 5.45 6.48
CA TYR A 89 -8.59 4.94 7.81
C TYR A 89 -9.13 3.51 7.75
N ALA A 90 -8.51 2.69 6.91
CA ALA A 90 -8.92 1.30 6.76
C ALA A 90 -8.41 0.45 7.91
N LEU A 91 -9.32 -0.26 8.57
CA LEU A 91 -8.97 -1.12 9.69
C LEU A 91 -7.77 -2.00 9.36
N PRO A 92 -6.98 -2.34 10.38
CA PRO A 92 -5.80 -3.18 10.21
C PRO A 92 -6.15 -4.63 9.86
N GLU A 93 -7.37 -5.03 10.21
CA GLU A 93 -7.82 -6.39 9.93
C GLU A 93 -8.04 -6.60 8.44
N ASP A 94 -8.67 -5.61 7.80
CA ASP A 94 -8.94 -5.69 6.36
C ASP A 94 -7.74 -6.26 5.61
N LEU A 95 -6.55 -5.80 5.97
CA LEU A 95 -5.32 -6.28 5.33
C LEU A 95 -5.14 -7.77 5.55
N VAL A 96 -5.05 -8.18 6.81
CA VAL A 96 -4.88 -9.59 7.15
C VAL A 96 -5.87 -10.46 6.40
N GLU A 97 -7.11 -9.98 6.29
CA GLU A 97 -8.15 -10.73 5.59
C GLU A 97 -8.03 -10.55 4.09
N VAL A 98 -7.48 -9.41 3.67
CA VAL A 98 -7.31 -9.11 2.26
C VAL A 98 -8.66 -8.86 1.58
N LYS A 99 -9.45 -7.98 2.17
CA LYS A 99 -10.77 -7.64 1.62
C LYS A 99 -10.64 -6.78 0.37
N PRO A 100 -11.18 -7.26 -0.74
CA PRO A 100 -11.14 -6.55 -2.02
C PRO A 100 -12.03 -5.30 -2.02
N LYS A 101 -12.65 -5.04 -0.88
CA LYS A 101 -13.53 -3.87 -0.73
C LYS A 101 -12.78 -2.71 -0.09
N MET A 102 -12.01 -3.02 0.95
CA MET A 102 -11.24 -2.01 1.67
C MET A 102 -9.86 -1.83 1.04
N VAL A 103 -9.13 -2.93 0.90
CA VAL A 103 -7.79 -2.90 0.32
C VAL A 103 -7.76 -2.05 -0.95
N MET A 104 -8.86 -2.07 -1.70
CA MET A 104 -8.96 -1.31 -2.93
C MET A 104 -8.71 0.18 -2.66
N THR A 105 -9.41 0.72 -1.66
CA THR A 105 -9.27 2.13 -1.31
C THR A 105 -8.02 2.37 -0.48
N VAL A 106 -7.57 1.32 0.21
CA VAL A 106 -6.38 1.43 1.04
C VAL A 106 -5.18 1.93 0.23
N PHE A 107 -5.09 1.47 -1.01
CA PHE A 107 -4.00 1.87 -1.89
C PHE A 107 -4.34 3.17 -2.62
N ALA A 108 -5.54 3.25 -3.16
CA ALA A 108 -5.99 4.43 -3.87
C ALA A 108 -5.56 5.71 -3.15
N CYS A 109 -5.97 5.82 -1.89
CA CYS A 109 -5.64 6.99 -1.08
C CYS A 109 -4.17 7.36 -1.25
N LEU A 110 -3.28 6.43 -0.90
CA LEU A 110 -1.85 6.67 -1.01
C LEU A 110 -1.50 7.26 -2.37
N MET A 111 -1.90 6.58 -3.43
CA MET A 111 -1.63 7.04 -4.78
C MET A 111 -1.88 8.54 -4.91
N GLY A 112 -3.10 8.97 -4.61
CA GLY A 112 -3.45 10.38 -4.69
C GLY A 112 -2.29 11.27 -4.30
N ARG A 113 -1.66 10.97 -3.16
CA ARG A 113 -0.55 11.77 -2.67
C ARG A 113 0.73 11.46 -3.47
N GLY A 114 1.12 10.19 -3.47
CA GLY A 114 2.31 9.78 -4.19
C GLY A 114 2.35 10.34 -5.60
N MET A 115 1.40 9.91 -6.42
CA MET A 115 1.32 10.37 -7.81
C MET A 115 1.78 11.81 -7.93
N LYS A 116 2.77 12.05 -8.79
CA LYS A 116 3.30 13.39 -9.00
C LYS A 116 2.31 14.25 -9.78
N ARG A 117 2.14 15.49 -9.36
CA ARG A 117 1.23 16.42 -10.02
C ARG A 117 1.96 17.23 -11.09
N VAL A 118 1.25 17.56 -12.16
CA VAL A 118 1.82 18.33 -13.26
C VAL A 118 2.52 19.58 -12.74
N SER A 119 3.40 20.15 -13.56
CA SER A 119 4.12 21.35 -13.19
C SER A 119 4.90 21.92 -14.37
N GLY A 120 4.53 23.12 -14.80
CA GLY A 120 5.20 23.75 -15.93
C GLY A 120 4.26 24.59 -16.76
N PRO A 121 4.79 25.70 -17.31
CA PRO A 121 4.00 26.61 -18.14
C PRO A 121 3.63 26.00 -19.48
N SER A 122 2.41 25.49 -19.58
CA SER A 122 1.93 24.87 -20.82
C SER A 122 2.89 23.78 -21.29
N SER A 123 3.35 22.97 -20.33
CA SER A 123 4.28 21.88 -20.65
C SER A 123 4.06 20.70 -19.71
N GLY A 124 4.39 19.51 -20.19
CA GLY A 124 4.23 18.31 -19.38
C GLY A 124 2.77 17.91 -19.22
N GLY A 1 -15.10 -14.70 -6.31
CA GLY A 1 -16.21 -15.18 -7.12
C GLY A 1 -16.11 -14.70 -8.56
N SER A 2 -16.89 -13.66 -8.90
CA SER A 2 -16.89 -13.12 -10.24
C SER A 2 -15.64 -12.28 -10.50
N SER A 3 -14.87 -12.66 -11.51
CA SER A 3 -13.65 -11.95 -11.86
C SER A 3 -13.96 -10.72 -12.71
N GLY A 4 -13.41 -9.58 -12.32
CA GLY A 4 -13.64 -8.35 -13.06
C GLY A 4 -14.16 -7.23 -12.18
N SER A 5 -13.41 -6.15 -12.08
CA SER A 5 -13.81 -5.01 -11.27
C SER A 5 -14.11 -3.79 -12.13
N SER A 6 -15.25 -3.15 -11.87
CA SER A 6 -15.66 -1.98 -12.64
C SER A 6 -15.03 -0.72 -12.07
N GLY A 7 -13.96 -0.24 -12.71
CA GLY A 7 -13.28 0.95 -12.25
C GLY A 7 -11.83 1.00 -12.67
N ASN A 8 -10.99 1.63 -11.86
CA ASN A 8 -9.56 1.74 -12.15
C ASN A 8 -8.76 0.76 -11.31
N ASP A 9 -9.22 -0.48 -11.25
CA ASP A 9 -8.54 -1.51 -10.48
C ASP A 9 -7.11 -1.71 -10.98
N ASP A 10 -6.98 -2.10 -12.25
CA ASP A 10 -5.66 -2.33 -12.85
C ASP A 10 -4.76 -1.11 -12.63
N ILE A 11 -5.19 0.04 -13.14
CA ILE A 11 -4.41 1.27 -13.00
C ILE A 11 -3.71 1.33 -11.65
N ILE A 12 -4.41 0.92 -10.61
CA ILE A 12 -3.86 0.92 -9.26
C ILE A 12 -2.73 -0.09 -9.13
N VAL A 13 -3.02 -1.35 -9.44
CA VAL A 13 -2.03 -2.41 -9.37
C VAL A 13 -0.74 -2.01 -10.07
N ASN A 14 -0.87 -1.41 -11.24
CA ASN A 14 0.28 -0.97 -12.02
C ASN A 14 1.13 0.02 -11.22
N TRP A 15 0.48 1.01 -10.64
CA TRP A 15 1.18 2.02 -9.84
C TRP A 15 1.87 1.38 -8.64
N VAL A 16 1.07 0.70 -7.81
CA VAL A 16 1.60 0.04 -6.63
C VAL A 16 2.92 -0.67 -6.92
N ASN A 17 2.98 -1.33 -8.06
CA ASN A 17 4.19 -2.05 -8.47
C ASN A 17 5.26 -1.08 -8.94
N ARG A 18 4.83 0.04 -9.53
CA ARG A 18 5.77 1.05 -10.02
C ARG A 18 6.52 1.71 -8.87
N THR A 19 5.77 2.31 -7.96
CA THR A 19 6.36 2.98 -6.80
C THR A 19 7.37 2.08 -6.09
N LEU A 20 7.02 0.80 -5.97
CA LEU A 20 7.89 -0.16 -5.31
C LEU A 20 9.25 -0.24 -6.01
N SER A 21 9.22 -0.25 -7.34
CA SER A 21 10.45 -0.32 -8.12
C SER A 21 11.27 0.95 -7.96
N GLU A 22 10.60 2.09 -8.07
CA GLU A 22 11.26 3.38 -7.95
C GLU A 22 12.37 3.33 -6.89
N ALA A 23 12.13 2.55 -5.83
CA ALA A 23 13.09 2.41 -4.75
C ALA A 23 13.89 1.12 -4.91
N GLY A 24 13.24 0.09 -5.43
CA GLY A 24 13.90 -1.19 -5.61
C GLY A 24 13.54 -2.20 -4.54
N LYS A 25 12.24 -2.47 -4.40
CA LYS A 25 11.77 -3.42 -3.39
C LYS A 25 11.57 -4.80 -4.00
N SER A 26 11.65 -5.83 -3.17
CA SER A 26 11.48 -7.21 -3.62
C SER A 26 10.03 -7.66 -3.46
N THR A 27 9.22 -6.80 -2.85
CA THR A 27 7.81 -7.11 -2.63
C THR A 27 6.95 -6.66 -3.80
N SER A 28 5.75 -7.24 -3.91
CA SER A 28 4.84 -6.90 -4.99
C SER A 28 3.50 -7.60 -4.81
N ILE A 29 2.50 -7.17 -5.57
CA ILE A 29 1.17 -7.76 -5.50
C ILE A 29 0.56 -7.93 -6.89
N GLN A 30 -0.63 -8.51 -6.93
CA GLN A 30 -1.33 -8.73 -8.20
C GLN A 30 -2.72 -8.13 -8.18
N SER A 31 -3.39 -8.24 -7.03
CA SER A 31 -4.74 -7.71 -6.87
C SER A 31 -5.08 -7.52 -5.40
N PHE A 32 -6.30 -7.05 -5.13
CA PHE A 32 -6.75 -6.83 -3.77
C PHE A 32 -7.28 -8.12 -3.15
N LYS A 33 -7.02 -9.23 -3.82
CA LYS A 33 -7.47 -10.53 -3.34
C LYS A 33 -6.29 -11.46 -3.06
N ASP A 34 -5.18 -11.21 -3.76
CA ASP A 34 -3.98 -12.01 -3.59
C ASP A 34 -3.73 -12.32 -2.11
N LYS A 35 -3.04 -13.42 -1.84
CA LYS A 35 -2.73 -13.83 -0.47
C LYS A 35 -1.38 -13.27 -0.03
N THR A 36 -0.97 -12.18 -0.66
CA THR A 36 0.31 -11.55 -0.32
C THR A 36 0.10 -10.28 0.50
N ILE A 37 -1.11 -9.75 0.46
CA ILE A 37 -1.44 -8.54 1.19
C ILE A 37 -1.63 -8.84 2.68
N SER A 38 -2.06 -10.05 2.99
CA SER A 38 -2.28 -10.46 4.37
C SER A 38 -0.99 -10.36 5.18
N SER A 39 0.13 -10.22 4.48
CA SER A 39 1.43 -10.13 5.12
C SER A 39 1.78 -8.67 5.42
N SER A 40 1.10 -7.75 4.75
CA SER A 40 1.33 -6.32 4.93
C SER A 40 2.79 -5.97 4.64
N LEU A 41 3.42 -6.76 3.78
CA LEU A 41 4.81 -6.54 3.41
C LEU A 41 4.91 -5.62 2.20
N ALA A 42 3.94 -5.72 1.30
CA ALA A 42 3.92 -4.89 0.11
C ALA A 42 3.46 -3.47 0.42
N VAL A 43 2.61 -3.34 1.44
CA VAL A 43 2.10 -2.04 1.84
C VAL A 43 3.21 -1.19 2.46
N VAL A 44 3.88 -1.74 3.46
CA VAL A 44 4.96 -1.04 4.14
C VAL A 44 6.07 -0.64 3.17
N ASP A 45 6.34 -1.53 2.21
CA ASP A 45 7.36 -1.28 1.21
C ASP A 45 6.94 -0.17 0.26
N LEU A 46 5.64 0.13 0.24
CA LEU A 46 5.11 1.17 -0.64
C LEU A 46 5.28 2.54 0.00
N ILE A 47 4.90 2.65 1.26
CA ILE A 47 5.00 3.91 1.98
C ILE A 47 6.43 4.44 1.97
N ASP A 48 7.38 3.54 2.22
CA ASP A 48 8.80 3.90 2.23
C ASP A 48 9.17 4.69 0.98
N ALA A 49 8.90 4.09 -0.18
CA ALA A 49 9.21 4.74 -1.45
C ALA A 49 8.74 6.19 -1.46
N ILE A 50 7.49 6.40 -1.06
CA ILE A 50 6.91 7.74 -1.02
C ILE A 50 7.63 8.62 0.00
N GLN A 51 7.62 8.17 1.26
CA GLN A 51 8.26 8.92 2.33
C GLN A 51 9.23 8.02 3.11
N PRO A 52 10.44 7.85 2.57
CA PRO A 52 11.48 7.03 3.19
C PRO A 52 12.03 7.65 4.47
N GLY A 53 12.79 6.86 5.23
CA GLY A 53 13.36 7.36 6.47
C GLY A 53 12.45 7.15 7.66
N CYS A 54 11.16 6.97 7.39
CA CYS A 54 10.18 6.75 8.44
C CYS A 54 9.94 5.26 8.68
N ILE A 55 9.91 4.50 7.59
CA ILE A 55 9.69 3.06 7.67
C ILE A 55 10.88 2.36 8.30
N ASN A 56 10.62 1.56 9.33
CA ASN A 56 11.67 0.82 10.02
C ASN A 56 11.43 -0.68 9.94
N TYR A 57 11.98 -1.30 8.89
CA TYR A 57 11.82 -2.74 8.70
C TYR A 57 12.30 -3.51 9.93
N ASP A 58 13.36 -3.03 10.54
CA ASP A 58 13.92 -3.66 11.73
C ASP A 58 12.81 -4.22 12.62
N LEU A 59 11.67 -3.54 12.63
CA LEU A 59 10.53 -3.96 13.43
C LEU A 59 9.61 -4.88 12.64
N VAL A 60 9.42 -4.55 11.36
CA VAL A 60 8.57 -5.35 10.50
C VAL A 60 9.07 -6.79 10.39
N LYS A 61 8.13 -7.73 10.30
CA LYS A 61 8.48 -9.14 10.20
C LYS A 61 8.44 -9.60 8.74
N SER A 62 8.89 -10.84 8.51
CA SER A 62 8.90 -11.40 7.16
C SER A 62 9.11 -12.91 7.21
N GLY A 63 8.64 -13.60 6.18
CA GLY A 63 8.79 -15.04 6.11
C GLY A 63 7.50 -15.77 6.44
N ASN A 64 7.39 -16.24 7.68
CA ASN A 64 6.21 -16.96 8.12
C ASN A 64 5.42 -16.15 9.15
N LEU A 65 4.50 -15.32 8.68
CA LEU A 65 3.69 -14.49 9.56
C LEU A 65 2.43 -15.23 9.99
N THR A 66 2.35 -15.56 11.27
CA THR A 66 1.18 -16.26 11.81
C THR A 66 0.03 -15.30 12.09
N GLU A 67 -1.14 -15.86 12.39
CA GLU A 67 -2.31 -15.05 12.67
C GLU A 67 -1.93 -13.75 13.38
N ASP A 68 -0.99 -13.85 14.32
CA ASP A 68 -0.53 -12.70 15.07
C ASP A 68 0.34 -11.80 14.20
N ASP A 69 1.54 -12.27 13.89
CA ASP A 69 2.47 -11.52 13.06
C ASP A 69 1.73 -10.73 11.99
N LYS A 70 1.02 -11.43 11.12
CA LYS A 70 0.27 -10.79 10.05
C LYS A 70 -0.43 -9.53 10.55
N HIS A 71 -1.11 -9.64 11.69
CA HIS A 71 -1.82 -8.51 12.27
C HIS A 71 -0.83 -7.42 12.68
N ASN A 72 0.31 -7.83 13.23
CA ASN A 72 1.33 -6.89 13.68
C ASN A 72 1.87 -6.08 12.51
N ASN A 73 2.20 -6.77 11.42
CA ASN A 73 2.73 -6.13 10.22
C ASN A 73 1.74 -5.09 9.69
N ALA A 74 0.48 -5.50 9.53
CA ALA A 74 -0.55 -4.61 9.03
C ALA A 74 -0.65 -3.34 9.88
N LYS A 75 -0.92 -3.53 11.17
CA LYS A 75 -1.05 -2.40 12.10
C LYS A 75 -0.01 -1.33 11.79
N TYR A 76 1.25 -1.73 11.75
CA TYR A 76 2.34 -0.81 11.46
C TYR A 76 2.09 -0.05 10.15
N ALA A 77 1.92 -0.81 9.07
CA ALA A 77 1.68 -0.22 7.76
C ALA A 77 0.54 0.79 7.82
N VAL A 78 -0.43 0.53 8.68
CA VAL A 78 -1.58 1.41 8.83
C VAL A 78 -1.16 2.75 9.43
N SER A 79 -0.42 2.69 10.53
CA SER A 79 0.04 3.91 11.21
C SER A 79 0.93 4.73 10.29
N MET A 80 1.92 4.07 9.68
CA MET A 80 2.84 4.75 8.78
C MET A 80 2.09 5.44 7.65
N ALA A 81 1.16 4.71 7.03
CA ALA A 81 0.37 5.25 5.93
C ALA A 81 -0.26 6.59 6.32
N ARG A 82 -1.14 6.57 7.31
CA ARG A 82 -1.81 7.78 7.76
C ARG A 82 -0.80 8.80 8.27
N ARG A 83 0.34 8.30 8.75
CA ARG A 83 1.39 9.17 9.27
C ARG A 83 1.99 10.04 8.16
N ILE A 84 2.42 9.39 7.08
CA ILE A 84 3.00 10.10 5.96
C ILE A 84 1.98 11.02 5.29
N GLY A 85 0.70 10.74 5.54
CA GLY A 85 -0.36 11.55 4.96
C GLY A 85 -1.37 10.71 4.19
N ALA A 86 -2.28 10.08 4.92
CA ALA A 86 -3.30 9.25 4.31
C ALA A 86 -4.60 9.27 5.13
N ARG A 87 -5.60 9.97 4.63
CA ARG A 87 -6.89 10.07 5.31
C ARG A 87 -7.48 8.69 5.55
N VAL A 88 -7.21 7.76 4.63
CA VAL A 88 -7.71 6.41 4.74
C VAL A 88 -7.66 5.91 6.18
N TYR A 89 -8.81 5.51 6.72
CA TYR A 89 -8.89 5.01 8.08
C TYR A 89 -9.31 3.55 8.11
N ALA A 90 -8.89 2.80 7.09
CA ALA A 90 -9.22 1.38 7.00
C ALA A 90 -8.62 0.60 8.17
N LEU A 91 -9.43 -0.25 8.78
CA LEU A 91 -8.98 -1.06 9.91
C LEU A 91 -7.78 -1.91 9.51
N PRO A 92 -6.90 -2.17 10.49
CA PRO A 92 -5.69 -2.98 10.28
C PRO A 92 -6.01 -4.45 10.03
N GLU A 93 -7.26 -4.82 10.30
CA GLU A 93 -7.70 -6.21 10.11
C GLU A 93 -8.05 -6.48 8.65
N ASP A 94 -8.53 -5.45 7.96
CA ASP A 94 -8.90 -5.57 6.56
C ASP A 94 -7.74 -6.10 5.74
N LEU A 95 -6.52 -5.76 6.15
CA LEU A 95 -5.32 -6.20 5.45
C LEU A 95 -5.07 -7.69 5.67
N VAL A 96 -5.26 -8.13 6.91
CA VAL A 96 -5.06 -9.54 7.25
C VAL A 96 -5.90 -10.44 6.36
N GLU A 97 -7.20 -10.17 6.30
CA GLU A 97 -8.11 -10.96 5.47
C GLU A 97 -8.02 -10.55 4.01
N VAL A 98 -7.20 -9.54 3.73
CA VAL A 98 -7.01 -9.05 2.37
C VAL A 98 -8.34 -8.59 1.78
N LYS A 99 -9.22 -8.09 2.64
CA LYS A 99 -10.52 -7.60 2.19
C LYS A 99 -10.37 -6.68 0.98
N PRO A 100 -10.74 -7.20 -0.20
CA PRO A 100 -10.67 -6.43 -1.44
C PRO A 100 -11.69 -5.31 -1.51
N LYS A 101 -12.51 -5.21 -0.46
CA LYS A 101 -13.54 -4.17 -0.39
C LYS A 101 -12.97 -2.87 0.15
N MET A 102 -12.05 -2.99 1.11
CA MET A 102 -11.42 -1.82 1.71
C MET A 102 -9.99 -1.64 1.20
N VAL A 103 -9.22 -2.73 1.23
CA VAL A 103 -7.84 -2.69 0.76
C VAL A 103 -7.70 -1.88 -0.52
N MET A 104 -8.75 -1.92 -1.34
CA MET A 104 -8.76 -1.19 -2.60
C MET A 104 -8.49 0.30 -2.38
N THR A 105 -9.17 0.88 -1.40
CA THR A 105 -9.00 2.30 -1.08
C THR A 105 -7.77 2.52 -0.22
N VAL A 106 -7.21 1.43 0.31
CA VAL A 106 -6.03 1.51 1.15
C VAL A 106 -4.79 1.79 0.33
N PHE A 107 -4.81 1.38 -0.94
CA PHE A 107 -3.68 1.58 -1.83
C PHE A 107 -3.84 2.89 -2.61
N ALA A 108 -5.01 3.09 -3.20
CA ALA A 108 -5.29 4.30 -3.95
C ALA A 108 -5.01 5.54 -3.14
N CYS A 109 -5.50 5.55 -1.90
CA CYS A 109 -5.31 6.69 -1.00
C CYS A 109 -3.83 7.04 -0.88
N LEU A 110 -2.97 6.11 -1.28
CA LEU A 110 -1.53 6.32 -1.22
C LEU A 110 -0.97 6.68 -2.59
N MET A 111 -1.51 6.05 -3.62
CA MET A 111 -1.06 6.30 -4.99
C MET A 111 -1.37 7.75 -5.40
N GLY A 112 -2.54 8.22 -5.01
CA GLY A 112 -2.95 9.57 -5.35
C GLY A 112 -1.92 10.61 -4.91
N ARG A 113 -1.64 10.64 -3.62
CA ARG A 113 -0.67 11.59 -3.07
C ARG A 113 0.69 11.43 -3.74
N GLY A 114 1.11 10.18 -3.94
CA GLY A 114 2.39 9.92 -4.57
C GLY A 114 2.46 10.46 -5.99
N MET A 115 1.35 10.35 -6.71
CA MET A 115 1.29 10.83 -8.08
C MET A 115 1.75 12.29 -8.17
N LYS A 116 2.86 12.51 -8.88
CA LYS A 116 3.41 13.85 -9.05
C LYS A 116 2.79 14.54 -10.25
N ARG A 117 3.07 15.84 -10.39
CA ARG A 117 2.54 16.62 -11.50
C ARG A 117 3.42 17.84 -11.77
N VAL A 118 3.50 18.25 -13.03
CA VAL A 118 4.30 19.40 -13.42
C VAL A 118 4.04 20.59 -12.50
N SER A 119 5.10 21.29 -12.13
CA SER A 119 4.98 22.45 -11.24
C SER A 119 5.34 23.74 -11.98
N GLY A 120 4.45 24.72 -11.90
CA GLY A 120 4.69 25.99 -12.56
C GLY A 120 4.76 27.16 -11.59
N PRO A 121 5.94 27.37 -10.99
CA PRO A 121 6.16 28.45 -10.02
C PRO A 121 6.13 29.83 -10.68
N SER A 122 6.27 30.86 -9.87
CA SER A 122 6.26 32.23 -10.36
C SER A 122 7.65 32.87 -10.24
N SER A 123 8.11 33.01 -9.00
CA SER A 123 9.42 33.61 -8.74
C SER A 123 10.46 33.09 -9.72
N GLY A 124 10.74 31.79 -9.64
CA GLY A 124 11.71 31.19 -10.53
C GLY A 124 12.34 29.95 -9.94
N GLY A 1 -13.73 -10.15 -19.67
CA GLY A 1 -13.41 -8.84 -19.15
C GLY A 1 -12.01 -8.77 -18.58
N SER A 2 -11.40 -7.58 -18.66
CA SER A 2 -10.04 -7.39 -18.15
C SER A 2 -10.08 -6.77 -16.75
N SER A 3 -10.15 -7.62 -15.74
CA SER A 3 -10.19 -7.15 -14.35
C SER A 3 -11.10 -5.94 -14.22
N GLY A 4 -12.25 -5.99 -14.89
CA GLY A 4 -13.18 -4.88 -14.83
C GLY A 4 -13.03 -3.92 -15.99
N SER A 5 -14.07 -3.79 -16.80
CA SER A 5 -14.05 -2.91 -17.95
C SER A 5 -14.31 -1.46 -17.53
N SER A 6 -15.38 -1.25 -16.77
CA SER A 6 -15.74 0.08 -16.30
C SER A 6 -14.93 0.46 -15.07
N GLY A 7 -14.44 1.69 -15.06
CA GLY A 7 -13.65 2.16 -13.93
C GLY A 7 -12.19 1.77 -14.04
N ASN A 8 -11.40 2.17 -13.06
CA ASN A 8 -9.97 1.85 -13.05
C ASN A 8 -9.61 0.99 -11.84
N ASP A 9 -9.69 -0.32 -12.02
CA ASP A 9 -9.36 -1.26 -10.95
C ASP A 9 -7.90 -1.69 -11.02
N ASP A 10 -7.51 -2.21 -12.18
CA ASP A 10 -6.14 -2.67 -12.37
C ASP A 10 -5.15 -1.51 -12.22
N ILE A 11 -5.48 -0.37 -12.82
CA ILE A 11 -4.64 0.81 -12.75
C ILE A 11 -3.93 0.91 -11.41
N ILE A 12 -4.71 1.06 -10.34
CA ILE A 12 -4.16 1.15 -9.00
C ILE A 12 -3.04 0.13 -8.79
N VAL A 13 -3.38 -1.14 -8.95
CA VAL A 13 -2.40 -2.22 -8.79
C VAL A 13 -1.10 -1.89 -9.52
N ASN A 14 -1.20 -1.64 -10.81
CA ASN A 14 -0.04 -1.33 -11.63
C ASN A 14 0.86 -0.31 -10.92
N TRP A 15 0.24 0.71 -10.35
CA TRP A 15 0.99 1.74 -9.63
C TRP A 15 1.72 1.16 -8.43
N VAL A 16 1.00 0.39 -7.61
CA VAL A 16 1.57 -0.22 -6.43
C VAL A 16 2.94 -0.83 -6.73
N ASN A 17 3.04 -1.50 -7.88
CA ASN A 17 4.29 -2.12 -8.29
C ASN A 17 5.30 -1.08 -8.75
N ARG A 18 4.84 -0.14 -9.57
CA ARG A 18 5.70 0.91 -10.09
C ARG A 18 6.46 1.60 -8.95
N THR A 19 5.71 2.15 -7.99
CA THR A 19 6.30 2.84 -6.85
C THR A 19 7.35 1.96 -6.18
N LEU A 20 6.99 0.71 -5.89
CA LEU A 20 7.89 -0.22 -5.24
C LEU A 20 9.21 -0.34 -6.01
N SER A 21 9.11 -0.25 -7.34
CA SER A 21 10.29 -0.35 -8.20
C SER A 21 11.12 0.92 -8.10
N GLU A 22 10.47 2.07 -8.19
CA GLU A 22 11.15 3.35 -8.12
C GLU A 22 12.30 3.30 -7.12
N ALA A 23 12.06 2.66 -5.98
CA ALA A 23 13.08 2.54 -4.94
C ALA A 23 13.85 1.23 -5.09
N GLY A 24 13.14 0.15 -5.38
CA GLY A 24 13.77 -1.15 -5.54
C GLY A 24 13.39 -2.12 -4.43
N LYS A 25 12.09 -2.23 -4.18
CA LYS A 25 11.60 -3.14 -3.14
C LYS A 25 11.39 -4.54 -3.71
N SER A 26 11.59 -5.54 -2.86
CA SER A 26 11.42 -6.93 -3.26
C SER A 26 10.00 -7.41 -3.01
N THR A 27 9.11 -6.47 -2.70
CA THR A 27 7.71 -6.80 -2.43
C THR A 27 6.80 -6.24 -3.52
N SER A 28 5.70 -6.94 -3.78
CA SER A 28 4.75 -6.52 -4.80
C SER A 28 3.49 -7.37 -4.75
N ILE A 29 2.35 -6.76 -5.05
CA ILE A 29 1.07 -7.47 -5.04
C ILE A 29 0.53 -7.63 -6.45
N GLN A 30 -0.19 -8.73 -6.68
CA GLN A 30 -0.77 -9.00 -7.99
C GLN A 30 -2.15 -8.36 -8.12
N SER A 31 -2.91 -8.38 -7.03
CA SER A 31 -4.25 -7.80 -7.03
C SER A 31 -4.71 -7.51 -5.61
N PHE A 32 -5.94 -7.04 -5.47
CA PHE A 32 -6.50 -6.71 -4.16
C PHE A 32 -6.96 -7.97 -3.44
N LYS A 33 -7.19 -9.04 -4.20
CA LYS A 33 -7.63 -10.31 -3.64
C LYS A 33 -6.43 -11.18 -3.27
N ASP A 34 -5.31 -10.96 -3.96
CA ASP A 34 -4.09 -11.73 -3.70
C ASP A 34 -3.95 -12.03 -2.22
N LYS A 35 -3.29 -13.14 -1.91
CA LYS A 35 -3.07 -13.55 -0.53
C LYS A 35 -1.74 -13.02 -0.01
N THR A 36 -1.26 -11.94 -0.63
CA THR A 36 0.00 -11.34 -0.22
C THR A 36 -0.22 -10.14 0.69
N ILE A 37 -1.27 -9.36 0.39
CA ILE A 37 -1.60 -8.19 1.19
C ILE A 37 -1.70 -8.53 2.66
N SER A 38 -2.19 -9.73 2.96
CA SER A 38 -2.35 -10.18 4.34
C SER A 38 -1.05 -9.97 5.13
N SER A 39 0.07 -10.22 4.47
CA SER A 39 1.38 -10.06 5.11
C SER A 39 1.70 -8.58 5.32
N SER A 40 1.11 -7.74 4.49
CA SER A 40 1.33 -6.29 4.59
C SER A 40 2.80 -5.95 4.33
N LEU A 41 3.47 -6.83 3.59
CA LEU A 41 4.88 -6.62 3.27
C LEU A 41 5.04 -5.63 2.12
N ALA A 42 4.13 -5.70 1.15
CA ALA A 42 4.17 -4.81 0.00
C ALA A 42 3.73 -3.39 0.40
N VAL A 43 2.67 -3.31 1.18
CA VAL A 43 2.15 -2.02 1.62
C VAL A 43 3.23 -1.18 2.28
N VAL A 44 3.88 -1.76 3.29
CA VAL A 44 4.95 -1.07 4.01
C VAL A 44 6.03 -0.59 3.06
N ASP A 45 6.52 -1.50 2.23
CA ASP A 45 7.57 -1.16 1.27
C ASP A 45 7.14 0.01 0.38
N LEU A 46 5.86 0.01 -0.01
CA LEU A 46 5.32 1.07 -0.86
C LEU A 46 5.51 2.44 -0.20
N ILE A 47 4.93 2.60 0.98
CA ILE A 47 5.02 3.85 1.71
C ILE A 47 6.44 4.41 1.66
N ASP A 48 7.41 3.62 2.13
CA ASP A 48 8.80 4.03 2.13
C ASP A 48 9.15 4.77 0.85
N ALA A 49 9.03 4.07 -0.29
CA ALA A 49 9.34 4.66 -1.58
C ALA A 49 8.89 6.11 -1.64
N ILE A 50 7.71 6.39 -1.12
CA ILE A 50 7.17 7.75 -1.12
C ILE A 50 7.85 8.61 -0.06
N GLN A 51 7.78 8.16 1.20
CA GLN A 51 8.39 8.88 2.30
C GLN A 51 9.31 7.97 3.10
N PRO A 52 10.56 7.82 2.64
CA PRO A 52 11.56 6.97 3.30
C PRO A 52 12.03 7.56 4.62
N GLY A 53 12.83 6.79 5.36
CA GLY A 53 13.33 7.25 6.64
C GLY A 53 12.38 6.98 7.78
N CYS A 54 11.08 7.04 7.49
CA CYS A 54 10.07 6.79 8.50
C CYS A 54 9.82 5.30 8.67
N ILE A 55 9.93 4.55 7.57
CA ILE A 55 9.72 3.11 7.60
C ILE A 55 10.92 2.39 8.19
N ASN A 56 10.70 1.65 9.27
CA ASN A 56 11.78 0.90 9.92
C ASN A 56 11.55 -0.60 9.80
N TYR A 57 12.12 -1.19 8.75
CA TYR A 57 11.97 -2.62 8.53
C TYR A 57 12.44 -3.42 9.74
N ASP A 58 13.50 -2.95 10.38
CA ASP A 58 14.04 -3.62 11.55
C ASP A 58 12.92 -4.23 12.40
N LEU A 59 11.81 -3.51 12.49
CA LEU A 59 10.67 -3.99 13.26
C LEU A 59 9.76 -4.87 12.41
N VAL A 60 9.56 -4.48 11.15
CA VAL A 60 8.71 -5.23 10.23
C VAL A 60 9.18 -6.68 10.12
N LYS A 61 8.24 -7.61 10.17
CA LYS A 61 8.55 -9.03 10.07
C LYS A 61 8.46 -9.50 8.63
N SER A 62 8.79 -10.76 8.41
CA SER A 62 8.76 -11.35 7.07
C SER A 62 8.83 -12.87 7.13
N GLY A 63 8.26 -13.52 6.12
CA GLY A 63 8.27 -14.97 6.08
C GLY A 63 7.00 -15.58 6.64
N ASN A 64 7.15 -16.65 7.41
CA ASN A 64 6.00 -17.32 8.00
C ASN A 64 5.36 -16.45 9.09
N LEU A 65 4.53 -15.51 8.66
CA LEU A 65 3.85 -14.61 9.59
C LEU A 65 2.64 -15.29 10.22
N THR A 66 2.73 -15.57 11.52
CA THR A 66 1.63 -16.21 12.24
C THR A 66 0.45 -15.27 12.40
N GLU A 67 -0.72 -15.84 12.67
CA GLU A 67 -1.94 -15.04 12.86
C GLU A 67 -1.63 -13.74 13.58
N ASP A 68 -0.69 -13.81 14.53
CA ASP A 68 -0.30 -12.63 15.30
C ASP A 68 0.58 -11.71 14.47
N ASP A 69 1.51 -12.29 13.73
CA ASP A 69 2.42 -11.52 12.89
C ASP A 69 1.66 -10.71 11.86
N LYS A 70 0.96 -11.40 10.96
CA LYS A 70 0.19 -10.74 9.92
C LYS A 70 -0.46 -9.46 10.45
N HIS A 71 -1.20 -9.59 11.55
CA HIS A 71 -1.88 -8.45 12.15
C HIS A 71 -0.88 -7.36 12.51
N ASN A 72 0.25 -7.75 13.10
CA ASN A 72 1.28 -6.80 13.50
C ASN A 72 1.76 -6.00 12.29
N ASN A 73 2.11 -6.70 11.21
CA ASN A 73 2.58 -6.05 10.00
C ASN A 73 1.59 -5.01 9.51
N ALA A 74 0.32 -5.41 9.40
CA ALA A 74 -0.73 -4.50 8.96
C ALA A 74 -0.82 -3.28 9.85
N LYS A 75 -0.97 -3.51 11.15
CA LYS A 75 -1.07 -2.43 12.12
C LYS A 75 -0.01 -1.36 11.86
N TYR A 76 1.24 -1.79 11.76
CA TYR A 76 2.35 -0.88 11.51
C TYR A 76 2.09 -0.03 10.26
N ALA A 77 1.82 -0.69 9.15
CA ALA A 77 1.55 0.00 7.89
C ALA A 77 0.41 1.00 8.06
N VAL A 78 -0.73 0.51 8.54
CA VAL A 78 -1.90 1.36 8.74
C VAL A 78 -1.51 2.68 9.40
N SER A 79 -0.67 2.60 10.44
CA SER A 79 -0.23 3.79 11.15
C SER A 79 0.60 4.69 10.25
N MET A 80 1.57 4.09 9.55
CA MET A 80 2.43 4.84 8.64
C MET A 80 1.61 5.55 7.57
N ALA A 81 0.90 4.77 6.77
CA ALA A 81 0.07 5.32 5.71
C ALA A 81 -0.54 6.66 6.12
N ARG A 82 -1.10 6.70 7.33
CA ARG A 82 -1.71 7.92 7.84
C ARG A 82 -0.65 8.87 8.38
N ARG A 83 0.40 8.32 8.96
CA ARG A 83 1.48 9.11 9.53
C ARG A 83 2.13 10.00 8.45
N ILE A 84 2.26 9.44 7.25
CA ILE A 84 2.85 10.18 6.14
C ILE A 84 1.88 11.18 5.56
N GLY A 85 0.59 10.91 5.74
CA GLY A 85 -0.43 11.81 5.22
C GLY A 85 -1.60 11.06 4.61
N ALA A 86 -1.30 10.05 3.82
CA ALA A 86 -2.34 9.24 3.18
C ALA A 86 -3.48 8.95 4.14
N ARG A 87 -4.59 9.67 4.00
CA ARG A 87 -5.74 9.48 4.86
C ARG A 87 -6.54 8.25 4.43
N VAL A 88 -6.17 7.09 4.99
CA VAL A 88 -6.86 5.85 4.68
C VAL A 88 -7.58 5.29 5.89
N TYR A 89 -6.97 5.46 7.07
CA TYR A 89 -7.56 4.97 8.31
C TYR A 89 -8.27 3.65 8.09
N ALA A 90 -7.58 2.70 7.47
CA ALA A 90 -8.15 1.38 7.20
C ALA A 90 -7.75 0.38 8.28
N LEU A 91 -8.74 -0.13 9.00
CA LEU A 91 -8.48 -1.10 10.06
C LEU A 91 -7.40 -2.09 9.64
N PRO A 92 -6.59 -2.53 10.62
CA PRO A 92 -5.49 -3.48 10.38
C PRO A 92 -6.00 -4.88 10.04
N GLU A 93 -7.25 -5.16 10.44
CA GLU A 93 -7.85 -6.46 10.17
C GLU A 93 -8.13 -6.64 8.68
N ASP A 94 -8.61 -5.58 8.04
CA ASP A 94 -8.91 -5.62 6.62
C ASP A 94 -7.79 -6.30 5.84
N LEU A 95 -6.56 -5.84 6.04
CA LEU A 95 -5.41 -6.40 5.36
C LEU A 95 -5.31 -7.89 5.61
N VAL A 96 -5.42 -8.29 6.87
CA VAL A 96 -5.35 -9.69 7.25
C VAL A 96 -6.27 -10.54 6.38
N GLU A 97 -7.54 -10.17 6.33
CA GLU A 97 -8.53 -10.89 5.54
C GLU A 97 -8.42 -10.52 4.07
N VAL A 98 -7.49 -9.62 3.76
CA VAL A 98 -7.28 -9.19 2.38
C VAL A 98 -8.62 -8.87 1.70
N LYS A 99 -9.45 -8.10 2.37
CA LYS A 99 -10.76 -7.72 1.83
C LYS A 99 -10.59 -6.81 0.62
N PRO A 100 -11.13 -7.25 -0.52
CA PRO A 100 -11.06 -6.49 -1.78
C PRO A 100 -11.94 -5.25 -1.75
N LYS A 101 -12.57 -5.00 -0.61
CA LYS A 101 -13.43 -3.84 -0.44
C LYS A 101 -12.63 -2.63 0.05
N MET A 102 -11.92 -2.81 1.16
CA MET A 102 -11.12 -1.74 1.73
C MET A 102 -9.70 -1.76 1.16
N VAL A 103 -9.16 -2.96 0.96
CA VAL A 103 -7.81 -3.12 0.42
C VAL A 103 -7.66 -2.35 -0.89
N MET A 104 -8.76 -2.21 -1.63
CA MET A 104 -8.74 -1.51 -2.90
C MET A 104 -8.42 -0.03 -2.69
N THR A 105 -9.16 0.62 -1.81
CA THR A 105 -8.96 2.03 -1.52
C THR A 105 -7.67 2.25 -0.74
N VAL A 106 -7.39 1.35 0.20
CA VAL A 106 -6.19 1.43 1.02
C VAL A 106 -4.97 1.82 0.19
N PHE A 107 -4.87 1.22 -0.99
CA PHE A 107 -3.75 1.50 -1.89
C PHE A 107 -3.94 2.83 -2.59
N ALA A 108 -5.04 2.97 -3.34
CA ALA A 108 -5.34 4.19 -4.05
C ALA A 108 -5.02 5.42 -3.22
N CYS A 109 -5.48 5.42 -1.97
CA CYS A 109 -5.24 6.53 -1.07
C CYS A 109 -3.76 6.91 -1.05
N LEU A 110 -2.90 5.91 -0.94
CA LEU A 110 -1.46 6.14 -0.93
C LEU A 110 -1.00 6.83 -2.20
N MET A 111 -1.46 6.32 -3.35
CA MET A 111 -1.09 6.89 -4.64
C MET A 111 -1.48 8.36 -4.71
N GLY A 112 -2.69 8.67 -4.26
CA GLY A 112 -3.16 10.05 -4.29
C GLY A 112 -2.05 11.05 -4.02
N ARG A 113 -1.22 10.75 -3.02
CA ARG A 113 -0.12 11.64 -2.67
C ARG A 113 1.15 11.25 -3.42
N GLY A 114 1.41 9.94 -3.51
CA GLY A 114 2.59 9.47 -4.21
C GLY A 114 2.88 10.26 -5.47
N MET A 115 2.30 9.83 -6.58
CA MET A 115 2.51 10.52 -7.85
C MET A 115 2.15 12.00 -7.75
N LYS A 116 3.13 12.86 -8.04
CA LYS A 116 2.92 14.30 -7.97
C LYS A 116 2.87 14.89 -9.38
N ARG A 117 1.98 15.86 -9.57
CA ARG A 117 1.84 16.52 -10.87
C ARG A 117 1.09 17.84 -10.72
N VAL A 118 1.29 18.73 -11.69
CA VAL A 118 0.63 20.04 -11.67
C VAL A 118 -0.82 19.92 -11.21
N SER A 119 -1.14 20.58 -10.11
CA SER A 119 -2.49 20.54 -9.56
C SER A 119 -3.14 21.93 -9.62
N GLY A 120 -4.44 21.96 -9.85
CA GLY A 120 -5.16 23.22 -9.93
C GLY A 120 -5.18 23.96 -8.60
N PRO A 121 -6.27 23.78 -7.83
CA PRO A 121 -6.43 24.41 -6.52
C PRO A 121 -5.48 23.84 -5.48
N SER A 122 -5.48 24.44 -4.29
CA SER A 122 -4.62 23.99 -3.21
C SER A 122 -4.94 22.56 -2.80
N SER A 123 -3.93 21.84 -2.33
CA SER A 123 -4.10 20.45 -1.92
C SER A 123 -5.08 19.73 -2.85
N GLY A 124 -4.96 19.99 -4.15
CA GLY A 124 -5.83 19.35 -5.11
C GLY A 124 -5.12 18.32 -5.96
N GLY A 1 3.96 16.19 -17.57
CA GLY A 1 2.66 16.44 -16.98
C GLY A 1 1.52 16.16 -17.94
N SER A 2 0.78 15.08 -17.67
CA SER A 2 -0.33 14.70 -18.52
C SER A 2 -1.59 14.44 -17.69
N SER A 3 -2.72 14.32 -18.37
CA SER A 3 -4.00 14.08 -17.69
C SER A 3 -4.91 13.19 -18.53
N GLY A 4 -5.30 12.05 -17.98
CA GLY A 4 -6.16 11.14 -18.71
C GLY A 4 -6.83 10.12 -17.79
N SER A 5 -7.50 9.14 -18.39
CA SER A 5 -8.18 8.11 -17.62
C SER A 5 -7.37 7.72 -16.38
N SER A 6 -7.78 8.24 -15.23
CA SER A 6 -7.09 7.95 -13.98
C SER A 6 -8.09 7.56 -12.89
N GLY A 7 -7.96 6.33 -12.40
CA GLY A 7 -8.85 5.84 -11.36
C GLY A 7 -9.53 4.55 -11.74
N ASN A 8 -8.92 3.43 -11.39
CA ASN A 8 -9.48 2.11 -11.71
C ASN A 8 -8.78 1.02 -10.89
N ASP A 9 -9.49 -0.08 -10.68
CA ASP A 9 -8.95 -1.20 -9.91
C ASP A 9 -7.58 -1.60 -10.43
N ASP A 10 -7.50 -1.84 -11.74
CA ASP A 10 -6.25 -2.24 -12.37
C ASP A 10 -5.18 -1.17 -12.17
N ILE A 11 -5.43 0.02 -12.72
CA ILE A 11 -4.51 1.13 -12.61
C ILE A 11 -3.80 1.12 -11.26
N ILE A 12 -4.58 1.21 -10.19
CA ILE A 12 -4.04 1.21 -8.83
C ILE A 12 -2.97 0.13 -8.67
N VAL A 13 -3.27 -1.06 -9.19
CA VAL A 13 -2.32 -2.17 -9.10
C VAL A 13 -1.01 -1.85 -9.81
N ASN A 14 -1.12 -1.47 -11.08
CA ASN A 14 0.06 -1.12 -11.87
C ASN A 14 0.91 -0.09 -11.16
N TRP A 15 0.26 0.88 -10.52
CA TRP A 15 0.96 1.93 -9.80
C TRP A 15 1.78 1.35 -8.65
N VAL A 16 1.11 0.62 -7.76
CA VAL A 16 1.77 0.00 -6.62
C VAL A 16 3.07 -0.67 -7.03
N ASN A 17 3.07 -1.30 -8.19
CA ASN A 17 4.26 -1.98 -8.70
C ASN A 17 5.32 -0.96 -9.14
N ARG A 18 4.87 0.09 -9.82
CA ARG A 18 5.78 1.12 -10.30
C ARG A 18 6.44 1.84 -9.13
N THR A 19 5.65 2.18 -8.11
CA THR A 19 6.17 2.86 -6.93
C THR A 19 7.22 2.02 -6.21
N LEU A 20 7.01 0.70 -6.21
CA LEU A 20 7.94 -0.21 -5.56
C LEU A 20 9.30 -0.20 -6.26
N SER A 21 9.26 -0.16 -7.59
CA SER A 21 10.48 -0.14 -8.38
C SER A 21 11.22 1.19 -8.23
N GLU A 22 10.47 2.28 -8.26
CA GLU A 22 11.04 3.61 -8.13
C GLU A 22 12.17 3.61 -7.09
N ALA A 23 11.90 3.01 -5.94
CA ALA A 23 12.88 2.94 -4.87
C ALA A 23 13.74 1.67 -4.98
N GLY A 24 13.10 0.57 -5.34
CA GLY A 24 13.81 -0.69 -5.48
C GLY A 24 13.42 -1.69 -4.42
N LYS A 25 12.12 -1.94 -4.27
CA LYS A 25 11.63 -2.88 -3.28
C LYS A 25 11.54 -4.28 -3.86
N SER A 26 11.60 -5.28 -2.99
CA SER A 26 11.53 -6.68 -3.42
C SER A 26 10.14 -7.26 -3.15
N THR A 27 9.13 -6.41 -3.27
CA THR A 27 7.74 -6.84 -3.04
C THR A 27 6.83 -6.36 -4.17
N SER A 28 5.67 -7.00 -4.28
CA SER A 28 4.70 -6.64 -5.32
C SER A 28 3.41 -7.43 -5.16
N ILE A 29 2.33 -6.92 -5.74
CA ILE A 29 1.04 -7.57 -5.66
C ILE A 29 0.35 -7.62 -7.02
N GLN A 30 -0.54 -8.58 -7.20
CA GLN A 30 -1.26 -8.73 -8.45
C GLN A 30 -2.65 -8.10 -8.36
N SER A 31 -3.27 -8.23 -7.20
CA SER A 31 -4.61 -7.68 -6.98
C SER A 31 -4.93 -7.60 -5.48
N PHE A 32 -6.11 -7.09 -5.17
CA PHE A 32 -6.54 -6.96 -3.78
C PHE A 32 -7.07 -8.28 -3.24
N LYS A 33 -6.84 -9.35 -4.00
CA LYS A 33 -7.29 -10.68 -3.60
C LYS A 33 -6.11 -11.57 -3.22
N ASP A 34 -4.95 -11.27 -3.79
CA ASP A 34 -3.74 -12.05 -3.52
C ASP A 34 -3.59 -12.31 -2.02
N LYS A 35 -3.01 -13.45 -1.69
CA LYS A 35 -2.81 -13.84 -0.29
C LYS A 35 -1.52 -13.23 0.26
N THR A 36 -0.92 -12.32 -0.50
CA THR A 36 0.31 -11.66 -0.09
C THR A 36 0.02 -10.45 0.79
N ILE A 37 -1.02 -9.70 0.44
CA ILE A 37 -1.40 -8.53 1.21
C ILE A 37 -1.54 -8.86 2.69
N SER A 38 -2.09 -10.03 2.98
CA SER A 38 -2.28 -10.47 4.36
C SER A 38 -1.02 -10.23 5.19
N SER A 39 0.13 -10.45 4.57
CA SER A 39 1.41 -10.26 5.25
C SER A 39 1.72 -8.79 5.43
N SER A 40 1.16 -7.96 4.55
CA SER A 40 1.39 -6.52 4.61
C SER A 40 2.86 -6.18 4.37
N LEU A 41 3.54 -7.05 3.64
CA LEU A 41 4.95 -6.85 3.34
C LEU A 41 5.12 -5.89 2.15
N ALA A 42 4.21 -5.99 1.19
CA ALA A 42 4.26 -5.14 0.01
C ALA A 42 3.78 -3.72 0.33
N VAL A 43 2.79 -3.62 1.20
CA VAL A 43 2.24 -2.33 1.59
C VAL A 43 3.31 -1.46 2.24
N VAL A 44 3.88 -1.95 3.34
CA VAL A 44 4.92 -1.21 4.04
C VAL A 44 6.01 -0.72 3.08
N ASP A 45 6.43 -1.59 2.18
CA ASP A 45 7.46 -1.26 1.21
C ASP A 45 7.01 -0.08 0.33
N LEU A 46 5.70 0.06 0.18
CA LEU A 46 5.15 1.14 -0.63
C LEU A 46 5.28 2.49 0.10
N ILE A 47 4.78 2.55 1.32
CA ILE A 47 4.84 3.77 2.12
C ILE A 47 6.27 4.30 2.18
N ASP A 48 7.24 3.40 2.07
CA ASP A 48 8.65 3.79 2.11
C ASP A 48 9.03 4.58 0.86
N ALA A 49 8.73 4.02 -0.31
CA ALA A 49 9.05 4.67 -1.57
C ALA A 49 8.65 6.15 -1.54
N ILE A 50 7.40 6.41 -1.20
CA ILE A 50 6.89 7.78 -1.13
C ILE A 50 7.67 8.59 -0.10
N GLN A 51 7.60 8.17 1.15
CA GLN A 51 8.30 8.86 2.23
C GLN A 51 9.28 7.93 2.94
N PRO A 52 10.47 7.76 2.34
CA PRO A 52 11.51 6.90 2.88
C PRO A 52 12.13 7.47 4.16
N GLY A 53 12.92 6.65 4.85
CA GLY A 53 13.55 7.09 6.08
C GLY A 53 12.67 6.87 7.29
N CYS A 54 11.35 6.84 7.08
CA CYS A 54 10.40 6.64 8.16
C CYS A 54 10.13 5.16 8.38
N ILE A 55 10.15 4.39 7.29
CA ILE A 55 9.90 2.95 7.36
C ILE A 55 11.12 2.21 7.87
N ASN A 56 10.94 1.45 8.95
CA ASN A 56 12.03 0.69 9.54
C ASN A 56 11.72 -0.81 9.53
N TYR A 57 12.24 -1.51 8.55
CA TYR A 57 12.00 -2.96 8.43
C TYR A 57 12.45 -3.68 9.69
N ASP A 58 13.56 -3.21 10.27
CA ASP A 58 14.10 -3.83 11.48
C ASP A 58 12.98 -4.30 12.40
N LEU A 59 11.91 -3.50 12.49
CA LEU A 59 10.77 -3.84 13.34
C LEU A 59 9.78 -4.72 12.59
N VAL A 60 9.54 -4.38 11.32
CA VAL A 60 8.62 -5.14 10.49
C VAL A 60 9.05 -6.60 10.38
N LYS A 61 8.07 -7.50 10.49
CA LYS A 61 8.35 -8.93 10.40
C LYS A 61 8.13 -9.45 8.99
N SER A 62 8.47 -10.71 8.77
CA SER A 62 8.31 -11.32 7.44
C SER A 62 8.34 -12.85 7.55
N GLY A 63 8.18 -13.51 6.41
CA GLY A 63 8.19 -14.96 6.39
C GLY A 63 6.90 -15.56 6.94
N ASN A 64 7.03 -16.66 7.66
CA ASN A 64 5.87 -17.34 8.24
C ASN A 64 5.25 -16.50 9.35
N LEU A 65 4.37 -15.57 8.97
CA LEU A 65 3.71 -14.71 9.94
C LEU A 65 2.47 -15.37 10.50
N THR A 66 2.45 -15.57 11.82
CA THR A 66 1.31 -16.20 12.48
C THR A 66 0.16 -15.22 12.65
N GLU A 67 -1.01 -15.74 13.01
CA GLU A 67 -2.19 -14.91 13.20
C GLU A 67 -1.82 -13.56 13.81
N ASP A 68 -0.94 -13.59 14.80
CA ASP A 68 -0.50 -12.38 15.48
C ASP A 68 0.41 -11.56 14.58
N ASP A 69 1.48 -12.20 14.09
CA ASP A 69 2.44 -11.53 13.22
C ASP A 69 1.73 -10.71 12.15
N LYS A 70 0.93 -11.39 11.33
CA LYS A 70 0.19 -10.73 10.26
C LYS A 70 -0.44 -9.43 10.76
N HIS A 71 -1.10 -9.51 11.91
CA HIS A 71 -1.75 -8.34 12.50
C HIS A 71 -0.72 -7.25 12.80
N ASN A 72 0.40 -7.65 13.38
CA ASN A 72 1.46 -6.70 13.72
C ASN A 72 1.95 -5.96 12.49
N ASN A 73 2.21 -6.70 11.42
CA ASN A 73 2.68 -6.11 10.17
C ASN A 73 1.67 -5.11 9.63
N ALA A 74 0.42 -5.55 9.50
CA ALA A 74 -0.65 -4.70 9.00
C ALA A 74 -0.79 -3.43 9.84
N LYS A 75 -1.00 -3.61 11.14
CA LYS A 75 -1.14 -2.49 12.06
C LYS A 75 -0.09 -1.42 11.79
N TYR A 76 1.18 -1.84 11.81
CA TYR A 76 2.29 -0.92 11.57
C TYR A 76 2.07 -0.13 10.28
N ALA A 77 1.86 -0.84 9.19
CA ALA A 77 1.64 -0.20 7.90
C ALA A 77 0.61 0.92 8.01
N VAL A 78 -0.50 0.64 8.68
CA VAL A 78 -1.55 1.63 8.86
C VAL A 78 -1.03 2.87 9.58
N SER A 79 -0.26 2.65 10.64
CA SER A 79 0.29 3.74 11.41
C SER A 79 1.39 4.46 10.63
N MET A 80 1.87 3.81 9.57
CA MET A 80 2.92 4.39 8.73
C MET A 80 2.32 5.16 7.56
N ALA A 81 1.19 4.67 7.05
CA ALA A 81 0.52 5.32 5.93
C ALA A 81 -0.19 6.58 6.37
N ARG A 82 -0.50 6.67 7.66
CA ARG A 82 -1.19 7.83 8.20
C ARG A 82 -0.20 8.95 8.53
N ARG A 83 0.90 8.58 9.18
CA ARG A 83 1.92 9.55 9.55
C ARG A 83 2.45 10.28 8.31
N ILE A 84 2.57 9.55 7.21
CA ILE A 84 3.06 10.14 5.96
C ILE A 84 1.99 11.00 5.30
N GLY A 85 0.74 10.83 5.73
CA GLY A 85 -0.34 11.60 5.18
C GLY A 85 -1.20 10.80 4.22
N ALA A 86 -2.12 10.01 4.75
CA ALA A 86 -3.00 9.18 3.94
C ALA A 86 -4.42 9.18 4.49
N ARG A 87 -5.33 9.81 3.76
CA ARG A 87 -6.73 9.88 4.17
C ARG A 87 -7.41 8.53 4.00
N VAL A 88 -7.13 7.60 4.91
CA VAL A 88 -7.73 6.28 4.87
C VAL A 88 -7.99 5.74 6.27
N TYR A 89 -9.27 5.57 6.60
CA TYR A 89 -9.66 5.07 7.92
C TYR A 89 -10.04 3.60 7.84
N ALA A 90 -9.24 2.81 7.13
CA ALA A 90 -9.50 1.39 6.98
C ALA A 90 -8.84 0.59 8.08
N LEU A 91 -9.63 -0.20 8.80
CA LEU A 91 -9.12 -1.02 9.89
C LEU A 91 -7.97 -1.90 9.42
N PRO A 92 -7.04 -2.21 10.34
CA PRO A 92 -5.88 -3.05 10.04
C PRO A 92 -6.27 -4.51 9.80
N GLU A 93 -7.54 -4.83 10.05
CA GLU A 93 -8.03 -6.18 9.86
C GLU A 93 -8.22 -6.49 8.37
N ASP A 94 -8.86 -5.57 7.66
CA ASP A 94 -9.10 -5.74 6.23
C ASP A 94 -7.85 -6.27 5.53
N LEU A 95 -6.70 -5.70 5.86
CA LEU A 95 -5.44 -6.12 5.27
C LEU A 95 -5.17 -7.59 5.55
N VAL A 96 -5.29 -7.98 6.80
CA VAL A 96 -5.06 -9.36 7.21
C VAL A 96 -5.95 -10.33 6.42
N GLU A 97 -7.23 -9.98 6.30
CA GLU A 97 -8.18 -10.81 5.58
C GLU A 97 -8.12 -10.51 4.08
N VAL A 98 -7.20 -9.64 3.69
CA VAL A 98 -7.05 -9.26 2.29
C VAL A 98 -8.41 -8.99 1.64
N LYS A 99 -9.21 -8.15 2.29
CA LYS A 99 -10.53 -7.82 1.77
C LYS A 99 -10.43 -6.89 0.55
N PRO A 100 -10.87 -7.39 -0.61
CA PRO A 100 -10.84 -6.62 -1.86
C PRO A 100 -11.82 -5.47 -1.86
N LYS A 101 -12.54 -5.31 -0.76
CA LYS A 101 -13.52 -4.24 -0.62
C LYS A 101 -12.88 -2.96 -0.10
N MET A 102 -12.02 -3.12 0.91
CA MET A 102 -11.32 -1.98 1.50
C MET A 102 -9.89 -1.89 1.00
N VAL A 103 -9.19 -3.03 1.01
CA VAL A 103 -7.81 -3.09 0.57
C VAL A 103 -7.64 -2.38 -0.77
N MET A 104 -8.73 -2.23 -1.52
CA MET A 104 -8.70 -1.57 -2.81
C MET A 104 -8.34 -0.09 -2.65
N THR A 105 -9.02 0.59 -1.73
CA THR A 105 -8.77 2.00 -1.48
C THR A 105 -7.47 2.20 -0.71
N VAL A 106 -7.23 1.35 0.28
CA VAL A 106 -6.02 1.43 1.08
C VAL A 106 -4.79 1.69 0.21
N PHE A 107 -4.78 1.08 -0.97
CA PHE A 107 -3.66 1.24 -1.89
C PHE A 107 -3.80 2.54 -2.69
N ALA A 108 -5.02 2.84 -3.12
CA ALA A 108 -5.28 4.05 -3.89
C ALA A 108 -4.96 5.29 -3.07
N CYS A 109 -5.64 5.44 -1.94
CA CYS A 109 -5.43 6.59 -1.06
C CYS A 109 -3.95 6.96 -0.98
N LEU A 110 -3.10 5.94 -0.94
CA LEU A 110 -1.66 6.14 -0.87
C LEU A 110 -1.15 6.87 -2.11
N MET A 111 -1.49 6.34 -3.28
CA MET A 111 -1.07 6.94 -4.54
C MET A 111 -1.26 8.46 -4.52
N GLY A 112 -2.46 8.89 -4.13
CA GLY A 112 -2.75 10.30 -4.07
C GLY A 112 -1.56 11.13 -3.60
N ARG A 113 -1.05 10.80 -2.42
CA ARG A 113 0.10 11.50 -1.85
C ARG A 113 1.30 11.42 -2.79
N GLY A 114 1.63 10.21 -3.22
CA GLY A 114 2.77 10.03 -4.11
C GLY A 114 2.64 10.84 -5.38
N MET A 115 2.17 10.21 -6.44
CA MET A 115 2.00 10.88 -7.73
C MET A 115 1.39 12.26 -7.54
N LYS A 116 2.09 13.28 -8.02
CA LYS A 116 1.61 14.66 -7.90
C LYS A 116 0.57 14.96 -8.98
N ARG A 117 -0.46 15.71 -8.59
CA ARG A 117 -1.53 16.07 -9.51
C ARG A 117 -2.08 17.46 -9.19
N VAL A 118 -2.96 17.96 -10.05
CA VAL A 118 -3.55 19.28 -9.87
C VAL A 118 -4.97 19.33 -10.45
N SER A 119 -5.85 20.01 -9.74
CA SER A 119 -7.25 20.14 -10.18
C SER A 119 -7.37 21.20 -11.27
N GLY A 120 -7.69 20.76 -12.48
CA GLY A 120 -7.83 21.68 -13.59
C GLY A 120 -6.50 22.09 -14.19
N PRO A 121 -6.48 22.29 -15.51
CA PRO A 121 -5.26 22.69 -16.23
C PRO A 121 -4.83 24.11 -15.91
N SER A 122 -5.68 24.83 -15.18
CA SER A 122 -5.40 26.21 -14.80
C SER A 122 -3.91 26.40 -14.49
N SER A 123 -3.40 25.59 -13.56
CA SER A 123 -2.00 25.67 -13.18
C SER A 123 -1.12 24.91 -14.17
N GLY A 124 -0.69 25.60 -15.21
CA GLY A 124 0.15 24.98 -16.22
C GLY A 124 1.16 24.02 -15.62
N GLY A 1 2.39 -8.50 -22.79
CA GLY A 1 1.43 -7.61 -23.40
C GLY A 1 0.04 -7.75 -22.80
N SER A 2 -0.08 -7.42 -21.52
CA SER A 2 -1.36 -7.52 -20.83
C SER A 2 -2.26 -6.33 -21.16
N SER A 3 -3.41 -6.62 -21.78
CA SER A 3 -4.36 -5.58 -22.16
C SER A 3 -5.77 -6.13 -22.21
N GLY A 4 -6.63 -5.61 -21.35
CA GLY A 4 -8.02 -6.06 -21.32
C GLY A 4 -8.99 -4.92 -21.07
N SER A 5 -9.96 -5.17 -20.20
CA SER A 5 -10.97 -4.16 -19.87
C SER A 5 -10.34 -2.97 -19.17
N SER A 6 -10.59 -1.77 -19.69
CA SER A 6 -10.04 -0.55 -19.12
C SER A 6 -10.72 -0.22 -17.80
N GLY A 7 -9.99 0.47 -16.92
CA GLY A 7 -10.53 0.84 -15.62
C GLY A 7 -9.47 1.35 -14.67
N ASN A 8 -9.89 1.98 -13.58
CA ASN A 8 -8.97 2.51 -12.60
C ASN A 8 -8.50 1.41 -11.64
N ASP A 9 -9.40 0.49 -11.33
CA ASP A 9 -9.08 -0.62 -10.43
C ASP A 9 -7.67 -1.15 -10.70
N ASP A 10 -7.43 -1.54 -11.95
CA ASP A 10 -6.12 -2.07 -12.33
C ASP A 10 -5.04 -0.99 -12.22
N ILE A 11 -5.29 0.15 -12.85
CA ILE A 11 -4.34 1.26 -12.82
C ILE A 11 -3.69 1.38 -11.45
N ILE A 12 -4.47 1.16 -10.40
CA ILE A 12 -3.96 1.25 -9.03
C ILE A 12 -2.84 0.24 -8.81
N VAL A 13 -3.15 -1.04 -8.97
CA VAL A 13 -2.17 -2.09 -8.78
C VAL A 13 -0.88 -1.79 -9.54
N ASN A 14 -1.01 -1.42 -10.80
CA ASN A 14 0.14 -1.10 -11.63
C ASN A 14 1.03 -0.06 -10.95
N TRP A 15 0.41 0.95 -10.35
CA TRP A 15 1.15 1.99 -9.65
C TRP A 15 1.89 1.43 -8.45
N VAL A 16 1.24 0.55 -7.70
CA VAL A 16 1.84 -0.06 -6.53
C VAL A 16 3.12 -0.80 -6.90
N ASN A 17 3.13 -1.42 -8.08
CA ASN A 17 4.29 -2.16 -8.54
C ASN A 17 5.38 -1.22 -9.04
N ARG A 18 4.97 -0.12 -9.64
CA ARG A 18 5.92 0.87 -10.16
C ARG A 18 6.59 1.61 -9.02
N THR A 19 5.82 2.01 -8.02
CA THR A 19 6.35 2.73 -6.87
C THR A 19 7.36 1.87 -6.10
N LEU A 20 7.07 0.59 -5.98
CA LEU A 20 7.95 -0.34 -5.28
C LEU A 20 9.32 -0.39 -5.94
N SER A 21 9.33 -0.52 -7.25
CA SER A 21 10.58 -0.58 -8.01
C SER A 21 11.36 0.72 -7.88
N GLU A 22 10.66 1.84 -8.05
CA GLU A 22 11.29 3.15 -7.95
C GLU A 22 12.34 3.17 -6.84
N ALA A 23 12.03 2.51 -5.73
CA ALA A 23 12.94 2.45 -4.58
C ALA A 23 13.78 1.18 -4.63
N GLY A 24 13.15 0.07 -4.99
CA GLY A 24 13.87 -1.19 -5.06
C GLY A 24 13.46 -2.15 -3.97
N LYS A 25 12.15 -2.38 -3.84
CA LYS A 25 11.63 -3.29 -2.82
C LYS A 25 11.52 -4.71 -3.35
N SER A 26 11.59 -5.67 -2.45
CA SER A 26 11.51 -7.08 -2.83
C SER A 26 10.11 -7.63 -2.61
N THR A 27 9.11 -6.77 -2.84
CA THR A 27 7.71 -7.16 -2.66
C THR A 27 6.85 -6.63 -3.80
N SER A 28 5.73 -7.29 -4.04
CA SER A 28 4.81 -6.89 -5.10
C SER A 28 3.49 -7.66 -5.00
N ILE A 29 2.41 -7.03 -5.47
CA ILE A 29 1.10 -7.65 -5.43
C ILE A 29 0.53 -7.80 -6.84
N GLN A 30 -0.59 -8.51 -6.95
CA GLN A 30 -1.24 -8.73 -8.23
C GLN A 30 -2.65 -8.16 -8.24
N SER A 31 -3.28 -8.13 -7.07
CA SER A 31 -4.63 -7.62 -6.93
C SER A 31 -5.00 -7.41 -5.46
N PHE A 32 -6.22 -6.91 -5.23
CA PHE A 32 -6.68 -6.67 -3.87
C PHE A 32 -7.21 -7.95 -3.24
N LYS A 33 -7.18 -9.04 -4.00
CA LYS A 33 -7.65 -10.33 -3.51
C LYS A 33 -6.49 -11.28 -3.29
N ASP A 34 -5.33 -10.93 -3.83
CA ASP A 34 -4.13 -11.76 -3.68
C ASP A 34 -4.00 -12.28 -2.26
N LYS A 35 -3.16 -13.28 -2.07
CA LYS A 35 -2.93 -13.86 -0.75
C LYS A 35 -1.58 -13.45 -0.20
N THR A 36 -1.05 -12.33 -0.68
CA THR A 36 0.23 -11.82 -0.23
C THR A 36 0.09 -10.50 0.52
N ILE A 37 -1.14 -9.98 0.54
CA ILE A 37 -1.41 -8.72 1.22
C ILE A 37 -1.64 -8.94 2.71
N SER A 38 -2.18 -10.11 3.06
CA SER A 38 -2.45 -10.44 4.45
C SER A 38 -1.20 -10.23 5.32
N SER A 39 -0.03 -10.37 4.69
CA SER A 39 1.22 -10.20 5.41
C SER A 39 1.56 -8.73 5.57
N SER A 40 0.98 -7.89 4.71
CA SER A 40 1.22 -6.45 4.77
C SER A 40 2.70 -6.14 4.51
N LEU A 41 3.36 -7.02 3.77
CA LEU A 41 4.77 -6.84 3.45
C LEU A 41 4.94 -5.87 2.28
N ALA A 42 4.04 -5.97 1.31
CA ALA A 42 4.09 -5.09 0.14
C ALA A 42 3.60 -3.69 0.47
N VAL A 43 2.68 -3.60 1.42
CA VAL A 43 2.12 -2.32 1.84
C VAL A 43 3.20 -1.42 2.45
N VAL A 44 3.89 -1.94 3.45
CA VAL A 44 4.95 -1.20 4.12
C VAL A 44 6.04 -0.78 3.13
N ASP A 45 6.52 -1.75 2.35
CA ASP A 45 7.56 -1.48 1.36
C ASP A 45 7.14 -0.35 0.42
N LEU A 46 5.85 -0.29 0.11
CA LEU A 46 5.33 0.74 -0.78
C LEU A 46 5.49 2.12 -0.16
N ILE A 47 5.01 2.27 1.08
CA ILE A 47 5.10 3.54 1.78
C ILE A 47 6.53 4.09 1.75
N ASP A 48 7.49 3.21 2.04
CA ASP A 48 8.90 3.60 2.05
C ASP A 48 9.26 4.36 0.78
N ALA A 49 8.83 3.82 -0.37
CA ALA A 49 9.11 4.45 -1.65
C ALA A 49 8.62 5.89 -1.68
N ILE A 50 7.33 6.08 -1.41
CA ILE A 50 6.74 7.41 -1.40
C ILE A 50 7.46 8.33 -0.41
N GLN A 51 7.43 7.96 0.86
CA GLN A 51 8.08 8.76 1.90
C GLN A 51 9.04 7.90 2.71
N PRO A 52 10.26 7.70 2.18
CA PRO A 52 11.29 6.91 2.84
C PRO A 52 11.84 7.58 4.09
N GLY A 53 12.66 6.86 4.84
CA GLY A 53 13.24 7.41 6.05
C GLY A 53 12.35 7.19 7.27
N CYS A 54 11.06 7.01 7.02
CA CYS A 54 10.10 6.79 8.10
C CYS A 54 9.92 5.31 8.39
N ILE A 55 10.00 4.50 7.34
CA ILE A 55 9.85 3.06 7.47
C ILE A 55 11.07 2.43 8.15
N ASN A 56 10.83 1.65 9.18
CA ASN A 56 11.91 0.99 9.91
C ASN A 56 11.76 -0.54 9.85
N TYR A 57 12.30 -1.14 8.79
CA TYR A 57 12.22 -2.58 8.62
C TYR A 57 12.63 -3.31 9.90
N ASP A 58 13.64 -2.78 10.58
CA ASP A 58 14.13 -3.37 11.82
C ASP A 58 12.98 -3.91 12.66
N LEU A 59 11.83 -3.24 12.57
CA LEU A 59 10.65 -3.66 13.32
C LEU A 59 9.77 -4.58 12.48
N VAL A 60 9.63 -4.26 11.20
CA VAL A 60 8.82 -5.07 10.30
C VAL A 60 9.26 -6.52 10.32
N LYS A 61 8.29 -7.43 10.22
CA LYS A 61 8.58 -8.85 10.23
C LYS A 61 8.51 -9.42 8.81
N SER A 62 9.37 -10.40 8.53
CA SER A 62 9.41 -11.03 7.22
C SER A 62 9.37 -12.55 7.34
N GLY A 63 8.62 -13.19 6.44
CA GLY A 63 8.51 -14.64 6.47
C GLY A 63 7.15 -15.10 6.95
N ASN A 64 6.87 -16.38 6.76
CA ASN A 64 5.60 -16.96 7.19
C ASN A 64 5.10 -16.31 8.46
N LEU A 65 4.26 -15.28 8.32
CA LEU A 65 3.73 -14.56 9.46
C LEU A 65 2.51 -15.29 10.03
N THR A 66 2.56 -15.61 11.32
CA THR A 66 1.47 -16.30 11.99
C THR A 66 0.32 -15.35 12.29
N GLU A 67 -0.81 -15.91 12.74
CA GLU A 67 -1.97 -15.11 13.07
C GLU A 67 -1.56 -13.77 13.66
N ASP A 68 -0.72 -13.80 14.68
CA ASP A 68 -0.25 -12.59 15.34
C ASP A 68 0.63 -11.77 14.40
N ASP A 69 1.75 -12.34 13.99
CA ASP A 69 2.68 -11.66 13.09
C ASP A 69 1.92 -10.88 12.02
N LYS A 70 1.17 -11.61 11.19
CA LYS A 70 0.39 -10.99 10.13
C LYS A 70 -0.21 -9.66 10.59
N HIS A 71 -0.95 -9.72 11.69
CA HIS A 71 -1.59 -8.53 12.24
C HIS A 71 -0.56 -7.45 12.55
N ASN A 72 0.50 -7.83 13.26
CA ASN A 72 1.56 -6.91 13.63
C ASN A 72 2.04 -6.13 12.41
N ASN A 73 2.30 -6.84 11.32
CA ASN A 73 2.76 -6.22 10.08
C ASN A 73 1.76 -5.20 9.58
N ALA A 74 0.49 -5.59 9.54
CA ALA A 74 -0.58 -4.70 9.08
C ALA A 74 -0.65 -3.45 9.95
N LYS A 75 -0.87 -3.63 11.24
CA LYS A 75 -0.96 -2.51 12.17
C LYS A 75 0.10 -1.47 11.86
N TYR A 76 1.32 -1.92 11.61
CA TYR A 76 2.43 -1.02 11.30
C TYR A 76 2.15 -0.24 10.01
N ALA A 77 1.95 -0.97 8.92
CA ALA A 77 1.68 -0.35 7.63
C ALA A 77 0.66 0.77 7.76
N VAL A 78 -0.44 0.49 8.44
CA VAL A 78 -1.49 1.48 8.63
C VAL A 78 -0.94 2.75 9.29
N SER A 79 -0.47 2.61 10.53
CA SER A 79 0.08 3.74 11.26
C SER A 79 0.98 4.59 10.36
N MET A 80 1.88 3.92 9.65
CA MET A 80 2.79 4.62 8.75
C MET A 80 2.03 5.35 7.65
N ALA A 81 1.18 4.63 6.94
CA ALA A 81 0.39 5.20 5.87
C ALA A 81 -0.29 6.49 6.32
N ARG A 82 -1.03 6.41 7.42
CA ARG A 82 -1.73 7.57 7.96
C ARG A 82 -0.75 8.58 8.56
N ARG A 83 0.42 8.08 8.96
CA ARG A 83 1.44 8.93 9.56
C ARG A 83 2.11 9.81 8.49
N ILE A 84 2.17 9.29 7.27
CA ILE A 84 2.78 10.02 6.17
C ILE A 84 1.78 10.97 5.53
N GLY A 85 0.58 11.03 6.09
CA GLY A 85 -0.45 11.91 5.56
C GLY A 85 -1.34 11.21 4.55
N ALA A 86 -2.06 10.19 5.00
CA ALA A 86 -2.95 9.44 4.13
C ALA A 86 -4.36 9.38 4.71
N ARG A 87 -5.36 9.56 3.85
CA ARG A 87 -6.75 9.52 4.27
C ARG A 87 -7.38 8.17 3.97
N VAL A 88 -6.76 7.10 4.47
CA VAL A 88 -7.25 5.74 4.25
C VAL A 88 -8.13 5.29 5.42
N TYR A 89 -7.80 5.77 6.61
CA TYR A 89 -8.56 5.41 7.81
C TYR A 89 -9.06 3.96 7.72
N ALA A 90 -8.26 3.11 7.10
CA ALA A 90 -8.61 1.71 6.96
C ALA A 90 -8.11 0.88 8.15
N LEU A 91 -8.92 -0.08 8.57
CA LEU A 91 -8.56 -0.93 9.70
C LEU A 91 -7.46 -1.92 9.31
N PRO A 92 -6.65 -2.33 10.29
CA PRO A 92 -5.55 -3.27 10.07
C PRO A 92 -6.06 -4.69 9.77
N GLU A 93 -7.31 -4.95 10.13
CA GLU A 93 -7.91 -6.26 9.89
C GLU A 93 -8.21 -6.47 8.40
N ASP A 94 -8.76 -5.44 7.78
CA ASP A 94 -9.09 -5.50 6.36
C ASP A 94 -7.91 -6.01 5.54
N LEU A 95 -6.71 -5.62 5.95
CA LEU A 95 -5.49 -6.05 5.25
C LEU A 95 -5.21 -7.52 5.51
N VAL A 96 -5.35 -7.95 6.76
CA VAL A 96 -5.12 -9.33 7.14
C VAL A 96 -5.95 -10.28 6.29
N GLU A 97 -7.26 -10.06 6.27
CA GLU A 97 -8.17 -10.89 5.50
C GLU A 97 -8.08 -10.58 4.01
N VAL A 98 -7.35 -9.51 3.68
CA VAL A 98 -7.18 -9.09 2.30
C VAL A 98 -8.52 -8.83 1.63
N LYS A 99 -9.37 -8.06 2.30
CA LYS A 99 -10.69 -7.74 1.77
C LYS A 99 -10.59 -6.74 0.62
N PRO A 100 -11.12 -7.13 -0.55
CA PRO A 100 -11.10 -6.29 -1.74
C PRO A 100 -12.01 -5.08 -1.62
N LYS A 101 -12.65 -4.93 -0.46
CA LYS A 101 -13.56 -3.82 -0.21
C LYS A 101 -12.79 -2.62 0.33
N MET A 102 -11.99 -2.85 1.38
CA MET A 102 -11.21 -1.78 1.98
C MET A 102 -9.80 -1.74 1.40
N VAL A 103 -9.19 -2.92 1.28
CA VAL A 103 -7.84 -3.03 0.74
C VAL A 103 -7.69 -2.20 -0.54
N MET A 104 -8.80 -1.99 -1.23
CA MET A 104 -8.80 -1.21 -2.47
C MET A 104 -8.60 0.27 -2.17
N THR A 105 -9.38 0.79 -1.24
CA THR A 105 -9.28 2.21 -0.87
C THR A 105 -7.98 2.50 -0.14
N VAL A 106 -7.33 1.45 0.35
CA VAL A 106 -6.07 1.59 1.06
C VAL A 106 -4.92 1.90 0.10
N PHE A 107 -4.98 1.31 -1.09
CA PHE A 107 -3.95 1.53 -2.10
C PHE A 107 -4.17 2.84 -2.82
N ALA A 108 -5.37 3.02 -3.37
CA ALA A 108 -5.71 4.24 -4.10
C ALA A 108 -5.28 5.47 -3.33
N CYS A 109 -5.88 5.68 -2.17
CA CYS A 109 -5.56 6.84 -1.32
C CYS A 109 -4.08 7.15 -1.40
N LEU A 110 -3.24 6.17 -1.06
CA LEU A 110 -1.80 6.35 -1.08
C LEU A 110 -1.35 7.07 -2.35
N MET A 111 -1.82 6.58 -3.50
CA MET A 111 -1.48 7.18 -4.79
C MET A 111 -1.70 8.68 -4.76
N GLY A 112 -2.82 9.10 -4.18
CA GLY A 112 -3.13 10.52 -4.11
C GLY A 112 -1.91 11.36 -3.79
N ARG A 113 -1.36 11.17 -2.59
CA ARG A 113 -0.18 11.93 -2.17
C ARG A 113 1.04 11.53 -2.99
N GLY A 114 1.18 10.23 -3.25
CA GLY A 114 2.31 9.74 -4.01
C GLY A 114 2.56 10.56 -5.27
N MET A 115 1.53 10.69 -6.11
CA MET A 115 1.65 11.45 -7.35
C MET A 115 2.02 12.90 -7.05
N LYS A 116 3.30 13.22 -7.22
CA LYS A 116 3.79 14.57 -6.98
C LYS A 116 3.62 15.45 -8.22
N ARG A 117 2.42 15.98 -8.40
CA ARG A 117 2.12 16.83 -9.55
C ARG A 117 3.26 17.82 -9.80
N VAL A 118 3.34 18.33 -11.03
CA VAL A 118 4.38 19.28 -11.40
C VAL A 118 3.79 20.65 -11.70
N SER A 119 4.00 21.59 -10.79
CA SER A 119 3.49 22.94 -10.96
C SER A 119 4.19 23.65 -12.11
N GLY A 120 3.48 24.57 -12.77
CA GLY A 120 4.05 25.30 -13.88
C GLY A 120 5.52 25.63 -13.66
N PRO A 121 6.29 25.64 -14.76
CA PRO A 121 7.72 25.94 -14.71
C PRO A 121 8.01 27.40 -14.38
N SER A 122 9.29 27.76 -14.36
CA SER A 122 9.69 29.13 -14.05
C SER A 122 9.33 30.07 -15.20
N SER A 123 9.56 31.36 -14.99
CA SER A 123 9.27 32.36 -16.01
C SER A 123 10.49 32.63 -16.88
N GLY A 124 10.31 32.53 -18.19
CA GLY A 124 11.41 32.77 -19.11
C GLY A 124 11.29 34.10 -19.83
N GLY A 1 -23.45 -12.56 -20.26
CA GLY A 1 -22.15 -11.95 -20.48
C GLY A 1 -21.06 -12.58 -19.64
N SER A 2 -19.83 -12.55 -20.14
CA SER A 2 -18.70 -13.13 -19.44
C SER A 2 -17.86 -12.05 -18.76
N SER A 3 -17.62 -10.96 -19.49
CA SER A 3 -16.82 -9.85 -18.97
C SER A 3 -17.59 -8.53 -19.08
N GLY A 4 -17.58 -7.76 -17.99
CA GLY A 4 -18.29 -6.50 -17.98
C GLY A 4 -18.40 -5.91 -16.59
N SER A 5 -18.97 -4.71 -16.50
CA SER A 5 -19.13 -4.03 -15.21
C SER A 5 -17.79 -3.90 -14.49
N SER A 6 -16.75 -3.55 -15.25
CA SER A 6 -15.42 -3.39 -14.69
C SER A 6 -15.07 -1.92 -14.53
N GLY A 7 -14.18 -1.63 -13.58
CA GLY A 7 -13.77 -0.25 -13.34
C GLY A 7 -12.27 -0.10 -13.23
N ASN A 8 -11.83 0.84 -12.42
CA ASN A 8 -10.39 1.10 -12.24
C ASN A 8 -9.82 0.18 -11.16
N ASP A 9 -9.33 -0.97 -11.58
CA ASP A 9 -8.74 -1.94 -10.65
C ASP A 9 -7.27 -2.17 -10.97
N ASP A 10 -6.99 -2.58 -12.20
CA ASP A 10 -5.62 -2.84 -12.64
C ASP A 10 -4.76 -1.58 -12.52
N ILE A 11 -5.30 -0.46 -12.98
CA ILE A 11 -4.59 0.81 -12.92
C ILE A 11 -3.90 0.98 -11.58
N ILE A 12 -4.68 0.97 -10.50
CA ILE A 12 -4.13 1.13 -9.16
C ILE A 12 -3.00 0.15 -8.91
N VAL A 13 -3.26 -1.13 -9.18
CA VAL A 13 -2.25 -2.17 -8.98
C VAL A 13 -0.94 -1.80 -9.65
N ASN A 14 -1.02 -1.35 -10.90
CA ASN A 14 0.16 -0.96 -11.66
C ASN A 14 1.00 0.04 -10.87
N TRP A 15 0.35 1.05 -10.31
CA TRP A 15 1.04 2.08 -9.53
C TRP A 15 1.69 1.47 -8.29
N VAL A 16 0.98 0.54 -7.65
CA VAL A 16 1.49 -0.12 -6.45
C VAL A 16 2.86 -0.73 -6.71
N ASN A 17 3.06 -1.24 -7.92
CA ASN A 17 4.33 -1.87 -8.29
C ASN A 17 5.36 -0.80 -8.68
N ARG A 18 4.93 0.17 -9.49
CA ARG A 18 5.81 1.23 -9.93
C ARG A 18 6.53 1.87 -8.75
N THR A 19 5.76 2.28 -7.75
CA THR A 19 6.33 2.91 -6.56
C THR A 19 7.36 2.01 -5.90
N LEU A 20 7.07 0.71 -5.84
CA LEU A 20 7.98 -0.25 -5.25
C LEU A 20 9.30 -0.31 -6.01
N SER A 21 9.22 -0.26 -7.34
CA SER A 21 10.41 -0.31 -8.17
C SER A 21 11.18 1.01 -8.09
N GLU A 22 10.45 2.12 -8.07
CA GLU A 22 11.06 3.43 -8.00
C GLU A 22 12.20 3.45 -6.98
N ALA A 23 11.98 2.80 -5.84
CA ALA A 23 12.98 2.73 -4.79
C ALA A 23 13.86 1.50 -4.95
N GLY A 24 13.24 0.39 -5.34
CA GLY A 24 13.99 -0.85 -5.52
C GLY A 24 13.65 -1.89 -4.49
N LYS A 25 12.36 -2.19 -4.35
CA LYS A 25 11.89 -3.18 -3.39
C LYS A 25 11.73 -4.54 -4.05
N SER A 26 11.65 -5.58 -3.22
CA SER A 26 11.49 -6.94 -3.72
C SER A 26 10.11 -7.49 -3.39
N THR A 27 9.12 -6.61 -3.38
CA THR A 27 7.75 -6.99 -3.08
C THR A 27 6.78 -6.45 -4.11
N SER A 28 5.62 -7.09 -4.25
CA SER A 28 4.61 -6.68 -5.21
C SER A 28 3.32 -7.46 -5.02
N ILE A 29 2.23 -6.93 -5.53
CA ILE A 29 0.92 -7.58 -5.43
C ILE A 29 0.24 -7.68 -6.79
N GLN A 30 -0.37 -8.83 -7.06
CA GLN A 30 -1.06 -9.04 -8.33
C GLN A 30 -2.42 -8.34 -8.33
N SER A 31 -3.10 -8.39 -7.19
CA SER A 31 -4.42 -7.77 -7.07
C SER A 31 -4.81 -7.63 -5.60
N PHE A 32 -5.95 -6.98 -5.35
CA PHE A 32 -6.44 -6.78 -4.00
C PHE A 32 -6.96 -8.08 -3.41
N LYS A 33 -6.90 -9.15 -4.20
CA LYS A 33 -7.37 -10.46 -3.76
C LYS A 33 -6.19 -11.37 -3.42
N ASP A 34 -5.07 -11.14 -4.08
CA ASP A 34 -3.86 -11.94 -3.84
C ASP A 34 -3.72 -12.28 -2.37
N LYS A 35 -3.10 -13.42 -2.09
CA LYS A 35 -2.90 -13.86 -0.72
C LYS A 35 -1.54 -13.40 -0.20
N THR A 36 -1.04 -12.31 -0.76
CA THR A 36 0.25 -11.76 -0.34
C THR A 36 0.07 -10.52 0.53
N ILE A 37 -1.05 -9.84 0.33
CA ILE A 37 -1.34 -8.63 1.11
C ILE A 37 -1.51 -8.95 2.59
N SER A 38 -2.02 -10.15 2.87
CA SER A 38 -2.23 -10.58 4.24
C SER A 38 -0.98 -10.34 5.09
N SER A 39 0.18 -10.54 4.49
CA SER A 39 1.45 -10.35 5.18
C SER A 39 1.75 -8.87 5.37
N SER A 40 1.16 -8.04 4.51
CA SER A 40 1.37 -6.60 4.58
C SER A 40 2.84 -6.25 4.36
N LEU A 41 3.54 -7.10 3.63
CA LEU A 41 4.95 -6.88 3.35
C LEU A 41 5.13 -5.96 2.15
N ALA A 42 4.21 -6.05 1.20
CA ALA A 42 4.26 -5.22 0.00
C ALA A 42 3.69 -3.82 0.27
N VAL A 43 2.65 -3.76 1.09
CA VAL A 43 2.02 -2.50 1.44
C VAL A 43 3.03 -1.53 2.07
N VAL A 44 3.78 -2.04 3.05
CA VAL A 44 4.78 -1.23 3.73
C VAL A 44 5.86 -0.76 2.77
N ASP A 45 6.42 -1.70 2.03
CA ASP A 45 7.48 -1.38 1.07
C ASP A 45 7.07 -0.21 0.19
N LEU A 46 5.77 -0.04 0.00
CA LEU A 46 5.24 1.05 -0.83
C LEU A 46 5.45 2.40 -0.13
N ILE A 47 5.19 2.43 1.17
CA ILE A 47 5.34 3.66 1.94
C ILE A 47 6.76 4.22 1.81
N ASP A 48 7.74 3.45 2.29
CA ASP A 48 9.13 3.87 2.22
C ASP A 48 9.46 4.46 0.86
N ALA A 49 9.13 3.73 -0.20
CA ALA A 49 9.38 4.18 -1.57
C ALA A 49 9.01 5.65 -1.73
N ILE A 50 7.84 6.02 -1.21
CA ILE A 50 7.36 7.39 -1.31
C ILE A 50 8.11 8.30 -0.34
N GLN A 51 8.13 7.91 0.93
CA GLN A 51 8.82 8.69 1.96
C GLN A 51 9.73 7.80 2.79
N PRO A 52 10.95 7.57 2.29
CA PRO A 52 11.94 6.73 2.97
C PRO A 52 12.48 7.40 4.24
N GLY A 53 13.19 6.62 5.05
CA GLY A 53 13.75 7.15 6.28
C GLY A 53 12.80 7.03 7.46
N CYS A 54 11.51 6.97 7.17
CA CYS A 54 10.49 6.85 8.21
C CYS A 54 10.19 5.39 8.50
N ILE A 55 10.27 4.54 7.47
CA ILE A 55 9.99 3.13 7.61
C ILE A 55 11.16 2.41 8.29
N ASN A 56 10.84 1.54 9.25
CA ASN A 56 11.86 0.80 9.97
C ASN A 56 11.59 -0.70 9.89
N TYR A 57 12.10 -1.33 8.84
CA TYR A 57 11.92 -2.76 8.64
C TYR A 57 12.33 -3.55 9.89
N ASP A 58 13.41 -3.12 10.52
CA ASP A 58 13.91 -3.77 11.72
C ASP A 58 12.76 -4.23 12.60
N LEU A 59 11.72 -3.42 12.68
CA LEU A 59 10.55 -3.74 13.49
C LEU A 59 9.59 -4.64 12.73
N VAL A 60 9.38 -4.35 11.45
CA VAL A 60 8.50 -5.14 10.61
C VAL A 60 8.95 -6.59 10.54
N LYS A 61 7.99 -7.50 10.40
CA LYS A 61 8.29 -8.92 10.32
C LYS A 61 8.39 -9.38 8.87
N SER A 62 8.73 -10.64 8.68
CA SER A 62 8.87 -11.20 7.34
C SER A 62 8.97 -12.72 7.39
N GLY A 63 8.41 -13.38 6.39
CA GLY A 63 8.44 -14.83 6.33
C GLY A 63 7.14 -15.46 6.77
N ASN A 64 7.21 -16.38 7.72
CA ASN A 64 6.02 -17.07 8.22
C ASN A 64 5.35 -16.25 9.32
N LEU A 65 4.40 -15.40 8.92
CA LEU A 65 3.68 -14.56 9.87
C LEU A 65 2.46 -15.29 10.42
N THR A 66 2.47 -15.53 11.74
CA THR A 66 1.36 -16.22 12.40
C THR A 66 0.13 -15.32 12.48
N GLU A 67 -0.97 -15.89 12.97
CA GLU A 67 -2.21 -15.14 13.11
C GLU A 67 -1.95 -13.77 13.75
N ASP A 68 -1.03 -13.73 14.70
CA ASP A 68 -0.69 -12.49 15.38
C ASP A 68 0.17 -11.60 14.50
N ASP A 69 1.26 -12.17 13.99
CA ASP A 69 2.18 -11.43 13.13
C ASP A 69 1.41 -10.66 12.05
N LYS A 70 0.73 -11.39 11.17
CA LYS A 70 -0.04 -10.78 10.10
C LYS A 70 -0.66 -9.46 10.56
N HIS A 71 -1.33 -9.49 11.71
CA HIS A 71 -1.97 -8.31 12.26
C HIS A 71 -0.93 -7.23 12.57
N ASN A 72 0.13 -7.62 13.26
CA ASN A 72 1.19 -6.68 13.62
C ASN A 72 1.70 -5.94 12.38
N ASN A 73 2.04 -6.70 11.35
CA ASN A 73 2.54 -6.11 10.11
C ASN A 73 1.59 -5.05 9.57
N ALA A 74 0.32 -5.42 9.40
CA ALA A 74 -0.69 -4.50 8.91
C ALA A 74 -0.75 -3.24 9.76
N LYS A 75 -1.05 -3.42 11.05
CA LYS A 75 -1.14 -2.29 11.98
C LYS A 75 -0.08 -1.25 11.67
N TYR A 76 1.19 -1.66 11.75
CA TYR A 76 2.30 -0.76 11.48
C TYR A 76 2.07 0.03 10.18
N ALA A 77 1.76 -0.70 9.11
CA ALA A 77 1.51 -0.07 7.82
C ALA A 77 0.41 0.98 7.92
N VAL A 78 -0.65 0.66 8.66
CA VAL A 78 -1.77 1.58 8.83
C VAL A 78 -1.31 2.88 9.48
N SER A 79 -0.50 2.76 10.53
CA SER A 79 0.01 3.94 11.25
C SER A 79 0.89 4.77 10.34
N MET A 80 1.84 4.11 9.68
CA MET A 80 2.76 4.81 8.77
C MET A 80 2.01 5.48 7.64
N ALA A 81 1.33 4.67 6.83
CA ALA A 81 0.55 5.18 5.70
C ALA A 81 -0.04 6.55 6.03
N ARG A 82 -0.90 6.59 7.04
CA ARG A 82 -1.55 7.83 7.45
C ARG A 82 -0.50 8.86 7.91
N ARG A 83 0.50 8.39 8.64
CA ARG A 83 1.55 9.27 9.14
C ARG A 83 2.13 10.13 8.01
N ILE A 84 2.53 9.48 6.93
CA ILE A 84 3.09 10.18 5.78
C ILE A 84 2.05 11.06 5.10
N GLY A 85 0.79 10.87 5.50
CA GLY A 85 -0.28 11.66 4.92
C GLY A 85 -1.09 10.87 3.91
N ALA A 86 -2.00 10.03 4.41
CA ALA A 86 -2.85 9.22 3.55
C ALA A 86 -4.32 9.39 3.90
N ARG A 87 -4.60 9.57 5.19
CA ARG A 87 -5.97 9.74 5.66
C ARG A 87 -6.81 8.51 5.35
N VAL A 88 -6.31 7.34 5.76
CA VAL A 88 -7.02 6.09 5.52
C VAL A 88 -7.59 5.54 6.81
N TYR A 89 -8.90 5.65 6.97
CA TYR A 89 -9.58 5.15 8.16
C TYR A 89 -9.89 3.67 8.05
N ALA A 90 -9.00 2.93 7.39
CA ALA A 90 -9.17 1.50 7.21
C ALA A 90 -8.75 0.74 8.46
N LEU A 91 -9.27 -0.48 8.61
CA LEU A 91 -8.94 -1.31 9.75
C LEU A 91 -7.70 -2.17 9.48
N PRO A 92 -6.90 -2.39 10.53
CA PRO A 92 -5.68 -3.20 10.44
C PRO A 92 -5.97 -4.67 10.22
N GLU A 93 -7.24 -5.05 10.32
CA GLU A 93 -7.65 -6.43 10.12
C GLU A 93 -8.01 -6.70 8.67
N ASP A 94 -8.66 -5.72 8.04
CA ASP A 94 -9.07 -5.84 6.65
C ASP A 94 -7.91 -6.32 5.78
N LEU A 95 -6.74 -5.72 6.00
CA LEU A 95 -5.55 -6.08 5.24
C LEU A 95 -5.18 -7.55 5.45
N VAL A 96 -5.21 -7.98 6.71
CA VAL A 96 -4.89 -9.36 7.05
C VAL A 96 -5.75 -10.33 6.24
N GLU A 97 -7.05 -10.07 6.19
CA GLU A 97 -7.97 -10.93 5.46
C GLU A 97 -7.95 -10.61 3.97
N VAL A 98 -7.02 -9.73 3.57
CA VAL A 98 -6.88 -9.34 2.18
C VAL A 98 -8.25 -9.06 1.55
N LYS A 99 -9.09 -8.31 2.27
CA LYS A 99 -10.42 -7.97 1.79
C LYS A 99 -10.34 -6.99 0.63
N PRO A 100 -10.82 -7.41 -0.55
CA PRO A 100 -10.82 -6.58 -1.76
C PRO A 100 -11.80 -5.42 -1.65
N LYS A 101 -12.48 -5.31 -0.52
CA LYS A 101 -13.45 -4.25 -0.29
C LYS A 101 -12.78 -3.01 0.31
N MET A 102 -11.83 -3.25 1.21
CA MET A 102 -11.11 -2.15 1.86
C MET A 102 -9.72 -1.98 1.25
N VAL A 103 -8.97 -3.08 1.17
CA VAL A 103 -7.63 -3.05 0.61
C VAL A 103 -7.58 -2.17 -0.64
N MET A 104 -8.66 -2.19 -1.41
CA MET A 104 -8.74 -1.40 -2.64
C MET A 104 -8.49 0.07 -2.35
N THR A 105 -9.36 0.68 -1.56
CA THR A 105 -9.23 2.08 -1.20
C THR A 105 -7.94 2.35 -0.43
N VAL A 106 -7.53 1.36 0.36
CA VAL A 106 -6.30 1.49 1.15
C VAL A 106 -5.13 1.92 0.28
N PHE A 107 -5.06 1.35 -0.93
CA PHE A 107 -3.98 1.68 -1.86
C PHE A 107 -4.25 3.00 -2.57
N ALA A 108 -5.40 3.09 -3.23
CA ALA A 108 -5.78 4.30 -3.94
C ALA A 108 -5.46 5.55 -3.12
N CYS A 109 -5.68 5.46 -1.80
CA CYS A 109 -5.41 6.57 -0.91
C CYS A 109 -3.95 6.99 -0.96
N LEU A 110 -3.06 6.00 -0.90
CA LEU A 110 -1.62 6.26 -0.95
C LEU A 110 -1.24 6.97 -2.24
N MET A 111 -1.75 6.47 -3.36
CA MET A 111 -1.47 7.07 -4.66
C MET A 111 -1.71 8.58 -4.64
N GLY A 112 -2.87 8.97 -4.12
CA GLY A 112 -3.21 10.38 -4.04
C GLY A 112 -2.02 11.25 -3.69
N ARG A 113 -1.59 11.17 -2.44
CA ARG A 113 -0.46 11.96 -1.97
C ARG A 113 0.82 11.57 -2.72
N GLY A 114 1.04 10.27 -2.86
CA GLY A 114 2.22 9.80 -3.56
C GLY A 114 2.50 10.57 -4.83
N MET A 115 1.55 10.54 -5.76
CA MET A 115 1.70 11.25 -7.03
C MET A 115 2.24 12.66 -6.80
N LYS A 116 3.54 12.84 -7.01
CA LYS A 116 4.17 14.14 -6.84
C LYS A 116 3.92 15.04 -8.05
N ARG A 117 3.43 16.24 -7.78
CA ARG A 117 3.15 17.19 -8.85
C ARG A 117 2.72 18.54 -8.27
N VAL A 118 3.54 19.56 -8.50
CA VAL A 118 3.24 20.91 -8.01
C VAL A 118 2.54 20.85 -6.66
N SER A 119 3.07 20.03 -5.75
CA SER A 119 2.49 19.89 -4.42
C SER A 119 3.53 20.15 -3.34
N GLY A 120 3.62 21.40 -2.91
CA GLY A 120 4.58 21.77 -1.88
C GLY A 120 4.40 23.20 -1.40
N PRO A 121 5.18 24.13 -1.98
CA PRO A 121 5.12 25.55 -1.63
C PRO A 121 3.82 26.21 -2.08
N SER A 122 3.50 27.34 -1.47
CA SER A 122 2.28 28.07 -1.82
C SER A 122 2.39 28.69 -3.20
N SER A 123 2.01 27.92 -4.21
CA SER A 123 2.07 28.40 -5.60
C SER A 123 0.78 29.13 -5.97
N GLY A 124 0.93 30.31 -6.58
CA GLY A 124 -0.21 31.09 -6.99
C GLY A 124 0.00 31.81 -8.29
N GLY A 1 -19.30 18.86 -7.24
CA GLY A 1 -18.97 17.52 -7.68
C GLY A 1 -17.51 17.17 -7.39
N SER A 2 -17.25 15.90 -7.14
CA SER A 2 -15.90 15.43 -6.84
C SER A 2 -15.66 14.05 -7.43
N SER A 3 -14.38 13.66 -7.54
CA SER A 3 -14.02 12.37 -8.08
C SER A 3 -14.67 11.24 -7.28
N GLY A 4 -15.70 10.64 -7.85
CA GLY A 4 -16.40 9.56 -7.18
C GLY A 4 -15.76 8.22 -7.45
N SER A 5 -15.99 7.67 -8.63
CA SER A 5 -15.43 6.37 -8.99
C SER A 5 -15.36 6.21 -10.51
N SER A 6 -14.26 5.65 -11.00
CA SER A 6 -14.07 5.45 -12.43
C SER A 6 -13.74 3.99 -12.73
N GLY A 7 -12.75 3.45 -12.01
CA GLY A 7 -12.36 2.07 -12.22
C GLY A 7 -10.85 1.90 -12.27
N ASN A 8 -10.20 2.15 -11.15
CA ASN A 8 -8.75 2.02 -11.07
C ASN A 8 -8.35 0.69 -10.45
N ASP A 9 -9.27 -0.26 -10.46
CA ASP A 9 -9.02 -1.59 -9.90
C ASP A 9 -7.63 -2.09 -10.31
N ASP A 10 -7.36 -2.08 -11.61
CA ASP A 10 -6.07 -2.55 -12.12
C ASP A 10 -5.02 -1.45 -11.98
N ILE A 11 -5.29 -0.30 -12.59
CA ILE A 11 -4.36 0.83 -12.53
C ILE A 11 -3.69 0.93 -11.16
N ILE A 12 -4.50 0.90 -10.11
CA ILE A 12 -3.98 0.97 -8.76
C ILE A 12 -2.86 -0.03 -8.53
N VAL A 13 -3.06 -1.26 -9.01
CA VAL A 13 -2.06 -2.30 -8.86
C VAL A 13 -0.78 -1.95 -9.60
N ASN A 14 -0.92 -1.62 -10.88
CA ASN A 14 0.22 -1.26 -11.71
C ASN A 14 1.06 -0.17 -11.04
N TRP A 15 0.38 0.81 -10.43
CA TRP A 15 1.05 1.90 -9.76
C TRP A 15 1.80 1.41 -8.53
N VAL A 16 1.15 0.54 -7.76
CA VAL A 16 1.75 -0.02 -6.54
C VAL A 16 3.07 -0.73 -6.87
N ASN A 17 3.10 -1.40 -8.01
CA ASN A 17 4.30 -2.12 -8.43
C ASN A 17 5.41 -1.14 -8.83
N ARG A 18 5.07 -0.20 -9.71
CA ARG A 18 6.03 0.78 -10.18
C ARG A 18 6.64 1.55 -9.00
N THR A 19 5.78 2.08 -8.14
CA THR A 19 6.23 2.84 -6.97
C THR A 19 7.20 2.02 -6.12
N LEU A 20 6.95 0.72 -6.03
CA LEU A 20 7.80 -0.18 -5.26
C LEU A 20 9.18 -0.30 -5.89
N SER A 21 9.20 -0.49 -7.21
CA SER A 21 10.46 -0.63 -7.94
C SER A 21 11.26 0.67 -7.89
N GLU A 22 10.56 1.79 -7.99
CA GLU A 22 11.20 3.11 -7.95
C GLU A 22 12.27 3.16 -6.86
N ALA A 23 11.91 2.73 -5.66
CA ALA A 23 12.83 2.72 -4.53
C ALA A 23 13.71 1.48 -4.54
N GLY A 24 13.11 0.34 -4.90
CA GLY A 24 13.84 -0.90 -4.94
C GLY A 24 13.34 -1.91 -3.92
N LYS A 25 12.04 -2.14 -3.92
CA LYS A 25 11.43 -3.09 -2.99
C LYS A 25 11.27 -4.47 -3.63
N SER A 26 11.46 -5.51 -2.84
CA SER A 26 11.34 -6.88 -3.32
C SER A 26 9.91 -7.39 -3.17
N THR A 27 9.03 -6.53 -2.66
CA THR A 27 7.63 -6.89 -2.46
C THR A 27 6.78 -6.46 -3.65
N SER A 28 5.69 -7.19 -3.87
CA SER A 28 4.79 -6.88 -4.99
C SER A 28 3.44 -7.59 -4.80
N ILE A 29 2.45 -7.15 -5.57
CA ILE A 29 1.12 -7.74 -5.49
C ILE A 29 0.52 -7.93 -6.88
N GLN A 30 -0.63 -8.59 -6.93
CA GLN A 30 -1.30 -8.85 -8.20
C GLN A 30 -2.71 -8.25 -8.20
N SER A 31 -3.42 -8.42 -7.09
CA SER A 31 -4.78 -7.91 -6.97
C SER A 31 -5.16 -7.74 -5.50
N PHE A 32 -6.36 -7.22 -5.26
CA PHE A 32 -6.84 -7.00 -3.90
C PHE A 32 -7.36 -8.30 -3.29
N LYS A 33 -7.09 -9.41 -3.96
CA LYS A 33 -7.53 -10.72 -3.50
C LYS A 33 -6.33 -11.60 -3.15
N ASP A 34 -5.19 -11.30 -3.74
CA ASP A 34 -3.97 -12.06 -3.49
C ASP A 34 -3.80 -12.34 -2.01
N LYS A 35 -3.15 -13.45 -1.69
CA LYS A 35 -2.93 -13.84 -0.30
C LYS A 35 -1.59 -13.30 0.21
N THR A 36 -1.12 -12.23 -0.42
CA THR A 36 0.14 -11.61 -0.04
C THR A 36 -0.08 -10.34 0.78
N ILE A 37 -1.14 -9.62 0.44
CA ILE A 37 -1.47 -8.37 1.15
C ILE A 37 -1.63 -8.62 2.64
N SER A 38 -2.04 -9.84 3.00
CA SER A 38 -2.23 -10.20 4.40
C SER A 38 -0.95 -9.97 5.20
N SER A 39 0.19 -10.21 4.56
CA SER A 39 1.48 -10.03 5.21
C SER A 39 1.79 -8.55 5.42
N SER A 40 1.04 -7.69 4.71
CA SER A 40 1.24 -6.25 4.82
C SER A 40 2.69 -5.88 4.53
N LEU A 41 3.34 -6.67 3.69
CA LEU A 41 4.74 -6.43 3.32
C LEU A 41 4.83 -5.50 2.12
N ALA A 42 3.88 -5.62 1.20
CA ALA A 42 3.85 -4.80 0.01
C ALA A 42 3.34 -3.39 0.32
N VAL A 43 2.44 -3.30 1.28
CA VAL A 43 1.88 -2.01 1.68
C VAL A 43 2.94 -1.12 2.31
N VAL A 44 3.66 -1.68 3.28
CA VAL A 44 4.71 -0.94 3.97
C VAL A 44 5.80 -0.49 3.00
N ASP A 45 6.32 -1.43 2.23
CA ASP A 45 7.37 -1.15 1.25
C ASP A 45 6.96 0.03 0.35
N LEU A 46 5.68 0.07 0.00
CA LEU A 46 5.16 1.13 -0.86
C LEU A 46 5.38 2.50 -0.23
N ILE A 47 4.85 2.68 0.97
CA ILE A 47 4.99 3.95 1.69
C ILE A 47 6.42 4.48 1.58
N ASP A 48 7.39 3.60 1.82
CA ASP A 48 8.80 3.98 1.76
C ASP A 48 9.08 4.79 0.50
N ALA A 49 8.81 4.18 -0.66
CA ALA A 49 9.05 4.85 -1.94
C ALA A 49 8.61 6.31 -1.88
N ILE A 50 7.36 6.53 -1.51
CA ILE A 50 6.82 7.90 -1.41
C ILE A 50 7.59 8.72 -0.39
N GLN A 51 7.72 8.17 0.82
CA GLN A 51 8.44 8.86 1.89
C GLN A 51 9.41 7.91 2.59
N PRO A 52 10.58 7.72 1.98
CA PRO A 52 11.62 6.84 2.53
C PRO A 52 12.26 7.41 3.79
N GLY A 53 13.00 6.57 4.51
CA GLY A 53 13.66 7.01 5.72
C GLY A 53 12.78 6.84 6.94
N CYS A 54 11.48 6.67 6.72
CA CYS A 54 10.53 6.50 7.81
C CYS A 54 10.26 5.02 8.07
N ILE A 55 10.08 4.26 7.00
CA ILE A 55 9.81 2.83 7.11
C ILE A 55 11.01 2.10 7.71
N ASN A 56 10.80 1.55 8.90
CA ASN A 56 11.86 0.81 9.59
C ASN A 56 11.56 -0.67 9.62
N TYR A 57 12.24 -1.43 8.76
CA TYR A 57 12.04 -2.87 8.67
C TYR A 57 12.47 -3.55 9.97
N ASP A 58 13.56 -3.06 10.55
CA ASP A 58 14.08 -3.63 11.80
C ASP A 58 12.94 -4.06 12.71
N LEU A 59 11.83 -3.32 12.66
CA LEU A 59 10.67 -3.63 13.48
C LEU A 59 9.67 -4.49 12.71
N VAL A 60 9.51 -4.20 11.43
CA VAL A 60 8.59 -4.97 10.59
C VAL A 60 9.01 -6.42 10.48
N LYS A 61 8.02 -7.32 10.47
CA LYS A 61 8.29 -8.74 10.37
C LYS A 61 8.33 -9.20 8.92
N SER A 62 8.79 -10.42 8.69
CA SER A 62 8.89 -10.97 7.35
C SER A 62 9.04 -12.49 7.38
N GLY A 63 8.72 -13.14 6.28
CA GLY A 63 8.82 -14.58 6.20
C GLY A 63 7.51 -15.28 6.52
N ASN A 64 7.53 -16.16 7.52
CA ASN A 64 6.34 -16.90 7.91
C ASN A 64 5.57 -16.15 8.99
N LEU A 65 4.62 -15.33 8.58
CA LEU A 65 3.80 -14.55 9.51
C LEU A 65 2.53 -15.31 9.87
N THR A 66 2.42 -15.68 11.15
CA THR A 66 1.24 -16.42 11.62
C THR A 66 0.07 -15.46 11.88
N GLU A 67 -1.11 -16.03 12.09
CA GLU A 67 -2.30 -15.24 12.34
C GLU A 67 -1.96 -13.98 13.15
N ASP A 68 -1.11 -14.15 14.15
CA ASP A 68 -0.70 -13.03 15.00
C ASP A 68 0.23 -12.09 14.25
N ASP A 69 1.39 -12.60 13.85
CA ASP A 69 2.37 -11.81 13.12
C ASP A 69 1.69 -10.94 12.08
N LYS A 70 1.07 -11.56 11.07
CA LYS A 70 0.38 -10.85 10.02
C LYS A 70 -0.28 -9.59 10.56
N HIS A 71 -1.12 -9.76 11.59
CA HIS A 71 -1.82 -8.64 12.19
C HIS A 71 -0.84 -7.54 12.58
N ASN A 72 0.28 -7.93 13.18
CA ASN A 72 1.30 -6.97 13.60
C ASN A 72 1.79 -6.14 12.42
N ASN A 73 2.21 -6.83 11.35
CA ASN A 73 2.71 -6.17 10.16
C ASN A 73 1.72 -5.13 9.66
N ALA A 74 0.48 -5.57 9.42
CA ALA A 74 -0.57 -4.68 8.94
C ALA A 74 -0.67 -3.43 9.81
N LYS A 75 -0.80 -3.64 11.12
CA LYS A 75 -0.90 -2.52 12.06
C LYS A 75 0.12 -1.44 11.75
N TYR A 76 1.38 -1.83 11.64
CA TYR A 76 2.46 -0.89 11.34
C TYR A 76 2.12 -0.05 10.11
N ALA A 77 1.78 -0.73 9.02
CA ALA A 77 1.43 -0.06 7.77
C ALA A 77 0.35 0.99 8.01
N VAL A 78 -0.64 0.65 8.82
CA VAL A 78 -1.73 1.56 9.13
C VAL A 78 -1.22 2.83 9.79
N SER A 79 -0.27 2.67 10.72
CA SER A 79 0.30 3.80 11.43
C SER A 79 1.11 4.68 10.48
N MET A 80 1.84 4.05 9.57
CA MET A 80 2.66 4.78 8.61
C MET A 80 1.79 5.50 7.59
N ALA A 81 0.98 4.73 6.86
CA ALA A 81 0.10 5.30 5.85
C ALA A 81 -0.47 6.64 6.30
N ARG A 82 -1.03 6.65 7.51
CA ARG A 82 -1.62 7.88 8.06
C ARG A 82 -0.53 8.86 8.49
N ARG A 83 0.60 8.31 8.93
CA ARG A 83 1.72 9.13 9.38
C ARG A 83 2.25 9.99 8.23
N ILE A 84 2.17 9.46 7.02
CA ILE A 84 2.65 10.18 5.84
C ILE A 84 1.56 11.10 5.28
N GLY A 85 0.48 11.24 6.04
CA GLY A 85 -0.61 12.10 5.61
C GLY A 85 -1.74 11.33 4.93
N ALA A 86 -1.38 10.22 4.29
CA ALA A 86 -2.36 9.39 3.60
C ALA A 86 -3.59 9.16 4.47
N ARG A 87 -4.64 9.94 4.23
CA ARG A 87 -5.87 9.82 5.00
C ARG A 87 -6.59 8.50 4.68
N VAL A 88 -6.45 7.54 5.57
CA VAL A 88 -7.08 6.23 5.39
C VAL A 88 -7.54 5.65 6.73
N TYR A 89 -8.83 5.33 6.81
CA TYR A 89 -9.39 4.78 8.04
C TYR A 89 -9.77 3.31 7.84
N ALA A 90 -8.85 2.55 7.25
CA ALA A 90 -9.08 1.13 7.01
C ALA A 90 -8.52 0.28 8.14
N LEU A 91 -9.40 -0.25 8.97
CA LEU A 91 -8.99 -1.08 10.11
C LEU A 91 -7.80 -1.94 9.73
N PRO A 92 -6.97 -2.29 10.74
CA PRO A 92 -5.78 -3.12 10.54
C PRO A 92 -6.14 -4.57 10.19
N GLU A 93 -7.42 -4.91 10.35
CA GLU A 93 -7.88 -6.27 10.05
C GLU A 93 -8.09 -6.46 8.56
N ASP A 94 -8.64 -5.44 7.91
CA ASP A 94 -8.89 -5.50 6.47
C ASP A 94 -7.63 -5.95 5.72
N LEU A 95 -6.49 -5.39 6.09
CA LEU A 95 -5.22 -5.72 5.45
C LEU A 95 -4.94 -7.22 5.58
N VAL A 96 -5.19 -7.76 6.77
CA VAL A 96 -4.96 -9.18 7.01
C VAL A 96 -5.93 -10.05 6.21
N GLU A 97 -7.19 -9.66 6.21
CA GLU A 97 -8.22 -10.40 5.49
C GLU A 97 -8.14 -10.11 3.99
N VAL A 98 -7.24 -9.20 3.62
CA VAL A 98 -7.07 -8.83 2.22
C VAL A 98 -8.41 -8.56 1.55
N LYS A 99 -9.26 -7.79 2.23
CA LYS A 99 -10.57 -7.45 1.70
C LYS A 99 -10.45 -6.80 0.33
N PRO A 100 -11.01 -7.47 -0.69
CA PRO A 100 -10.99 -6.96 -2.07
C PRO A 100 -11.87 -5.74 -2.26
N LYS A 101 -12.50 -5.30 -1.18
CA LYS A 101 -13.38 -4.14 -1.22
C LYS A 101 -12.75 -2.95 -0.50
N MET A 102 -12.02 -3.23 0.58
CA MET A 102 -11.37 -2.19 1.36
C MET A 102 -9.93 -2.00 0.91
N VAL A 103 -9.20 -3.10 0.76
CA VAL A 103 -7.81 -3.05 0.32
C VAL A 103 -7.65 -2.14 -0.89
N MET A 104 -8.69 -2.05 -1.70
CA MET A 104 -8.66 -1.21 -2.89
C MET A 104 -8.47 0.26 -2.52
N THR A 105 -9.22 0.71 -1.53
CA THR A 105 -9.14 2.10 -1.07
C THR A 105 -7.88 2.33 -0.24
N VAL A 106 -7.27 1.23 0.22
CA VAL A 106 -6.06 1.33 1.03
C VAL A 106 -4.85 1.62 0.16
N PHE A 107 -4.90 1.19 -1.11
CA PHE A 107 -3.80 1.41 -2.03
C PHE A 107 -3.97 2.74 -2.77
N ALA A 108 -5.19 3.02 -3.22
CA ALA A 108 -5.49 4.26 -3.93
C ALA A 108 -5.10 5.47 -3.09
N CYS A 109 -5.57 5.51 -1.86
CA CYS A 109 -5.28 6.62 -0.97
C CYS A 109 -3.79 6.92 -0.94
N LEU A 110 -2.98 5.87 -0.82
CA LEU A 110 -1.53 6.02 -0.78
C LEU A 110 -1.01 6.66 -2.07
N MET A 111 -1.64 6.31 -3.19
CA MET A 111 -1.25 6.86 -4.48
C MET A 111 -1.27 8.39 -4.46
N GLY A 112 -2.46 8.95 -4.22
CA GLY A 112 -2.60 10.39 -4.18
C GLY A 112 -1.37 11.08 -3.61
N ARG A 113 -0.91 10.58 -2.46
CA ARG A 113 0.26 11.16 -1.81
C ARG A 113 1.50 11.05 -2.70
N GLY A 114 1.66 9.90 -3.35
CA GLY A 114 2.79 9.69 -4.23
C GLY A 114 2.45 9.94 -5.68
N MET A 115 1.27 10.49 -5.93
CA MET A 115 0.83 10.78 -7.29
C MET A 115 1.68 11.88 -7.92
N LYS A 116 2.46 11.51 -8.92
CA LYS A 116 3.33 12.46 -9.61
C LYS A 116 2.51 13.44 -10.45
N ARG A 117 2.72 14.73 -10.22
CA ARG A 117 2.00 15.76 -10.96
C ARG A 117 2.82 16.27 -12.14
N VAL A 118 2.45 15.84 -13.34
CA VAL A 118 3.15 16.25 -14.55
C VAL A 118 2.61 17.58 -15.07
N SER A 119 3.52 18.52 -15.31
CA SER A 119 3.14 19.83 -15.81
C SER A 119 4.37 20.68 -16.11
N GLY A 120 4.39 21.31 -17.28
CA GLY A 120 5.50 22.15 -17.67
C GLY A 120 5.21 23.63 -17.50
N PRO A 121 4.76 24.27 -18.59
CA PRO A 121 4.44 25.69 -18.58
C PRO A 121 3.20 26.01 -17.76
N SER A 122 2.99 27.29 -17.46
CA SER A 122 1.84 27.72 -16.67
C SER A 122 0.71 28.20 -17.57
N SER A 123 -0.48 27.67 -17.36
CA SER A 123 -1.65 28.05 -18.15
C SER A 123 -2.47 29.12 -17.43
N GLY A 124 -2.58 30.28 -18.06
CA GLY A 124 -3.35 31.37 -17.47
C GLY A 124 -4.58 30.88 -16.74
N GLY A 1 -9.86 10.08 -24.97
CA GLY A 1 -9.44 9.11 -23.97
C GLY A 1 -10.12 9.32 -22.64
N SER A 2 -11.45 9.37 -22.65
CA SER A 2 -12.22 9.59 -21.43
C SER A 2 -12.70 8.25 -20.87
N SER A 3 -12.34 7.98 -19.62
CA SER A 3 -12.73 6.74 -18.95
C SER A 3 -13.65 7.02 -17.77
N GLY A 4 -14.47 6.04 -17.42
CA GLY A 4 -15.39 6.20 -16.30
C GLY A 4 -14.67 6.24 -14.97
N SER A 5 -15.36 6.75 -13.95
CA SER A 5 -14.78 6.85 -12.62
C SER A 5 -15.00 5.57 -11.83
N SER A 6 -16.22 5.05 -11.88
CA SER A 6 -16.56 3.83 -11.17
C SER A 6 -15.77 2.64 -11.70
N GLY A 7 -14.66 2.33 -11.03
CA GLY A 7 -13.83 1.23 -11.45
C GLY A 7 -12.37 1.41 -11.05
N ASN A 8 -11.51 1.59 -12.04
CA ASN A 8 -10.09 1.78 -11.78
C ASN A 8 -9.59 0.79 -10.73
N ASP A 9 -9.91 -0.48 -10.92
CA ASP A 9 -9.49 -1.53 -9.99
C ASP A 9 -8.06 -1.99 -10.29
N ASP A 10 -7.78 -2.21 -11.58
CA ASP A 10 -6.46 -2.66 -11.99
C ASP A 10 -5.46 -1.50 -11.96
N ILE A 11 -5.91 -0.32 -12.38
CA ILE A 11 -5.06 0.86 -12.40
C ILE A 11 -4.25 0.97 -11.11
N ILE A 12 -4.94 0.89 -9.98
CA ILE A 12 -4.29 0.99 -8.67
C ILE A 12 -3.15 -0.02 -8.56
N VAL A 13 -3.46 -1.29 -8.84
CA VAL A 13 -2.46 -2.35 -8.78
C VAL A 13 -1.23 -1.99 -9.60
N ASN A 14 -1.45 -1.45 -10.79
CA ASN A 14 -0.36 -1.06 -11.68
C ASN A 14 0.56 -0.05 -11.00
N TRP A 15 -0.03 0.88 -10.25
CA TRP A 15 0.74 1.90 -9.55
C TRP A 15 1.53 1.29 -8.40
N VAL A 16 0.88 0.42 -7.63
CA VAL A 16 1.53 -0.23 -6.50
C VAL A 16 2.86 -0.84 -6.90
N ASN A 17 2.90 -1.42 -8.11
CA ASN A 17 4.11 -2.05 -8.61
C ASN A 17 5.12 -0.99 -9.05
N ARG A 18 4.65 0.02 -9.76
CA ARG A 18 5.50 1.09 -10.24
C ARG A 18 6.25 1.75 -9.08
N THR A 19 5.51 2.29 -8.12
CA THR A 19 6.10 2.95 -6.97
C THR A 19 7.18 2.07 -6.34
N LEU A 20 6.91 0.78 -6.24
CA LEU A 20 7.86 -0.16 -5.66
C LEU A 20 9.19 -0.14 -6.42
N SER A 21 9.10 -0.19 -7.74
CA SER A 21 10.29 -0.19 -8.58
C SER A 21 11.04 1.13 -8.44
N GLU A 22 10.31 2.24 -8.52
CA GLU A 22 10.91 3.56 -8.40
C GLU A 22 12.07 3.55 -7.41
N ALA A 23 11.86 2.89 -6.28
CA ALA A 23 12.90 2.80 -5.24
C ALA A 23 13.74 1.54 -5.42
N GLY A 24 13.07 0.40 -5.62
CA GLY A 24 13.77 -0.85 -5.80
C GLY A 24 13.45 -1.85 -4.72
N LYS A 25 12.17 -1.98 -4.38
CA LYS A 25 11.73 -2.91 -3.35
C LYS A 25 11.67 -4.33 -3.88
N SER A 26 11.64 -5.31 -2.98
CA SER A 26 11.59 -6.71 -3.37
C SER A 26 10.22 -7.30 -3.06
N THR A 27 9.19 -6.47 -3.11
CA THR A 27 7.83 -6.91 -2.84
C THR A 27 6.86 -6.36 -3.86
N SER A 28 5.70 -7.01 -3.99
CA SER A 28 4.69 -6.60 -4.95
C SER A 28 3.42 -7.43 -4.79
N ILE A 29 2.32 -6.92 -5.35
CA ILE A 29 1.04 -7.62 -5.26
C ILE A 29 0.39 -7.74 -6.64
N GLN A 30 -0.42 -8.77 -6.82
CA GLN A 30 -1.10 -9.01 -8.08
C GLN A 30 -2.42 -8.22 -8.15
N SER A 31 -3.15 -8.23 -7.04
CA SER A 31 -4.43 -7.52 -6.97
C SER A 31 -4.97 -7.51 -5.54
N PHE A 32 -6.12 -6.88 -5.36
CA PHE A 32 -6.74 -6.79 -4.05
C PHE A 32 -7.16 -8.18 -3.55
N LYS A 33 -7.01 -9.18 -4.42
CA LYS A 33 -7.37 -10.54 -4.07
C LYS A 33 -6.14 -11.45 -4.04
N ASP A 34 -5.01 -10.87 -3.63
CA ASP A 34 -3.76 -11.62 -3.56
C ASP A 34 -3.45 -12.02 -2.12
N LYS A 35 -2.76 -13.14 -1.95
CA LYS A 35 -2.40 -13.63 -0.63
C LYS A 35 -1.08 -13.01 -0.16
N THR A 36 -0.77 -11.82 -0.68
CA THR A 36 0.46 -11.14 -0.32
C THR A 36 0.18 -9.95 0.60
N ILE A 37 -1.00 -9.37 0.45
CA ILE A 37 -1.41 -8.22 1.26
C ILE A 37 -1.53 -8.62 2.73
N SER A 38 -1.96 -9.85 2.97
CA SER A 38 -2.13 -10.35 4.33
C SER A 38 -0.83 -10.22 5.12
N SER A 39 0.30 -10.36 4.43
CA SER A 39 1.61 -10.26 5.06
C SER A 39 1.96 -8.81 5.37
N SER A 40 1.33 -7.90 4.63
CA SER A 40 1.59 -6.47 4.80
C SER A 40 3.05 -6.14 4.56
N LEU A 41 3.70 -6.95 3.73
CA LEU A 41 5.11 -6.75 3.40
C LEU A 41 5.27 -5.80 2.22
N ALA A 42 4.33 -5.86 1.29
CA ALA A 42 4.36 -5.00 0.11
C ALA A 42 3.88 -3.59 0.45
N VAL A 43 2.83 -3.51 1.27
CA VAL A 43 2.28 -2.23 1.66
C VAL A 43 3.32 -1.38 2.38
N VAL A 44 3.97 -1.97 3.38
CA VAL A 44 4.99 -1.27 4.14
C VAL A 44 6.11 -0.76 3.24
N ASP A 45 6.54 -1.60 2.31
CA ASP A 45 7.60 -1.23 1.38
C ASP A 45 7.15 -0.09 0.47
N LEU A 46 5.86 -0.08 0.14
CA LEU A 46 5.30 0.96 -0.72
C LEU A 46 5.49 2.34 -0.10
N ILE A 47 5.16 2.46 1.17
CA ILE A 47 5.29 3.73 1.88
C ILE A 47 6.71 4.27 1.78
N ASP A 48 7.68 3.41 2.02
CA ASP A 48 9.09 3.80 1.95
C ASP A 48 9.37 4.60 0.68
N ALA A 49 9.00 4.05 -0.46
CA ALA A 49 9.21 4.72 -1.74
C ALA A 49 8.77 6.18 -1.67
N ILE A 50 7.54 6.40 -1.19
CA ILE A 50 7.00 7.75 -1.08
C ILE A 50 7.79 8.57 -0.05
N GLN A 51 7.88 8.04 1.17
CA GLN A 51 8.60 8.72 2.23
C GLN A 51 9.56 7.77 2.94
N PRO A 52 10.75 7.58 2.35
CA PRO A 52 11.77 6.69 2.90
C PRO A 52 12.39 7.24 4.19
N GLY A 53 13.14 6.40 4.89
CA GLY A 53 13.77 6.82 6.12
C GLY A 53 12.89 6.62 7.33
N CYS A 54 11.58 6.66 7.11
CA CYS A 54 10.61 6.48 8.19
C CYS A 54 10.33 5.00 8.43
N ILE A 55 10.32 4.23 7.35
CA ILE A 55 10.06 2.80 7.44
C ILE A 55 11.23 2.06 8.11
N ASN A 56 10.94 1.39 9.22
CA ASN A 56 11.96 0.65 9.95
C ASN A 56 11.65 -0.84 9.96
N TYR A 57 12.33 -1.59 9.09
CA TYR A 57 12.12 -3.03 8.99
C TYR A 57 12.49 -3.72 10.30
N ASP A 58 13.52 -3.22 10.95
CA ASP A 58 13.97 -3.78 12.22
C ASP A 58 12.79 -4.26 13.05
N LEU A 59 11.69 -3.53 12.97
CA LEU A 59 10.48 -3.88 13.72
C LEU A 59 9.56 -4.77 12.88
N VAL A 60 9.46 -4.47 11.59
CA VAL A 60 8.62 -5.24 10.69
C VAL A 60 9.06 -6.70 10.64
N LYS A 61 8.08 -7.60 10.60
CA LYS A 61 8.37 -9.03 10.55
C LYS A 61 8.39 -9.53 9.10
N SER A 62 8.66 -10.82 8.94
CA SER A 62 8.71 -11.43 7.62
C SER A 62 8.77 -12.95 7.72
N GLY A 63 8.54 -13.61 6.59
CA GLY A 63 8.58 -15.06 6.57
C GLY A 63 7.27 -15.68 7.02
N ASN A 64 7.33 -16.43 8.12
CA ASN A 64 6.13 -17.07 8.66
C ASN A 64 5.43 -16.16 9.67
N LEU A 65 4.40 -15.47 9.19
CA LEU A 65 3.64 -14.56 10.05
C LEU A 65 2.34 -15.22 10.51
N THR A 66 2.29 -15.57 11.80
CA THR A 66 1.11 -16.21 12.36
C THR A 66 -0.03 -15.22 12.51
N GLU A 67 -1.23 -15.73 12.74
CA GLU A 67 -2.41 -14.89 12.89
C GLU A 67 -2.05 -13.58 13.60
N ASP A 68 -1.21 -13.67 14.63
CA ASP A 68 -0.79 -12.51 15.39
C ASP A 68 0.17 -11.64 14.57
N ASP A 69 1.29 -12.24 14.16
CA ASP A 69 2.29 -11.53 13.38
C ASP A 69 1.64 -10.78 12.23
N LYS A 70 1.01 -11.52 11.32
CA LYS A 70 0.34 -10.92 10.17
C LYS A 70 -0.34 -9.61 10.55
N HIS A 71 -1.13 -9.64 11.61
CA HIS A 71 -1.83 -8.45 12.08
C HIS A 71 -0.84 -7.35 12.45
N ASN A 72 0.21 -7.73 13.18
CA ASN A 72 1.23 -6.78 13.61
C ASN A 72 1.82 -6.04 12.42
N ASN A 73 2.12 -6.78 11.35
CA ASN A 73 2.69 -6.20 10.15
C ASN A 73 1.75 -5.14 9.56
N ALA A 74 0.47 -5.50 9.45
CA ALA A 74 -0.52 -4.58 8.91
C ALA A 74 -0.64 -3.33 9.76
N LYS A 75 -0.94 -3.52 11.05
CA LYS A 75 -1.07 -2.40 11.97
C LYS A 75 0.04 -1.39 11.78
N TYR A 76 1.26 -1.87 11.60
CA TYR A 76 2.41 -1.00 11.39
C TYR A 76 2.23 -0.14 10.15
N ALA A 77 2.07 -0.80 9.01
CA ALA A 77 1.88 -0.09 7.74
C ALA A 77 0.79 0.95 7.85
N VAL A 78 -0.37 0.54 8.35
CA VAL A 78 -1.50 1.45 8.51
C VAL A 78 -1.10 2.71 9.26
N SER A 79 -0.39 2.53 10.37
CA SER A 79 0.07 3.66 11.17
C SER A 79 0.93 4.60 10.35
N MET A 80 1.94 4.04 9.69
CA MET A 80 2.84 4.85 8.86
C MET A 80 2.07 5.61 7.80
N ALA A 81 1.32 4.89 6.97
CA ALA A 81 0.53 5.50 5.91
C ALA A 81 -0.09 6.82 6.39
N ARG A 82 -1.02 6.71 7.33
CA ARG A 82 -1.70 7.89 7.87
C ARG A 82 -0.70 8.90 8.40
N ARG A 83 0.37 8.40 9.01
CA ARG A 83 1.42 9.26 9.57
C ARG A 83 1.94 10.23 8.53
N ILE A 84 2.65 9.70 7.53
CA ILE A 84 3.21 10.52 6.47
C ILE A 84 2.17 11.50 5.94
N GLY A 85 0.91 11.08 5.95
CA GLY A 85 -0.16 11.94 5.46
C GLY A 85 -1.09 11.23 4.50
N ALA A 86 -1.71 10.15 4.97
CA ALA A 86 -2.63 9.38 4.15
C ALA A 86 -4.03 9.36 4.76
N ARG A 87 -5.01 9.82 3.99
CA ARG A 87 -6.40 9.87 4.45
C ARG A 87 -7.08 8.53 4.24
N VAL A 88 -6.44 7.46 4.75
CA VAL A 88 -6.99 6.11 4.61
C VAL A 88 -7.47 5.60 5.97
N TYR A 89 -8.74 5.81 6.27
CA TYR A 89 -9.33 5.36 7.52
C TYR A 89 -9.69 3.88 7.45
N ALA A 90 -8.78 3.08 6.91
CA ALA A 90 -9.00 1.65 6.79
C ALA A 90 -8.47 0.91 8.01
N LEU A 91 -9.14 -0.18 8.38
CA LEU A 91 -8.73 -0.98 9.53
C LEU A 91 -7.59 -1.92 9.16
N PRO A 92 -6.72 -2.21 10.14
CA PRO A 92 -5.57 -3.10 9.94
C PRO A 92 -6.00 -4.56 9.76
N GLU A 93 -7.27 -4.84 10.01
CA GLU A 93 -7.81 -6.19 9.87
C GLU A 93 -8.13 -6.50 8.42
N ASP A 94 -8.62 -5.50 7.70
CA ASP A 94 -8.97 -5.66 6.29
C ASP A 94 -7.80 -6.22 5.50
N LEU A 95 -6.62 -5.64 5.72
CA LEU A 95 -5.41 -6.07 5.02
C LEU A 95 -5.14 -7.56 5.27
N VAL A 96 -5.22 -7.97 6.54
CA VAL A 96 -5.00 -9.36 6.91
C VAL A 96 -5.90 -10.29 6.12
N GLU A 97 -7.19 -10.00 6.11
CA GLU A 97 -8.16 -10.81 5.39
C GLU A 97 -8.16 -10.47 3.90
N VAL A 98 -7.25 -9.59 3.50
CA VAL A 98 -7.14 -9.17 2.11
C VAL A 98 -8.51 -8.92 1.51
N LYS A 99 -9.30 -8.08 2.17
CA LYS A 99 -10.64 -7.74 1.69
C LYS A 99 -10.57 -6.85 0.46
N PRO A 100 -11.04 -7.38 -0.68
CA PRO A 100 -11.05 -6.65 -1.94
C PRO A 100 -12.05 -5.50 -1.94
N LYS A 101 -12.77 -5.35 -0.84
CA LYS A 101 -13.76 -4.29 -0.70
C LYS A 101 -13.13 -3.03 -0.10
N MET A 102 -12.20 -3.22 0.83
CA MET A 102 -11.53 -2.10 1.47
C MET A 102 -10.09 -1.97 0.98
N VAL A 103 -9.36 -3.08 0.98
CA VAL A 103 -7.97 -3.08 0.53
C VAL A 103 -7.81 -2.29 -0.76
N MET A 104 -8.86 -2.32 -1.59
CA MET A 104 -8.83 -1.60 -2.86
C MET A 104 -8.54 -0.11 -2.65
N THR A 105 -9.28 0.49 -1.73
CA THR A 105 -9.12 1.91 -1.43
C THR A 105 -7.90 2.14 -0.55
N VAL A 106 -7.44 1.08 0.11
CA VAL A 106 -6.26 1.16 0.98
C VAL A 106 -5.02 1.56 0.19
N PHE A 107 -4.88 1.00 -1.00
CA PHE A 107 -3.73 1.29 -1.85
C PHE A 107 -3.94 2.60 -2.61
N ALA A 108 -5.10 2.74 -3.24
CA ALA A 108 -5.43 3.94 -4.00
C ALA A 108 -5.14 5.20 -3.18
N CYS A 109 -5.71 5.24 -1.97
CA CYS A 109 -5.52 6.39 -1.09
C CYS A 109 -4.05 6.82 -1.06
N LEU A 110 -3.17 5.86 -0.89
CA LEU A 110 -1.73 6.14 -0.85
C LEU A 110 -1.27 6.84 -2.12
N MET A 111 -1.74 6.34 -3.26
CA MET A 111 -1.38 6.92 -4.55
C MET A 111 -1.65 8.42 -4.57
N GLY A 112 -2.78 8.81 -4.00
CA GLY A 112 -3.14 10.22 -3.97
C GLY A 112 -1.94 11.12 -3.73
N ARG A 113 -1.37 11.05 -2.53
CA ARG A 113 -0.22 11.87 -2.19
C ARG A 113 1.01 11.41 -2.95
N GLY A 114 1.26 10.11 -2.96
CA GLY A 114 2.41 9.57 -3.67
C GLY A 114 2.71 10.33 -4.95
N MET A 115 1.74 10.38 -5.85
CA MET A 115 1.90 11.07 -7.12
C MET A 115 2.69 12.36 -6.93
N LYS A 116 3.86 12.43 -7.55
CA LYS A 116 4.71 13.62 -7.45
C LYS A 116 3.99 14.85 -7.98
N ARG A 117 4.05 15.94 -7.22
CA ARG A 117 3.41 17.18 -7.61
C ARG A 117 4.38 18.36 -7.54
N VAL A 118 4.31 19.25 -8.52
CA VAL A 118 5.18 20.41 -8.56
C VAL A 118 4.42 21.69 -8.22
N SER A 119 5.02 22.52 -7.39
CA SER A 119 4.40 23.79 -6.98
C SER A 119 4.66 24.88 -8.00
N GLY A 120 3.74 25.02 -8.96
CA GLY A 120 3.90 26.04 -9.99
C GLY A 120 3.45 27.42 -9.52
N PRO A 121 3.06 28.27 -10.47
CA PRO A 121 2.62 29.63 -10.17
C PRO A 121 1.26 29.66 -9.47
N SER A 122 1.24 30.20 -8.26
CA SER A 122 0.01 30.28 -7.48
C SER A 122 -0.85 31.45 -7.93
N SER A 123 -2.15 31.32 -7.78
CA SER A 123 -3.09 32.37 -8.18
C SER A 123 -3.91 32.85 -6.98
N GLY A 124 -4.34 34.11 -7.05
CA GLY A 124 -5.13 34.68 -5.97
C GLY A 124 -6.61 34.45 -6.15
N GLY A 1 -15.16 -12.96 -22.45
CA GLY A 1 -16.09 -13.33 -23.50
C GLY A 1 -16.89 -12.15 -24.01
N SER A 2 -18.02 -11.88 -23.35
CA SER A 2 -18.88 -10.77 -23.74
C SER A 2 -19.02 -9.75 -22.62
N SER A 3 -19.41 -10.23 -21.44
CA SER A 3 -19.58 -9.37 -20.28
C SER A 3 -18.23 -9.08 -19.61
N GLY A 4 -18.04 -7.83 -19.19
CA GLY A 4 -16.80 -7.45 -18.54
C GLY A 4 -16.57 -5.96 -18.57
N SER A 5 -16.91 -5.28 -17.48
CA SER A 5 -16.75 -3.84 -17.38
C SER A 5 -15.84 -3.47 -16.22
N SER A 6 -14.55 -3.28 -16.51
CA SER A 6 -13.58 -2.92 -15.48
C SER A 6 -13.80 -1.50 -14.98
N GLY A 7 -13.38 -1.24 -13.75
CA GLY A 7 -13.54 0.09 -13.18
C GLY A 7 -12.22 0.71 -12.77
N ASN A 8 -11.25 0.67 -13.66
CA ASN A 8 -9.92 1.23 -13.38
C ASN A 8 -9.31 0.59 -12.14
N ASP A 9 -9.48 -0.73 -12.02
CA ASP A 9 -8.95 -1.47 -10.89
C ASP A 9 -7.46 -1.74 -11.08
N ASP A 10 -7.07 -2.13 -12.29
CA ASP A 10 -5.68 -2.42 -12.60
C ASP A 10 -4.81 -1.18 -12.43
N ILE A 11 -5.34 -0.03 -12.84
CA ILE A 11 -4.62 1.23 -12.73
C ILE A 11 -3.91 1.34 -11.38
N ILE A 12 -4.64 1.06 -10.30
CA ILE A 12 -4.08 1.12 -8.97
C ILE A 12 -2.92 0.14 -8.80
N VAL A 13 -3.20 -1.14 -9.06
CA VAL A 13 -2.18 -2.17 -8.94
C VAL A 13 -0.91 -1.79 -9.70
N ASN A 14 -1.09 -1.39 -10.96
CA ASN A 14 0.05 -1.00 -11.80
C ASN A 14 0.93 0.01 -11.07
N TRP A 15 0.31 0.99 -10.43
CA TRP A 15 1.04 2.01 -9.69
C TRP A 15 1.81 1.39 -8.53
N VAL A 16 1.12 0.60 -7.72
CA VAL A 16 1.73 -0.05 -6.57
C VAL A 16 3.06 -0.71 -6.96
N ASN A 17 3.03 -1.47 -8.05
CA ASN A 17 4.22 -2.17 -8.52
C ASN A 17 5.28 -1.17 -9.00
N ARG A 18 4.85 -0.22 -9.82
CA ARG A 18 5.75 0.80 -10.35
C ARG A 18 6.51 1.49 -9.22
N THR A 19 5.77 2.06 -8.28
CA THR A 19 6.37 2.76 -7.15
C THR A 19 7.38 1.88 -6.43
N LEU A 20 7.04 0.61 -6.25
CA LEU A 20 7.92 -0.35 -5.59
C LEU A 20 9.27 -0.43 -6.31
N SER A 21 9.22 -0.41 -7.63
CA SER A 21 10.44 -0.49 -8.44
C SER A 21 11.27 0.77 -8.29
N GLU A 22 10.61 1.93 -8.38
CA GLU A 22 11.29 3.21 -8.27
C GLU A 22 12.33 3.17 -7.14
N ALA A 23 11.98 2.50 -6.05
CA ALA A 23 12.87 2.38 -4.91
C ALA A 23 13.75 1.14 -5.02
N GLY A 24 13.16 0.04 -5.49
CA GLY A 24 13.90 -1.19 -5.64
C GLY A 24 13.53 -2.22 -4.59
N LYS A 25 12.24 -2.36 -4.33
CA LYS A 25 11.74 -3.31 -3.34
C LYS A 25 11.58 -4.70 -3.96
N SER A 26 11.68 -5.73 -3.12
CA SER A 26 11.54 -7.10 -3.58
C SER A 26 10.13 -7.62 -3.34
N THR A 27 9.22 -6.71 -3.03
CA THR A 27 7.83 -7.07 -2.76
C THR A 27 6.91 -6.50 -3.84
N SER A 28 5.75 -7.13 -4.00
CA SER A 28 4.77 -6.69 -5.00
C SER A 28 3.48 -7.50 -4.88
N ILE A 29 2.35 -6.83 -5.13
CA ILE A 29 1.05 -7.48 -5.06
C ILE A 29 0.43 -7.62 -6.45
N GLN A 30 -0.24 -8.74 -6.66
CA GLN A 30 -0.88 -9.01 -7.95
C GLN A 30 -2.22 -8.27 -8.05
N SER A 31 -2.96 -8.25 -6.95
CA SER A 31 -4.25 -7.58 -6.92
C SER A 31 -4.83 -7.59 -5.51
N PHE A 32 -5.91 -6.83 -5.32
CA PHE A 32 -6.57 -6.75 -4.01
C PHE A 32 -7.01 -8.13 -3.53
N LYS A 33 -6.95 -9.11 -4.42
CA LYS A 33 -7.35 -10.47 -4.10
C LYS A 33 -6.13 -11.37 -3.99
N ASP A 34 -4.98 -10.78 -3.71
CA ASP A 34 -3.74 -11.53 -3.58
C ASP A 34 -3.50 -11.93 -2.13
N LYS A 35 -2.90 -13.10 -1.93
CA LYS A 35 -2.60 -13.60 -0.59
C LYS A 35 -1.26 -13.07 -0.09
N THR A 36 -0.85 -11.93 -0.63
CA THR A 36 0.42 -11.31 -0.24
C THR A 36 0.19 -10.09 0.64
N ILE A 37 -0.96 -9.45 0.47
CA ILE A 37 -1.31 -8.27 1.25
C ILE A 37 -1.45 -8.60 2.73
N SER A 38 -1.91 -9.83 3.01
CA SER A 38 -2.10 -10.27 4.38
C SER A 38 -0.81 -10.11 5.18
N SER A 39 0.33 -10.28 4.52
CA SER A 39 1.63 -10.15 5.17
C SER A 39 1.98 -8.69 5.40
N SER A 40 1.34 -7.81 4.64
CA SER A 40 1.58 -6.37 4.76
C SER A 40 3.05 -6.06 4.47
N LEU A 41 3.69 -6.90 3.67
CA LEU A 41 5.10 -6.70 3.32
C LEU A 41 5.23 -5.74 2.15
N ALA A 42 4.28 -5.81 1.22
CA ALA A 42 4.31 -4.94 0.05
C ALA A 42 3.87 -3.52 0.41
N VAL A 43 2.77 -3.42 1.15
CA VAL A 43 2.24 -2.12 1.57
C VAL A 43 3.31 -1.30 2.27
N VAL A 44 3.99 -1.91 3.23
CA VAL A 44 5.05 -1.23 3.98
C VAL A 44 6.17 -0.78 3.06
N ASP A 45 6.58 -1.65 2.16
CA ASP A 45 7.65 -1.34 1.22
C ASP A 45 7.25 -0.17 0.31
N LEU A 46 5.96 -0.06 0.04
CA LEU A 46 5.45 1.02 -0.81
C LEU A 46 5.69 2.38 -0.17
N ILE A 47 5.03 2.62 0.97
CA ILE A 47 5.18 3.87 1.68
C ILE A 47 6.60 4.42 1.56
N ASP A 48 7.59 3.57 1.85
CA ASP A 48 8.98 3.97 1.76
C ASP A 48 9.24 4.78 0.50
N ALA A 49 9.05 4.15 -0.65
CA ALA A 49 9.27 4.81 -1.93
C ALA A 49 8.81 6.27 -1.89
N ILE A 50 7.56 6.47 -1.46
CA ILE A 50 7.01 7.82 -1.36
C ILE A 50 7.72 8.63 -0.29
N GLN A 51 7.59 8.21 0.96
CA GLN A 51 8.22 8.90 2.08
C GLN A 51 9.18 7.97 2.82
N PRO A 52 10.39 7.82 2.27
CA PRO A 52 11.42 6.95 2.86
C PRO A 52 11.98 7.53 4.16
N GLY A 53 12.72 6.72 4.90
CA GLY A 53 13.30 7.16 6.15
C GLY A 53 12.39 6.88 7.34
N CYS A 54 11.09 6.78 7.07
CA CYS A 54 10.12 6.52 8.13
C CYS A 54 9.88 5.03 8.29
N ILE A 55 9.94 4.29 7.19
CA ILE A 55 9.74 2.85 7.22
C ILE A 55 10.95 2.14 7.81
N ASN A 56 10.73 1.45 8.94
CA ASN A 56 11.80 0.73 9.62
C ASN A 56 11.53 -0.78 9.60
N TYR A 57 12.16 -1.48 8.67
CA TYR A 57 11.98 -2.92 8.54
C TYR A 57 12.40 -3.63 9.84
N ASP A 58 13.45 -3.13 10.47
CA ASP A 58 13.94 -3.70 11.71
C ASP A 58 12.78 -4.19 12.58
N LEU A 59 11.63 -3.53 12.46
CA LEU A 59 10.45 -3.90 13.24
C LEU A 59 9.51 -4.76 12.40
N VAL A 60 9.43 -4.46 11.11
CA VAL A 60 8.57 -5.21 10.21
C VAL A 60 8.95 -6.69 10.17
N LYS A 61 7.97 -7.56 10.37
CA LYS A 61 8.21 -9.00 10.35
C LYS A 61 8.12 -9.55 8.94
N SER A 62 8.57 -10.80 8.77
CA SER A 62 8.54 -11.45 7.46
C SER A 62 8.64 -12.96 7.59
N GLY A 63 8.29 -13.67 6.53
CA GLY A 63 8.34 -15.12 6.56
C GLY A 63 7.04 -15.74 7.03
N ASN A 64 7.11 -16.51 8.12
CA ASN A 64 5.93 -17.16 8.67
C ASN A 64 5.25 -16.27 9.71
N LEU A 65 4.28 -15.48 9.26
CA LEU A 65 3.55 -14.58 10.15
C LEU A 65 2.30 -15.26 10.69
N THR A 66 2.28 -15.51 12.00
CA THR A 66 1.13 -16.14 12.63
C THR A 66 -0.04 -15.19 12.74
N GLU A 67 -1.22 -15.72 13.03
CA GLU A 67 -2.42 -14.91 13.18
C GLU A 67 -2.11 -13.58 13.84
N ASP A 68 -1.19 -13.60 14.80
CA ASP A 68 -0.80 -12.40 15.52
C ASP A 68 0.18 -11.56 14.69
N ASP A 69 1.25 -12.20 14.23
CA ASP A 69 2.27 -11.52 13.43
C ASP A 69 1.61 -10.74 12.30
N LYS A 70 0.83 -11.42 11.48
CA LYS A 70 0.15 -10.78 10.36
C LYS A 70 -0.47 -9.46 10.78
N HIS A 71 -1.12 -9.46 11.93
CA HIS A 71 -1.76 -8.25 12.45
C HIS A 71 -0.72 -7.16 12.71
N ASN A 72 0.36 -7.53 13.39
CA ASN A 72 1.42 -6.58 13.70
C ASN A 72 1.91 -5.87 12.44
N ASN A 73 2.31 -6.66 11.45
CA ASN A 73 2.81 -6.11 10.19
C ASN A 73 1.81 -5.13 9.60
N ALA A 74 0.54 -5.53 9.57
CA ALA A 74 -0.52 -4.69 9.02
C ALA A 74 -0.62 -3.38 9.79
N LYS A 75 -0.85 -3.48 11.10
CA LYS A 75 -0.98 -2.30 11.95
C LYS A 75 0.09 -1.28 11.61
N TYR A 76 1.35 -1.68 11.72
CA TYR A 76 2.47 -0.80 11.42
C TYR A 76 2.22 -0.02 10.13
N ALA A 77 1.90 -0.74 9.06
CA ALA A 77 1.64 -0.12 7.77
C ALA A 77 0.55 0.94 7.88
N VAL A 78 -0.49 0.64 8.64
CA VAL A 78 -1.61 1.57 8.83
C VAL A 78 -1.13 2.87 9.48
N SER A 79 -0.37 2.74 10.57
CA SER A 79 0.15 3.90 11.29
C SER A 79 1.17 4.64 10.44
N MET A 80 1.96 3.89 9.67
CA MET A 80 2.98 4.48 8.81
C MET A 80 2.34 5.34 7.73
N ALA A 81 1.49 4.72 6.91
CA ALA A 81 0.81 5.42 5.83
C ALA A 81 -0.03 6.58 6.37
N ARG A 82 -0.70 6.33 7.49
CA ARG A 82 -1.56 7.35 8.10
C ARG A 82 -0.72 8.48 8.67
N ARG A 83 0.40 8.12 9.30
CA ARG A 83 1.30 9.11 9.89
C ARG A 83 1.83 10.08 8.83
N ILE A 84 2.30 9.52 7.73
CA ILE A 84 2.84 10.33 6.64
C ILE A 84 1.75 11.22 6.02
N GLY A 85 0.50 10.75 6.10
CA GLY A 85 -0.61 11.51 5.56
C GLY A 85 -1.46 10.69 4.62
N ALA A 86 -2.25 9.79 5.18
CA ALA A 86 -3.12 8.93 4.38
C ALA A 86 -4.54 8.90 4.95
N ARG A 87 -5.38 9.80 4.46
CA ARG A 87 -6.77 9.88 4.92
C ARG A 87 -7.33 8.50 5.18
N VAL A 88 -7.04 7.56 4.29
CA VAL A 88 -7.52 6.19 4.43
C VAL A 88 -7.52 5.75 5.89
N TYR A 89 -8.71 5.44 6.40
CA TYR A 89 -8.85 5.01 7.78
C TYR A 89 -9.25 3.54 7.86
N ALA A 90 -8.66 2.73 6.99
CA ALA A 90 -8.96 1.30 6.96
C ALA A 90 -8.38 0.59 8.19
N LEU A 91 -9.14 -0.36 8.72
CA LEU A 91 -8.70 -1.11 9.89
C LEU A 91 -7.59 -2.09 9.54
N PRO A 92 -6.73 -2.39 10.53
CA PRO A 92 -5.61 -3.32 10.34
C PRO A 92 -6.08 -4.76 10.16
N GLU A 93 -7.36 -4.99 10.37
CA GLU A 93 -7.93 -6.33 10.24
C GLU A 93 -8.26 -6.63 8.78
N ASP A 94 -8.69 -5.60 8.06
CA ASP A 94 -9.04 -5.75 6.65
C ASP A 94 -7.87 -6.31 5.86
N LEU A 95 -6.69 -5.74 6.06
CA LEU A 95 -5.49 -6.18 5.36
C LEU A 95 -5.22 -7.66 5.61
N VAL A 96 -5.40 -8.09 6.86
CA VAL A 96 -5.18 -9.48 7.22
C VAL A 96 -6.09 -10.41 6.43
N GLU A 97 -7.34 -9.99 6.25
CA GLU A 97 -8.31 -10.79 5.49
C GLU A 97 -8.23 -10.47 4.00
N VAL A 98 -7.34 -9.56 3.64
CA VAL A 98 -7.17 -9.16 2.25
C VAL A 98 -8.51 -8.90 1.58
N LYS A 99 -9.34 -8.08 2.21
CA LYS A 99 -10.66 -7.76 1.69
C LYS A 99 -10.54 -6.94 0.40
N PRO A 100 -11.04 -7.50 -0.70
CA PRO A 100 -11.00 -6.84 -2.02
C PRO A 100 -11.94 -5.64 -2.09
N LYS A 101 -12.60 -5.34 -0.98
CA LYS A 101 -13.52 -4.22 -0.91
C LYS A 101 -12.91 -3.05 -0.14
N MET A 102 -11.88 -3.35 0.65
CA MET A 102 -11.21 -2.32 1.44
C MET A 102 -9.76 -2.17 1.00
N VAL A 103 -9.09 -3.29 0.77
CA VAL A 103 -7.69 -3.28 0.34
C VAL A 103 -7.52 -2.43 -0.91
N MET A 104 -8.62 -2.11 -1.57
CA MET A 104 -8.58 -1.31 -2.78
C MET A 104 -8.37 0.17 -2.46
N THR A 105 -9.25 0.72 -1.63
CA THR A 105 -9.16 2.11 -1.24
C THR A 105 -7.84 2.40 -0.52
N VAL A 106 -7.35 1.41 0.22
CA VAL A 106 -6.10 1.55 0.95
C VAL A 106 -4.99 2.08 0.05
N PHE A 107 -4.86 1.49 -1.13
CA PHE A 107 -3.84 1.90 -2.08
C PHE A 107 -4.25 3.19 -2.80
N ALA A 108 -5.45 3.18 -3.37
CA ALA A 108 -5.96 4.34 -4.09
C ALA A 108 -5.58 5.63 -3.37
N CYS A 109 -5.63 5.62 -2.03
CA CYS A 109 -5.30 6.78 -1.24
C CYS A 109 -3.81 7.09 -1.33
N LEU A 110 -2.98 6.18 -0.85
CA LEU A 110 -1.53 6.35 -0.87
C LEU A 110 -1.09 7.02 -2.17
N MET A 111 -1.67 6.57 -3.28
CA MET A 111 -1.34 7.13 -4.59
C MET A 111 -1.60 8.63 -4.63
N GLY A 112 -2.84 9.02 -4.33
CA GLY A 112 -3.19 10.41 -4.34
C GLY A 112 -2.06 11.31 -3.86
N ARG A 113 -1.47 10.95 -2.72
CA ARG A 113 -0.37 11.72 -2.17
C ARG A 113 0.92 11.47 -2.94
N GLY A 114 1.10 10.24 -3.41
CA GLY A 114 2.29 9.90 -4.16
C GLY A 114 2.44 10.72 -5.43
N MET A 115 1.71 10.31 -6.47
CA MET A 115 1.76 11.01 -7.75
C MET A 115 1.19 12.42 -7.62
N LYS A 116 2.05 13.42 -7.71
CA LYS A 116 1.63 14.81 -7.61
C LYS A 116 1.18 15.34 -8.96
N ARG A 117 -0.10 15.13 -9.29
CA ARG A 117 -0.65 15.58 -10.55
C ARG A 117 -2.07 16.11 -10.36
N VAL A 118 -2.34 17.30 -10.91
CA VAL A 118 -3.66 17.91 -10.80
C VAL A 118 -4.69 17.13 -11.60
N SER A 119 -5.85 16.91 -10.99
CA SER A 119 -6.93 16.17 -11.64
C SER A 119 -8.29 16.74 -11.25
N GLY A 120 -9.09 17.06 -12.27
CA GLY A 120 -10.41 17.62 -12.02
C GLY A 120 -10.35 19.02 -11.46
N PRO A 121 -10.22 20.01 -12.37
CA PRO A 121 -10.15 21.42 -11.98
C PRO A 121 -11.48 21.95 -11.47
N SER A 122 -11.55 22.18 -10.15
CA SER A 122 -12.76 22.67 -9.52
C SER A 122 -12.71 24.19 -9.37
N SER A 123 -13.77 24.86 -9.84
CA SER A 123 -13.84 26.32 -9.76
C SER A 123 -15.27 26.80 -10.03
N GLY A 124 -15.62 27.94 -9.43
CA GLY A 124 -16.95 28.49 -9.62
C GLY A 124 -17.11 29.83 -8.95
N GLY A 1 -1.41 -0.72 -24.00
CA GLY A 1 -1.30 -1.61 -22.85
C GLY A 1 -2.25 -2.78 -22.93
N SER A 2 -1.94 -3.85 -22.19
CA SER A 2 -2.77 -5.05 -22.19
C SER A 2 -3.72 -5.04 -21.00
N SER A 3 -4.44 -3.94 -20.83
CA SER A 3 -5.39 -3.81 -19.73
C SER A 3 -6.23 -2.54 -19.88
N GLY A 4 -7.19 -2.36 -18.98
CA GLY A 4 -8.05 -1.20 -19.03
C GLY A 4 -9.52 -1.56 -19.17
N SER A 5 -10.30 -1.25 -18.15
CA SER A 5 -11.73 -1.56 -18.16
C SER A 5 -12.52 -0.46 -17.44
N SER A 6 -13.85 -0.60 -17.47
CA SER A 6 -14.72 0.38 -16.82
C SER A 6 -14.23 0.70 -15.41
N GLY A 7 -13.84 -0.33 -14.68
CA GLY A 7 -13.35 -0.14 -13.32
C GLY A 7 -11.91 0.31 -13.28
N ASN A 8 -11.54 1.00 -12.21
CA ASN A 8 -10.18 1.50 -12.05
C ASN A 8 -9.44 0.74 -10.95
N ASP A 9 -9.70 -0.56 -10.85
CA ASP A 9 -9.06 -1.40 -9.84
C ASP A 9 -7.66 -1.79 -10.27
N ASP A 10 -7.55 -2.46 -11.41
CA ASP A 10 -6.26 -2.89 -11.92
C ASP A 10 -5.29 -1.72 -12.00
N ILE A 11 -5.83 -0.53 -12.21
CA ILE A 11 -5.00 0.68 -12.30
C ILE A 11 -4.13 0.84 -11.06
N ILE A 12 -4.77 0.83 -9.89
CA ILE A 12 -4.05 0.98 -8.64
C ILE A 12 -2.87 0.00 -8.55
N VAL A 13 -3.12 -1.25 -8.90
CA VAL A 13 -2.08 -2.28 -8.87
C VAL A 13 -0.89 -1.87 -9.73
N ASN A 14 -1.16 -1.56 -10.99
CA ASN A 14 -0.11 -1.16 -11.92
C ASN A 14 0.81 -0.13 -11.28
N TRP A 15 0.22 0.88 -10.66
CA TRP A 15 1.00 1.93 -10.00
C TRP A 15 1.85 1.35 -8.88
N VAL A 16 1.24 0.53 -8.03
CA VAL A 16 1.94 -0.09 -6.91
C VAL A 16 3.30 -0.61 -7.35
N ASN A 17 3.31 -1.44 -8.39
CA ASN A 17 4.54 -2.03 -8.89
C ASN A 17 5.52 -0.93 -9.32
N ARG A 18 5.02 0.05 -10.06
CA ARG A 18 5.85 1.15 -10.52
C ARG A 18 6.58 1.82 -9.36
N THR A 19 5.81 2.24 -8.35
CA THR A 19 6.38 2.90 -7.18
C THR A 19 7.46 2.03 -6.53
N LEU A 20 7.07 0.86 -6.05
CA LEU A 20 8.00 -0.06 -5.41
C LEU A 20 9.36 -0.02 -6.10
N SER A 21 9.35 0.08 -7.42
CA SER A 21 10.58 0.13 -8.20
C SER A 21 11.31 1.45 -7.97
N GLU A 22 10.58 2.56 -8.08
CA GLU A 22 11.16 3.88 -7.88
C GLU A 22 12.12 3.88 -6.69
N ALA A 23 11.91 2.95 -5.77
CA ALA A 23 12.75 2.83 -4.58
C ALA A 23 13.68 1.63 -4.68
N GLY A 24 13.15 0.52 -5.20
CA GLY A 24 13.95 -0.68 -5.33
C GLY A 24 13.59 -1.74 -4.30
N LYS A 25 12.29 -2.00 -4.15
CA LYS A 25 11.82 -2.99 -3.18
C LYS A 25 11.74 -4.37 -3.83
N SER A 26 11.60 -5.39 -2.99
CA SER A 26 11.52 -6.77 -3.47
C SER A 26 10.12 -7.34 -3.26
N THR A 27 9.12 -6.45 -3.26
CA THR A 27 7.73 -6.85 -3.06
C THR A 27 6.84 -6.33 -4.17
N SER A 28 5.73 -7.02 -4.41
CA SER A 28 4.78 -6.61 -5.45
C SER A 28 3.48 -7.40 -5.34
N ILE A 29 2.38 -6.76 -5.73
CA ILE A 29 1.07 -7.40 -5.68
C ILE A 29 0.42 -7.42 -7.05
N GLN A 30 -0.70 -8.14 -7.16
CA GLN A 30 -1.43 -8.24 -8.42
C GLN A 30 -2.83 -7.68 -8.28
N SER A 31 -3.45 -7.92 -7.12
CA SER A 31 -4.81 -7.45 -6.86
C SER A 31 -5.08 -7.38 -5.36
N PHE A 32 -6.29 -6.96 -5.01
CA PHE A 32 -6.67 -6.85 -3.61
C PHE A 32 -7.17 -8.19 -3.07
N LYS A 33 -6.98 -9.24 -3.86
CA LYS A 33 -7.41 -10.58 -3.47
C LYS A 33 -6.21 -11.49 -3.25
N ASP A 34 -5.05 -11.07 -3.75
CA ASP A 34 -3.83 -11.86 -3.60
C ASP A 34 -3.62 -12.26 -2.14
N LYS A 35 -3.01 -13.42 -1.94
CA LYS A 35 -2.75 -13.92 -0.59
C LYS A 35 -1.43 -13.38 -0.06
N THR A 36 -0.91 -12.35 -0.72
CA THR A 36 0.35 -11.73 -0.31
C THR A 36 0.10 -10.53 0.59
N ILE A 37 -1.07 -9.92 0.44
CA ILE A 37 -1.43 -8.75 1.24
C ILE A 37 -1.59 -9.12 2.71
N SER A 38 -2.05 -10.33 2.96
CA SER A 38 -2.25 -10.81 4.33
C SER A 38 -1.01 -10.60 5.17
N SER A 39 0.16 -10.64 4.52
CA SER A 39 1.43 -10.46 5.20
C SER A 39 1.71 -8.97 5.44
N SER A 40 1.12 -8.13 4.59
CA SER A 40 1.31 -6.69 4.70
C SER A 40 2.77 -6.32 4.47
N LEU A 41 3.48 -7.15 3.72
CA LEU A 41 4.89 -6.90 3.42
C LEU A 41 5.04 -5.98 2.22
N ALA A 42 4.14 -6.13 1.25
CA ALA A 42 4.17 -5.30 0.05
C ALA A 42 3.61 -3.91 0.32
N VAL A 43 2.73 -3.82 1.31
CA VAL A 43 2.12 -2.54 1.68
C VAL A 43 3.13 -1.62 2.35
N VAL A 44 3.88 -2.17 3.30
CA VAL A 44 4.88 -1.39 4.01
C VAL A 44 6.00 -0.94 3.08
N ASP A 45 6.43 -1.84 2.21
CA ASP A 45 7.50 -1.53 1.26
C ASP A 45 7.11 -0.36 0.36
N LEU A 46 5.80 -0.14 0.24
CA LEU A 46 5.29 0.95 -0.60
C LEU A 46 5.36 2.28 0.14
N ILE A 47 4.84 2.31 1.36
CA ILE A 47 4.85 3.52 2.17
C ILE A 47 6.24 4.15 2.20
N ASP A 48 7.26 3.31 2.09
CA ASP A 48 8.64 3.78 2.10
C ASP A 48 8.95 4.58 0.83
N ALA A 49 8.68 3.98 -0.31
CA ALA A 49 8.93 4.64 -1.60
C ALA A 49 8.51 6.10 -1.56
N ILE A 50 7.32 6.35 -1.02
CA ILE A 50 6.80 7.70 -0.92
C ILE A 50 7.59 8.53 0.09
N GLN A 51 7.66 8.03 1.32
CA GLN A 51 8.39 8.71 2.38
C GLN A 51 9.43 7.79 3.02
N PRO A 52 10.60 7.68 2.38
CA PRO A 52 11.69 6.84 2.87
C PRO A 52 12.33 7.39 4.14
N GLY A 53 13.11 6.55 4.81
CA GLY A 53 13.76 6.97 6.05
C GLY A 53 12.85 6.85 7.25
N CYS A 54 11.56 6.66 7.00
CA CYS A 54 10.58 6.55 8.07
C CYS A 54 10.25 5.08 8.35
N ILE A 55 10.18 4.28 7.30
CA ILE A 55 9.87 2.86 7.43
C ILE A 55 11.06 2.11 8.00
N ASN A 56 10.83 1.41 9.11
CA ASN A 56 11.88 0.64 9.75
C ASN A 56 11.58 -0.85 9.69
N TYR A 57 12.21 -1.54 8.76
CA TYR A 57 12.01 -2.98 8.58
C TYR A 57 12.42 -3.74 9.84
N ASP A 58 13.48 -3.28 10.48
CA ASP A 58 13.98 -3.91 11.69
C ASP A 58 12.82 -4.43 12.55
N LEU A 59 11.74 -3.67 12.59
CA LEU A 59 10.56 -4.05 13.37
C LEU A 59 9.66 -4.97 12.56
N VAL A 60 9.50 -4.67 11.28
CA VAL A 60 8.65 -5.47 10.40
C VAL A 60 9.15 -6.90 10.33
N LYS A 61 8.22 -7.85 10.48
CA LYS A 61 8.56 -9.27 10.43
C LYS A 61 8.68 -9.75 8.99
N SER A 62 8.96 -11.03 8.82
CA SER A 62 9.12 -11.62 7.48
C SER A 62 9.22 -13.14 7.57
N GLY A 63 8.53 -13.82 6.66
CA GLY A 63 8.57 -15.27 6.64
C GLY A 63 7.19 -15.88 6.90
N ASN A 64 7.03 -16.45 8.09
CA ASN A 64 5.76 -17.07 8.46
C ASN A 64 5.03 -16.24 9.52
N LEU A 65 4.28 -15.25 9.07
CA LEU A 65 3.54 -14.38 9.97
C LEU A 65 2.25 -15.04 10.43
N THR A 66 2.22 -15.47 11.69
CA THR A 66 1.04 -16.12 12.26
C THR A 66 -0.10 -15.13 12.45
N GLU A 67 -1.29 -15.66 12.72
CA GLU A 67 -2.47 -14.81 12.93
C GLU A 67 -2.09 -13.52 13.63
N ASP A 68 -1.12 -13.60 14.54
CA ASP A 68 -0.66 -12.42 15.28
C ASP A 68 0.28 -11.58 14.43
N ASP A 69 1.40 -12.17 14.02
CA ASP A 69 2.38 -11.47 13.20
C ASP A 69 1.69 -10.63 12.12
N LYS A 70 0.90 -11.30 11.28
CA LYS A 70 0.19 -10.61 10.21
C LYS A 70 -0.40 -9.29 10.71
N HIS A 71 -1.14 -9.36 11.81
CA HIS A 71 -1.76 -8.17 12.39
C HIS A 71 -0.72 -7.07 12.64
N ASN A 72 0.35 -7.43 13.36
CA ASN A 72 1.41 -6.49 13.65
C ASN A 72 1.88 -5.76 12.40
N ASN A 73 2.29 -6.53 11.40
CA ASN A 73 2.76 -5.96 10.13
C ASN A 73 1.75 -4.95 9.59
N ALA A 74 0.47 -5.34 9.58
CA ALA A 74 -0.58 -4.47 9.09
C ALA A 74 -0.65 -3.18 9.89
N LYS A 75 -0.86 -3.30 11.20
CA LYS A 75 -0.94 -2.14 12.07
C LYS A 75 0.12 -1.11 11.72
N TYR A 76 1.38 -1.55 11.76
CA TYR A 76 2.50 -0.66 11.44
C TYR A 76 2.27 0.04 10.11
N ALA A 77 1.83 -0.72 9.11
CA ALA A 77 1.58 -0.17 7.78
C ALA A 77 0.49 0.89 7.82
N VAL A 78 -0.50 0.68 8.68
CA VAL A 78 -1.62 1.61 8.81
C VAL A 78 -1.15 2.92 9.42
N SER A 79 -0.57 2.84 10.62
CA SER A 79 -0.08 4.03 11.32
C SER A 79 0.76 4.90 10.39
N MET A 80 1.78 4.30 9.78
CA MET A 80 2.66 5.03 8.86
C MET A 80 1.86 5.65 7.73
N ALA A 81 1.01 4.85 7.10
CA ALA A 81 0.18 5.33 6.00
C ALA A 81 -0.41 6.70 6.31
N ARG A 82 -1.15 6.78 7.40
CA ARG A 82 -1.76 8.05 7.81
C ARG A 82 -0.74 8.98 8.43
N ARG A 83 0.43 8.44 8.77
CA ARG A 83 1.50 9.23 9.36
C ARG A 83 2.15 10.14 8.33
N ILE A 84 2.24 9.65 7.10
CA ILE A 84 2.85 10.41 6.01
C ILE A 84 1.83 11.37 5.38
N GLY A 85 0.56 11.06 5.56
CA GLY A 85 -0.49 11.90 5.01
C GLY A 85 -1.57 11.10 4.31
N ALA A 86 -2.33 10.34 5.09
CA ALA A 86 -3.41 9.52 4.54
C ALA A 86 -4.63 9.54 5.45
N ARG A 87 -5.81 9.64 4.85
CA ARG A 87 -7.05 9.66 5.60
C ARG A 87 -7.82 8.36 5.45
N VAL A 88 -7.12 7.33 4.98
CA VAL A 88 -7.74 6.01 4.78
C VAL A 88 -8.12 5.38 6.12
N TYR A 89 -9.40 5.44 6.44
CA TYR A 89 -9.91 4.87 7.69
C TYR A 89 -10.09 3.36 7.57
N ALA A 90 -9.10 2.70 6.97
CA ALA A 90 -9.14 1.26 6.79
C ALA A 90 -8.62 0.54 8.03
N LEU A 91 -9.39 -0.43 8.53
CA LEU A 91 -9.01 -1.19 9.70
C LEU A 91 -7.80 -2.08 9.41
N PRO A 92 -6.96 -2.29 10.43
CA PRO A 92 -5.77 -3.12 10.31
C PRO A 92 -6.10 -4.60 10.14
N GLU A 93 -7.37 -4.94 10.34
CA GLU A 93 -7.82 -6.33 10.21
C GLU A 93 -8.19 -6.64 8.76
N ASP A 94 -8.55 -5.61 8.01
CA ASP A 94 -8.92 -5.78 6.61
C ASP A 94 -7.73 -6.29 5.79
N LEU A 95 -6.56 -5.76 6.06
CA LEU A 95 -5.35 -6.16 5.36
C LEU A 95 -5.06 -7.64 5.56
N VAL A 96 -5.27 -8.12 6.79
CA VAL A 96 -5.04 -9.51 7.11
C VAL A 96 -5.92 -10.43 6.28
N GLU A 97 -7.22 -10.17 6.29
CA GLU A 97 -8.17 -10.98 5.53
C GLU A 97 -8.09 -10.65 4.05
N VAL A 98 -7.31 -9.63 3.71
CA VAL A 98 -7.15 -9.20 2.33
C VAL A 98 -8.49 -8.81 1.71
N LYS A 99 -9.29 -8.06 2.47
CA LYS A 99 -10.59 -7.62 2.01
C LYS A 99 -10.45 -6.70 0.79
N PRO A 100 -10.89 -7.19 -0.38
CA PRO A 100 -10.83 -6.44 -1.63
C PRO A 100 -11.80 -5.26 -1.65
N LYS A 101 -12.49 -5.06 -0.54
CA LYS A 101 -13.45 -3.97 -0.43
C LYS A 101 -12.86 -2.79 0.34
N MET A 102 -11.67 -3.00 0.89
CA MET A 102 -10.99 -1.96 1.65
C MET A 102 -9.54 -1.83 1.21
N VAL A 103 -8.90 -2.97 0.94
CA VAL A 103 -7.51 -2.97 0.50
C VAL A 103 -7.34 -2.27 -0.84
N MET A 104 -8.47 -2.03 -1.52
CA MET A 104 -8.44 -1.36 -2.81
C MET A 104 -8.20 0.14 -2.64
N THR A 105 -8.90 0.75 -1.70
CA THR A 105 -8.75 2.18 -1.44
C THR A 105 -7.48 2.47 -0.65
N VAL A 106 -6.99 1.45 0.05
CA VAL A 106 -5.77 1.58 0.85
C VAL A 106 -4.58 1.98 -0.01
N PHE A 107 -4.55 1.45 -1.23
CA PHE A 107 -3.46 1.73 -2.17
C PHE A 107 -3.72 3.04 -2.92
N ALA A 108 -4.96 3.24 -3.31
CA ALA A 108 -5.34 4.45 -4.04
C ALA A 108 -5.09 5.70 -3.19
N CYS A 109 -5.40 5.61 -1.90
CA CYS A 109 -5.21 6.73 -0.99
C CYS A 109 -3.75 7.14 -0.92
N LEU A 110 -2.86 6.16 -1.08
CA LEU A 110 -1.42 6.42 -1.04
C LEU A 110 -0.93 6.95 -2.38
N MET A 111 -1.57 6.51 -3.46
CA MET A 111 -1.20 6.93 -4.80
C MET A 111 -1.47 8.43 -4.99
N GLY A 112 -2.65 8.87 -4.57
CA GLY A 112 -3.00 10.27 -4.70
C GLY A 112 -1.86 11.19 -4.33
N ARG A 113 -0.93 10.69 -3.52
CA ARG A 113 0.22 11.47 -3.08
C ARG A 113 1.49 11.02 -3.78
N GLY A 114 1.92 9.80 -3.48
CA GLY A 114 3.13 9.26 -4.09
C GLY A 114 3.17 9.50 -5.59
N MET A 115 2.05 9.28 -6.26
CA MET A 115 1.96 9.48 -7.70
C MET A 115 2.43 10.87 -8.09
N LYS A 116 3.45 10.92 -8.94
CA LYS A 116 4.00 12.19 -9.40
C LYS A 116 4.40 13.07 -8.22
N ARG A 117 5.13 12.49 -7.28
CA ARG A 117 5.58 13.22 -6.10
C ARG A 117 6.86 13.99 -6.39
N VAL A 118 6.92 14.59 -7.58
CA VAL A 118 8.09 15.36 -7.99
C VAL A 118 7.74 16.34 -9.11
N SER A 119 7.77 17.62 -8.80
CA SER A 119 7.46 18.65 -9.78
C SER A 119 8.68 18.99 -10.64
N GLY A 120 8.45 19.76 -11.69
CA GLY A 120 9.55 20.14 -12.57
C GLY A 120 10.05 21.54 -12.32
N PRO A 121 10.73 22.13 -13.30
CA PRO A 121 11.28 23.48 -13.20
C PRO A 121 10.19 24.55 -13.19
N SER A 122 10.59 25.80 -13.03
CA SER A 122 9.65 26.91 -12.99
C SER A 122 9.56 27.58 -14.37
N SER A 123 10.71 27.80 -14.99
CA SER A 123 10.76 28.43 -16.30
C SER A 123 9.87 27.70 -17.29
N GLY A 124 8.93 28.44 -17.89
CA GLY A 124 8.03 27.84 -18.86
C GLY A 124 6.66 27.54 -18.27
N GLY A 1 -12.67 -17.80 -20.12
CA GLY A 1 -12.09 -16.95 -19.10
C GLY A 1 -13.05 -15.91 -18.57
N SER A 2 -12.58 -15.06 -17.67
CA SER A 2 -13.42 -14.02 -17.09
C SER A 2 -13.27 -12.71 -17.85
N SER A 3 -14.24 -11.82 -17.67
CA SER A 3 -14.23 -10.53 -18.35
C SER A 3 -13.27 -9.57 -17.65
N GLY A 4 -13.57 -9.27 -16.39
CA GLY A 4 -12.73 -8.37 -15.62
C GLY A 4 -13.54 -7.37 -14.81
N SER A 5 -12.93 -6.25 -14.46
CA SER A 5 -13.60 -5.22 -13.68
C SER A 5 -13.75 -3.93 -14.48
N SER A 6 -14.98 -3.43 -14.57
CA SER A 6 -15.26 -2.22 -15.31
C SER A 6 -14.78 -0.99 -14.54
N GLY A 7 -13.70 -0.37 -15.00
CA GLY A 7 -13.17 0.79 -14.35
C GLY A 7 -11.65 0.81 -14.33
N ASN A 8 -11.08 1.67 -13.49
CA ASN A 8 -9.63 1.77 -13.38
C ASN A 8 -9.11 0.96 -12.20
N ASP A 9 -9.21 -0.36 -12.30
CA ASP A 9 -8.75 -1.25 -11.24
C ASP A 9 -7.25 -1.51 -11.35
N ASP A 10 -6.83 -2.09 -12.48
CA ASP A 10 -5.43 -2.39 -12.71
C ASP A 10 -4.57 -1.14 -12.52
N ILE A 11 -5.06 -0.01 -13.02
CA ILE A 11 -4.33 1.25 -12.90
C ILE A 11 -3.64 1.36 -11.55
N ILE A 12 -4.40 1.10 -10.49
CA ILE A 12 -3.86 1.17 -9.13
C ILE A 12 -2.75 0.14 -8.93
N VAL A 13 -3.08 -1.12 -9.15
CA VAL A 13 -2.11 -2.21 -8.99
C VAL A 13 -0.81 -1.88 -9.71
N ASN A 14 -0.91 -1.50 -10.97
CA ASN A 14 0.27 -1.16 -11.77
C ASN A 14 1.14 -0.13 -11.05
N TRP A 15 0.50 0.92 -10.53
CA TRP A 15 1.22 1.96 -9.81
C TRP A 15 1.92 1.40 -8.58
N VAL A 16 1.20 0.57 -7.82
CA VAL A 16 1.75 -0.04 -6.62
C VAL A 16 3.15 -0.60 -6.87
N ASN A 17 3.30 -1.32 -7.97
CA ASN A 17 4.58 -1.92 -8.34
C ASN A 17 5.57 -0.84 -8.78
N ARG A 18 5.06 0.15 -9.51
CA ARG A 18 5.90 1.24 -10.00
C ARG A 18 6.61 1.93 -8.85
N THR A 19 5.84 2.38 -7.87
CA THR A 19 6.40 3.07 -6.71
C THR A 19 7.39 2.19 -5.97
N LEU A 20 7.18 0.88 -6.02
CA LEU A 20 8.05 -0.08 -5.37
C LEU A 20 9.43 -0.12 -6.05
N SER A 21 9.42 -0.28 -7.36
CA SER A 21 10.66 -0.34 -8.12
C SER A 21 11.43 0.97 -8.01
N GLU A 22 10.73 2.09 -8.14
CA GLU A 22 11.34 3.40 -8.04
C GLU A 22 12.44 3.41 -6.97
N ALA A 23 12.11 2.90 -5.79
CA ALA A 23 13.06 2.84 -4.69
C ALA A 23 13.92 1.59 -4.77
N GLY A 24 13.31 0.47 -5.15
CA GLY A 24 14.05 -0.77 -5.26
C GLY A 24 13.59 -1.81 -4.25
N LYS A 25 12.28 -2.02 -4.17
CA LYS A 25 11.72 -2.98 -3.24
C LYS A 25 11.62 -4.37 -3.88
N SER A 26 11.64 -5.40 -3.05
CA SER A 26 11.56 -6.77 -3.54
C SER A 26 10.15 -7.34 -3.34
N THR A 27 9.22 -6.47 -2.94
CA THR A 27 7.84 -6.88 -2.71
C THR A 27 6.93 -6.39 -3.84
N SER A 28 5.81 -7.09 -4.03
CA SER A 28 4.86 -6.73 -5.07
C SER A 28 3.59 -7.57 -4.95
N ILE A 29 2.46 -6.97 -5.33
CA ILE A 29 1.18 -7.66 -5.27
C ILE A 29 0.63 -7.93 -6.67
N GLN A 30 -0.57 -8.50 -6.73
CA GLN A 30 -1.20 -8.81 -8.01
C GLN A 30 -2.61 -8.23 -8.07
N SER A 31 -3.26 -8.14 -6.92
CA SER A 31 -4.62 -7.60 -6.83
C SER A 31 -5.05 -7.43 -5.39
N PHE A 32 -6.23 -6.84 -5.19
CA PHE A 32 -6.76 -6.61 -3.85
C PHE A 32 -7.24 -7.92 -3.24
N LYS A 33 -7.40 -8.94 -4.07
CA LYS A 33 -7.86 -10.24 -3.61
C LYS A 33 -6.68 -11.15 -3.28
N ASP A 34 -5.51 -10.82 -3.82
CA ASP A 34 -4.31 -11.61 -3.57
C ASP A 34 -4.16 -11.92 -2.09
N LYS A 35 -3.48 -13.03 -1.78
CA LYS A 35 -3.27 -13.45 -0.41
C LYS A 35 -1.89 -13.03 0.08
N THR A 36 -1.37 -11.95 -0.49
CA THR A 36 -0.05 -11.44 -0.12
C THR A 36 -0.17 -10.22 0.79
N ILE A 37 -1.20 -9.41 0.55
CA ILE A 37 -1.43 -8.22 1.35
C ILE A 37 -1.50 -8.54 2.83
N SER A 38 -2.03 -9.72 3.15
CA SER A 38 -2.15 -10.16 4.54
C SER A 38 -0.83 -10.01 5.27
N SER A 39 0.26 -10.25 4.56
CA SER A 39 1.60 -10.14 5.14
C SER A 39 1.98 -8.68 5.38
N SER A 40 1.35 -7.79 4.63
CA SER A 40 1.61 -6.36 4.74
C SER A 40 3.07 -6.05 4.40
N LEU A 41 3.66 -6.89 3.55
CA LEU A 41 5.05 -6.72 3.15
C LEU A 41 5.15 -5.75 1.97
N ALA A 42 4.17 -5.81 1.08
CA ALA A 42 4.14 -4.94 -0.09
C ALA A 42 3.71 -3.53 0.28
N VAL A 43 2.67 -3.43 1.10
CA VAL A 43 2.15 -2.13 1.53
C VAL A 43 3.25 -1.30 2.18
N VAL A 44 3.92 -1.88 3.18
CA VAL A 44 4.99 -1.19 3.89
C VAL A 44 6.07 -0.71 2.91
N ASP A 45 6.52 -1.61 2.06
CA ASP A 45 7.55 -1.28 1.07
C ASP A 45 7.12 -0.11 0.20
N LEU A 46 5.84 -0.11 -0.18
CA LEU A 46 5.30 0.96 -1.01
C LEU A 46 5.47 2.32 -0.35
N ILE A 47 4.98 2.44 0.89
CA ILE A 47 5.08 3.69 1.63
C ILE A 47 6.50 4.24 1.59
N ASP A 48 7.46 3.42 2.02
CA ASP A 48 8.86 3.82 2.02
C ASP A 48 9.20 4.64 0.78
N ALA A 49 8.96 4.06 -0.39
CA ALA A 49 9.23 4.73 -1.65
C ALA A 49 8.75 6.17 -1.61
N ILE A 50 7.46 6.35 -1.38
CA ILE A 50 6.87 7.70 -1.31
C ILE A 50 7.59 8.56 -0.29
N GLN A 51 7.64 8.10 0.96
CA GLN A 51 8.30 8.84 2.02
C GLN A 51 9.23 7.92 2.81
N PRO A 52 10.46 7.73 2.28
CA PRO A 52 11.46 6.88 2.93
C PRO A 52 12.00 7.50 4.22
N GLY A 53 12.73 6.70 5.00
CA GLY A 53 13.29 7.18 6.24
C GLY A 53 12.36 6.96 7.42
N CYS A 54 11.07 6.85 7.13
CA CYS A 54 10.07 6.64 8.19
C CYS A 54 9.84 5.16 8.42
N ILE A 55 9.91 4.37 7.36
CA ILE A 55 9.72 2.93 7.45
C ILE A 55 10.93 2.25 8.07
N ASN A 56 10.69 1.43 9.10
CA ASN A 56 11.76 0.71 9.77
C ASN A 56 11.52 -0.79 9.72
N TYR A 57 12.21 -1.46 8.79
CA TYR A 57 12.08 -2.91 8.64
C TYR A 57 12.52 -3.63 9.91
N ASP A 58 13.59 -3.14 10.52
CA ASP A 58 14.11 -3.74 11.74
C ASP A 58 12.99 -4.26 12.62
N LEU A 59 11.85 -3.57 12.58
CA LEU A 59 10.70 -3.95 13.38
C LEU A 59 9.72 -4.79 12.56
N VAL A 60 9.56 -4.43 11.29
CA VAL A 60 8.66 -5.15 10.40
C VAL A 60 9.05 -6.63 10.31
N LYS A 61 8.06 -7.51 10.45
CA LYS A 61 8.30 -8.94 10.38
C LYS A 61 8.30 -9.43 8.93
N SER A 62 8.59 -10.70 8.74
CA SER A 62 8.63 -11.29 7.40
C SER A 62 8.78 -12.81 7.49
N GLY A 63 8.39 -13.49 6.41
CA GLY A 63 8.49 -14.94 6.37
C GLY A 63 7.25 -15.62 6.93
N ASN A 64 7.46 -16.58 7.83
CA ASN A 64 6.34 -17.30 8.43
C ASN A 64 5.60 -16.42 9.43
N LEU A 65 4.61 -15.69 8.94
CA LEU A 65 3.81 -14.81 9.79
C LEU A 65 2.54 -15.52 10.27
N THR A 66 2.52 -15.83 11.56
CA THR A 66 1.37 -16.51 12.15
C THR A 66 0.16 -15.58 12.24
N GLU A 67 -0.98 -16.13 12.63
CA GLU A 67 -2.20 -15.35 12.75
C GLU A 67 -1.93 -14.02 13.45
N ASP A 68 -1.09 -14.06 14.48
CA ASP A 68 -0.75 -12.86 15.24
C ASP A 68 0.22 -11.98 14.45
N ASP A 69 1.30 -12.59 13.98
CA ASP A 69 2.31 -11.87 13.20
C ASP A 69 1.66 -11.01 12.12
N LYS A 70 1.01 -11.66 11.16
CA LYS A 70 0.34 -10.97 10.07
C LYS A 70 -0.27 -9.66 10.57
N HIS A 71 -1.07 -9.73 11.61
CA HIS A 71 -1.72 -8.55 12.17
C HIS A 71 -0.68 -7.48 12.53
N ASN A 72 0.38 -7.91 13.20
CA ASN A 72 1.45 -6.99 13.60
C ASN A 72 1.99 -6.23 12.39
N ASN A 73 2.36 -6.97 11.35
CA ASN A 73 2.89 -6.36 10.14
C ASN A 73 1.95 -5.31 9.59
N ALA A 74 0.68 -5.68 9.43
CA ALA A 74 -0.33 -4.76 8.92
C ALA A 74 -0.47 -3.54 9.82
N LYS A 75 -0.75 -3.77 11.09
CA LYS A 75 -0.90 -2.69 12.06
C LYS A 75 0.13 -1.59 11.80
N TYR A 76 1.40 -1.98 11.77
CA TYR A 76 2.48 -1.02 11.55
C TYR A 76 2.21 -0.19 10.30
N ALA A 77 2.01 -0.85 9.17
CA ALA A 77 1.73 -0.16 7.92
C ALA A 77 0.58 0.84 8.08
N VAL A 78 -0.52 0.37 8.67
CA VAL A 78 -1.69 1.21 8.88
C VAL A 78 -1.30 2.53 9.56
N SER A 79 -0.41 2.43 10.55
CA SER A 79 0.04 3.60 11.29
C SER A 79 0.96 4.47 10.42
N MET A 80 1.51 3.88 9.38
CA MET A 80 2.40 4.59 8.47
C MET A 80 1.62 5.28 7.38
N ALA A 81 0.93 4.50 6.56
CA ALA A 81 0.13 5.05 5.47
C ALA A 81 -0.50 6.38 5.86
N ARG A 82 -0.92 6.48 7.11
CA ARG A 82 -1.55 7.70 7.61
C ARG A 82 -0.49 8.71 8.07
N ARG A 83 0.45 8.23 8.88
CA ARG A 83 1.51 9.09 9.38
C ARG A 83 2.14 9.92 8.25
N ILE A 84 2.08 9.38 7.04
CA ILE A 84 2.63 10.06 5.88
C ILE A 84 1.63 11.04 5.28
N GLY A 85 0.35 10.72 5.42
CA GLY A 85 -0.70 11.58 4.89
C GLY A 85 -1.84 10.79 4.28
N ALA A 86 -1.50 9.81 3.45
CA ALA A 86 -2.51 8.98 2.80
C ALA A 86 -3.68 8.72 3.73
N ARG A 87 -4.74 9.52 3.60
CA ARG A 87 -5.92 9.37 4.42
C ARG A 87 -6.67 8.08 4.08
N VAL A 88 -6.14 6.95 4.54
CA VAL A 88 -6.76 5.66 4.29
C VAL A 88 -7.78 5.31 5.36
N TYR A 89 -7.48 5.70 6.60
CA TYR A 89 -8.37 5.43 7.72
C TYR A 89 -8.90 4.00 7.66
N ALA A 90 -8.12 3.11 7.06
CA ALA A 90 -8.51 1.71 6.95
C ALA A 90 -8.15 0.93 8.20
N LEU A 91 -8.94 -0.10 8.51
CA LEU A 91 -8.70 -0.92 9.68
C LEU A 91 -7.63 -1.97 9.40
N PRO A 92 -6.88 -2.35 10.45
CA PRO A 92 -5.81 -3.35 10.35
C PRO A 92 -6.35 -4.76 10.08
N GLU A 93 -7.65 -4.94 10.31
CA GLU A 93 -8.29 -6.23 10.11
C GLU A 93 -8.49 -6.50 8.62
N ASP A 94 -8.91 -5.47 7.89
CA ASP A 94 -9.14 -5.61 6.45
C ASP A 94 -7.90 -6.16 5.74
N LEU A 95 -6.73 -5.64 6.11
CA LEU A 95 -5.48 -6.09 5.52
C LEU A 95 -5.21 -7.55 5.84
N VAL A 96 -5.43 -7.92 7.10
CA VAL A 96 -5.21 -9.30 7.54
C VAL A 96 -6.02 -10.27 6.70
N GLU A 97 -7.33 -10.04 6.61
CA GLU A 97 -8.22 -10.89 5.84
C GLU A 97 -8.14 -10.56 4.35
N VAL A 98 -7.33 -9.55 4.01
CA VAL A 98 -7.16 -9.14 2.63
C VAL A 98 -8.51 -8.86 1.97
N LYS A 99 -9.35 -8.10 2.66
CA LYS A 99 -10.67 -7.76 2.15
C LYS A 99 -10.57 -6.74 1.01
N PRO A 100 -11.07 -7.12 -0.17
CA PRO A 100 -11.05 -6.26 -1.36
C PRO A 100 -12.00 -5.08 -1.23
N LYS A 101 -12.74 -5.04 -0.13
CA LYS A 101 -13.70 -3.97 0.11
C LYS A 101 -12.98 -2.70 0.57
N MET A 102 -12.10 -2.84 1.56
CA MET A 102 -11.35 -1.72 2.08
C MET A 102 -9.97 -1.63 1.43
N VAL A 103 -9.27 -2.76 1.37
CA VAL A 103 -7.95 -2.81 0.78
C VAL A 103 -7.93 -2.11 -0.58
N MET A 104 -9.10 -1.94 -1.17
CA MET A 104 -9.23 -1.28 -2.47
C MET A 104 -8.91 0.20 -2.34
N THR A 105 -9.43 0.83 -1.29
CA THR A 105 -9.20 2.25 -1.06
C THR A 105 -7.88 2.49 -0.36
N VAL A 106 -7.38 1.48 0.33
CA VAL A 106 -6.11 1.58 1.05
C VAL A 106 -4.97 1.95 0.10
N PHE A 107 -4.99 1.36 -1.09
CA PHE A 107 -3.96 1.63 -2.09
C PHE A 107 -4.23 2.94 -2.81
N ALA A 108 -5.49 3.15 -3.19
CA ALA A 108 -5.89 4.36 -3.89
C ALA A 108 -5.49 5.61 -3.11
N CYS A 109 -5.67 5.55 -1.78
CA CYS A 109 -5.33 6.67 -0.92
C CYS A 109 -3.84 6.96 -0.97
N LEU A 110 -3.03 5.91 -0.92
CA LEU A 110 -1.57 6.05 -0.95
C LEU A 110 -1.13 6.72 -2.25
N MET A 111 -1.71 6.28 -3.36
CA MET A 111 -1.37 6.84 -4.67
C MET A 111 -1.64 8.33 -4.72
N GLY A 112 -2.77 8.75 -4.13
CA GLY A 112 -3.12 10.15 -4.12
C GLY A 112 -1.92 11.05 -3.91
N ARG A 113 -1.40 11.05 -2.68
CA ARG A 113 -0.24 11.87 -2.35
C ARG A 113 0.98 11.47 -3.18
N GLY A 114 1.16 10.17 -3.36
CA GLY A 114 2.28 9.68 -4.13
C GLY A 114 2.51 10.49 -5.39
N MET A 115 1.48 10.60 -6.22
CA MET A 115 1.58 11.35 -7.47
C MET A 115 2.01 12.78 -7.21
N LYS A 116 1.34 13.43 -6.26
CA LYS A 116 1.66 14.81 -5.91
C LYS A 116 2.89 14.88 -5.01
N ARG A 117 4.05 15.03 -5.64
CA ARG A 117 5.32 15.10 -4.90
C ARG A 117 6.19 16.23 -5.44
N VAL A 118 7.21 16.60 -4.66
CA VAL A 118 8.11 17.67 -5.06
C VAL A 118 9.48 17.12 -5.43
N SER A 119 9.86 17.29 -6.70
CA SER A 119 11.14 16.80 -7.18
C SER A 119 12.07 17.97 -7.52
N GLY A 120 11.57 18.91 -8.31
CA GLY A 120 12.36 20.06 -8.69
C GLY A 120 13.14 19.82 -9.96
N PRO A 121 12.42 19.74 -11.09
CA PRO A 121 13.04 19.50 -12.41
C PRO A 121 13.84 20.70 -12.89
N SER A 122 13.74 21.81 -12.17
CA SER A 122 14.45 23.04 -12.52
C SER A 122 15.70 23.19 -11.68
N SER A 123 16.64 23.98 -12.19
CA SER A 123 17.90 24.22 -11.49
C SER A 123 18.14 25.71 -11.30
N GLY A 124 19.15 26.04 -10.49
CA GLY A 124 19.47 27.43 -10.23
C GLY A 124 18.55 28.06 -9.20
N GLY A 1 -6.86 15.56 -23.09
CA GLY A 1 -6.57 16.98 -23.20
C GLY A 1 -6.15 17.58 -21.87
N SER A 2 -7.13 18.10 -21.13
CA SER A 2 -6.86 18.71 -19.84
C SER A 2 -7.04 17.71 -18.71
N SER A 3 -8.17 17.00 -18.72
CA SER A 3 -8.46 16.01 -17.69
C SER A 3 -7.54 14.80 -17.84
N GLY A 4 -7.16 14.22 -16.69
CA GLY A 4 -6.28 13.06 -16.71
C GLY A 4 -6.24 12.35 -15.37
N SER A 5 -7.41 12.05 -14.82
CA SER A 5 -7.50 11.38 -13.54
C SER A 5 -8.39 10.15 -13.63
N SER A 6 -7.77 8.98 -13.76
CA SER A 6 -8.50 7.72 -13.87
C SER A 6 -8.08 6.75 -12.78
N GLY A 7 -9.05 6.11 -12.15
CA GLY A 7 -8.77 5.16 -11.09
C GLY A 7 -9.68 3.96 -11.12
N ASN A 8 -9.16 2.80 -10.73
CA ASN A 8 -9.93 1.57 -10.71
C ASN A 8 -9.15 0.44 -10.05
N ASP A 9 -9.73 -0.76 -10.07
CA ASP A 9 -9.09 -1.92 -9.47
C ASP A 9 -7.74 -2.18 -10.11
N ASP A 10 -7.70 -2.18 -11.44
CA ASP A 10 -6.47 -2.42 -12.18
C ASP A 10 -5.50 -1.25 -12.01
N ILE A 11 -5.89 -0.09 -12.51
CA ILE A 11 -5.06 1.11 -12.41
C ILE A 11 -4.26 1.12 -11.11
N ILE A 12 -4.97 1.14 -9.99
CA ILE A 12 -4.33 1.16 -8.68
C ILE A 12 -3.19 0.13 -8.62
N VAL A 13 -3.51 -1.12 -8.95
CA VAL A 13 -2.51 -2.18 -8.94
C VAL A 13 -1.28 -1.79 -9.74
N ASN A 14 -1.48 -1.44 -11.00
CA ASN A 14 -0.38 -1.04 -11.87
C ASN A 14 0.53 -0.03 -11.17
N TRP A 15 -0.07 0.89 -10.43
CA TRP A 15 0.67 1.91 -9.72
C TRP A 15 1.49 1.30 -8.59
N VAL A 16 0.85 0.47 -7.77
CA VAL A 16 1.52 -0.18 -6.65
C VAL A 16 2.88 -0.72 -7.08
N ASN A 17 2.92 -1.36 -8.24
CA ASN A 17 4.15 -1.94 -8.76
C ASN A 17 5.14 -0.84 -9.14
N ARG A 18 4.71 0.06 -10.01
CA ARG A 18 5.55 1.17 -10.46
C ARG A 18 6.25 1.84 -9.28
N THR A 19 5.46 2.27 -8.30
CA THR A 19 6.00 2.92 -7.11
C THR A 19 7.10 2.08 -6.47
N LEU A 20 6.71 0.92 -5.95
CA LEU A 20 7.67 0.02 -5.30
C LEU A 20 9.03 0.08 -6.00
N SER A 21 9.00 0.12 -7.33
CA SER A 21 10.23 0.17 -8.12
C SER A 21 10.93 1.51 -7.94
N GLU A 22 10.20 2.60 -8.17
CA GLU A 22 10.74 3.93 -8.04
C GLU A 22 11.76 3.99 -6.91
N ALA A 23 11.49 3.25 -5.84
CA ALA A 23 12.38 3.21 -4.68
C ALA A 23 13.32 2.02 -4.75
N GLY A 24 12.79 0.88 -5.15
CA GLY A 24 13.59 -0.33 -5.26
C GLY A 24 13.25 -1.35 -4.19
N LYS A 25 11.96 -1.67 -4.08
CA LYS A 25 11.51 -2.64 -3.08
C LYS A 25 11.46 -4.05 -3.67
N SER A 26 11.50 -5.04 -2.81
CA SER A 26 11.46 -6.44 -3.25
C SER A 26 10.08 -7.04 -3.01
N THR A 27 9.05 -6.20 -3.05
CA THR A 27 7.69 -6.65 -2.83
C THR A 27 6.77 -6.16 -3.94
N SER A 28 5.65 -6.86 -4.13
CA SER A 28 4.68 -6.50 -5.16
C SER A 28 3.39 -7.30 -5.00
N ILE A 29 2.33 -6.82 -5.63
CA ILE A 29 1.03 -7.49 -5.57
C ILE A 29 0.37 -7.56 -6.94
N GLN A 30 -0.28 -8.68 -7.23
CA GLN A 30 -0.95 -8.86 -8.51
C GLN A 30 -2.37 -8.32 -8.47
N SER A 31 -2.98 -8.37 -7.29
CA SER A 31 -4.34 -7.89 -7.11
C SER A 31 -4.67 -7.72 -5.64
N PHE A 32 -5.91 -7.35 -5.35
CA PHE A 32 -6.35 -7.15 -3.97
C PHE A 32 -6.88 -8.45 -3.37
N LYS A 33 -6.62 -9.56 -4.06
CA LYS A 33 -7.06 -10.87 -3.60
C LYS A 33 -5.87 -11.74 -3.20
N ASP A 34 -4.75 -11.53 -3.88
CA ASP A 34 -3.53 -12.29 -3.59
C ASP A 34 -3.40 -12.57 -2.10
N LYS A 35 -2.73 -13.67 -1.77
CA LYS A 35 -2.53 -14.05 -0.37
C LYS A 35 -1.22 -13.50 0.16
N THR A 36 -0.78 -12.38 -0.39
CA THR A 36 0.46 -11.74 0.03
C THR A 36 0.19 -10.48 0.84
N ILE A 37 -0.92 -9.83 0.55
CA ILE A 37 -1.30 -8.61 1.26
C ILE A 37 -1.54 -8.89 2.74
N SER A 38 -1.98 -10.10 3.05
CA SER A 38 -2.24 -10.48 4.43
C SER A 38 -1.01 -10.26 5.30
N SER A 39 0.17 -10.41 4.71
CA SER A 39 1.42 -10.23 5.43
C SER A 39 1.77 -8.75 5.53
N SER A 40 1.06 -7.92 4.79
CA SER A 40 1.29 -6.49 4.78
C SER A 40 2.77 -6.18 4.53
N LEU A 41 3.42 -7.05 3.77
CA LEU A 41 4.84 -6.87 3.45
C LEU A 41 5.01 -5.95 2.25
N ALA A 42 4.05 -5.97 1.35
CA ALA A 42 4.10 -5.13 0.16
C ALA A 42 3.57 -3.73 0.45
N VAL A 43 2.67 -3.63 1.42
CA VAL A 43 2.09 -2.35 1.80
C VAL A 43 3.14 -1.42 2.41
N VAL A 44 3.82 -1.91 3.44
CA VAL A 44 4.85 -1.13 4.11
C VAL A 44 5.91 -0.66 3.12
N ASP A 45 6.38 -1.57 2.28
CA ASP A 45 7.39 -1.25 1.28
C ASP A 45 6.91 -0.13 0.37
N LEU A 46 5.59 0.02 0.26
CA LEU A 46 5.00 1.05 -0.59
C LEU A 46 5.11 2.43 0.08
N ILE A 47 4.67 2.50 1.33
CA ILE A 47 4.72 3.76 2.07
C ILE A 47 6.14 4.32 2.11
N ASP A 48 7.12 3.43 2.01
CA ASP A 48 8.52 3.84 2.03
C ASP A 48 8.86 4.72 0.82
N ALA A 49 8.49 4.24 -0.36
CA ALA A 49 8.75 4.98 -1.59
C ALA A 49 8.34 6.44 -1.44
N ILE A 50 7.07 6.67 -1.10
CA ILE A 50 6.55 8.02 -0.93
C ILE A 50 7.38 8.80 0.08
N GLN A 51 7.54 8.24 1.27
CA GLN A 51 8.32 8.88 2.32
C GLN A 51 9.32 7.91 2.94
N PRO A 52 10.46 7.73 2.26
CA PRO A 52 11.52 6.83 2.73
C PRO A 52 12.23 7.36 3.97
N GLY A 53 13.00 6.50 4.62
CA GLY A 53 13.72 6.89 5.81
C GLY A 53 12.91 6.67 7.07
N CYS A 54 11.59 6.71 6.94
CA CYS A 54 10.70 6.51 8.08
C CYS A 54 10.47 5.02 8.33
N ILE A 55 10.19 4.28 7.27
CA ILE A 55 9.94 2.84 7.37
C ILE A 55 11.15 2.12 7.95
N ASN A 56 10.90 1.17 8.84
CA ASN A 56 11.97 0.40 9.47
C ASN A 56 11.66 -1.09 9.42
N TYR A 57 12.36 -1.80 8.53
CA TYR A 57 12.15 -3.24 8.38
C TYR A 57 12.58 -3.98 9.64
N ASP A 58 13.68 -3.53 10.24
CA ASP A 58 14.20 -4.15 11.46
C ASP A 58 13.06 -4.62 12.36
N LEU A 59 12.01 -3.80 12.45
CA LEU A 59 10.85 -4.12 13.28
C LEU A 59 9.84 -4.96 12.50
N VAL A 60 9.64 -4.62 11.23
CA VAL A 60 8.71 -5.33 10.38
C VAL A 60 9.07 -6.81 10.29
N LYS A 61 8.06 -7.67 10.45
CA LYS A 61 8.27 -9.11 10.39
C LYS A 61 8.14 -9.62 8.96
N SER A 62 8.46 -10.90 8.76
CA SER A 62 8.37 -11.51 7.44
C SER A 62 8.38 -13.03 7.54
N GLY A 63 7.95 -13.69 6.48
CA GLY A 63 7.91 -15.14 6.47
C GLY A 63 6.57 -15.69 6.92
N ASN A 64 6.61 -16.77 7.70
CA ASN A 64 5.39 -17.39 8.20
C ASN A 64 4.79 -16.58 9.35
N LEU A 65 4.03 -15.56 9.00
CA LEU A 65 3.39 -14.70 9.99
C LEU A 65 2.10 -15.32 10.50
N THR A 66 2.05 -15.62 11.80
CA THR A 66 0.88 -16.22 12.41
C THR A 66 -0.26 -15.20 12.53
N GLU A 67 -1.43 -15.68 12.94
CA GLU A 67 -2.59 -14.81 13.10
C GLU A 67 -2.19 -13.47 13.72
N ASP A 68 -1.27 -13.52 14.68
CA ASP A 68 -0.81 -12.32 15.35
C ASP A 68 0.16 -11.54 14.46
N ASP A 69 1.27 -12.18 14.09
CA ASP A 69 2.28 -11.55 13.24
C ASP A 69 1.62 -10.77 12.12
N LYS A 70 0.74 -11.43 11.37
CA LYS A 70 0.05 -10.80 10.26
C LYS A 70 -0.58 -9.48 10.69
N HIS A 71 -1.33 -9.52 11.78
CA HIS A 71 -1.99 -8.32 12.31
C HIS A 71 -0.95 -7.28 12.71
N ASN A 72 0.16 -7.73 13.28
CA ASN A 72 1.22 -6.83 13.71
C ASN A 72 1.78 -6.04 12.53
N ASN A 73 2.17 -6.74 11.48
CA ASN A 73 2.72 -6.11 10.29
C ASN A 73 1.75 -5.09 9.72
N ALA A 74 0.51 -5.50 9.52
CA ALA A 74 -0.51 -4.61 8.98
C ALA A 74 -0.60 -3.31 9.79
N LYS A 75 -0.81 -3.44 11.09
CA LYS A 75 -0.92 -2.29 11.97
C LYS A 75 0.21 -1.29 11.68
N TYR A 76 1.43 -1.79 11.57
CA TYR A 76 2.59 -0.94 11.29
C TYR A 76 2.39 -0.17 9.99
N ALA A 77 2.01 -0.88 8.94
CA ALA A 77 1.79 -0.25 7.64
C ALA A 77 0.81 0.91 7.75
N VAL A 78 -0.38 0.63 8.28
CA VAL A 78 -1.40 1.66 8.44
C VAL A 78 -0.84 2.89 9.15
N SER A 79 -0.11 2.66 10.23
CA SER A 79 0.48 3.75 11.00
C SER A 79 1.41 4.59 10.13
N MET A 80 2.32 3.92 9.43
CA MET A 80 3.26 4.60 8.56
C MET A 80 2.53 5.37 7.46
N ALA A 81 1.32 4.95 7.15
CA ALA A 81 0.51 5.60 6.13
C ALA A 81 -0.15 6.86 6.67
N ARG A 82 -0.90 6.72 7.75
CA ARG A 82 -1.58 7.86 8.37
C ARG A 82 -0.58 8.92 8.80
N ARG A 83 0.54 8.48 9.37
CA ARG A 83 1.58 9.40 9.83
C ARG A 83 2.07 10.28 8.69
N ILE A 84 2.36 9.66 7.55
CA ILE A 84 2.85 10.39 6.39
C ILE A 84 1.73 11.21 5.76
N GLY A 85 0.55 11.15 6.35
CA GLY A 85 -0.58 11.90 5.83
C GLY A 85 -1.36 11.12 4.78
N ALA A 86 -2.03 10.06 5.20
CA ALA A 86 -2.82 9.24 4.29
C ALA A 86 -4.24 9.04 4.80
N ARG A 87 -5.17 9.80 4.23
CA ARG A 87 -6.57 9.72 4.63
C ARG A 87 -7.18 8.39 4.23
N VAL A 88 -6.94 7.36 5.04
CA VAL A 88 -7.46 6.03 4.77
C VAL A 88 -8.25 5.49 5.95
N TYR A 89 -9.56 5.40 5.78
CA TYR A 89 -10.43 4.90 6.84
C TYR A 89 -10.50 3.38 6.83
N ALA A 90 -9.38 2.75 6.45
CA ALA A 90 -9.31 1.29 6.40
C ALA A 90 -8.68 0.74 7.67
N LEU A 91 -9.37 -0.21 8.31
CA LEU A 91 -8.89 -0.82 9.53
C LEU A 91 -7.69 -1.73 9.24
N PRO A 92 -6.81 -1.88 10.24
CA PRO A 92 -5.62 -2.72 10.13
C PRO A 92 -5.96 -4.21 10.06
N GLU A 93 -7.23 -4.53 10.27
CA GLU A 93 -7.69 -5.91 10.24
C GLU A 93 -8.09 -6.32 8.82
N ASP A 94 -8.59 -5.36 8.05
CA ASP A 94 -9.02 -5.62 6.68
C ASP A 94 -7.85 -6.14 5.85
N LEU A 95 -6.64 -5.73 6.22
CA LEU A 95 -5.44 -6.16 5.49
C LEU A 95 -5.15 -7.63 5.74
N VAL A 96 -5.31 -8.06 6.99
CA VAL A 96 -5.07 -9.46 7.35
C VAL A 96 -5.94 -10.40 6.53
N GLU A 97 -7.23 -10.08 6.44
CA GLU A 97 -8.17 -10.89 5.69
C GLU A 97 -8.02 -10.66 4.19
N VAL A 98 -7.17 -9.69 3.84
CA VAL A 98 -6.94 -9.36 2.43
C VAL A 98 -8.23 -8.91 1.75
N LYS A 99 -9.09 -8.24 2.51
CA LYS A 99 -10.35 -7.75 1.97
C LYS A 99 -10.14 -7.00 0.66
N PRO A 100 -10.52 -7.65 -0.45
CA PRO A 100 -10.38 -7.06 -1.79
C PRO A 100 -11.35 -5.89 -2.01
N LYS A 101 -12.10 -5.54 -0.97
CA LYS A 101 -13.05 -4.44 -1.05
C LYS A 101 -12.61 -3.27 -0.18
N MET A 102 -11.65 -3.52 0.70
CA MET A 102 -11.13 -2.49 1.59
C MET A 102 -9.62 -2.34 1.45
N VAL A 103 -9.01 -3.32 0.78
CA VAL A 103 -7.56 -3.30 0.57
C VAL A 103 -7.19 -2.45 -0.64
N MET A 104 -8.07 -2.43 -1.64
CA MET A 104 -7.84 -1.66 -2.85
C MET A 104 -7.88 -0.17 -2.55
N THR A 105 -8.70 0.22 -1.58
CA THR A 105 -8.83 1.63 -1.19
C THR A 105 -7.62 2.10 -0.39
N VAL A 106 -6.87 1.14 0.14
CA VAL A 106 -5.68 1.46 0.92
C VAL A 106 -4.54 1.92 0.03
N PHE A 107 -4.40 1.27 -1.12
CA PHE A 107 -3.34 1.62 -2.07
C PHE A 107 -3.69 2.89 -2.84
N ALA A 108 -4.94 3.34 -2.69
CA ALA A 108 -5.40 4.54 -3.37
C ALA A 108 -4.81 5.79 -2.74
N CYS A 109 -5.18 6.06 -1.49
CA CYS A 109 -4.68 7.23 -0.78
C CYS A 109 -3.20 7.44 -1.04
N LEU A 110 -2.44 6.36 -1.05
CA LEU A 110 -1.00 6.43 -1.30
C LEU A 110 -0.72 6.99 -2.69
N MET A 111 -1.26 6.34 -3.71
CA MET A 111 -1.06 6.79 -5.08
C MET A 111 -1.14 8.31 -5.19
N GLY A 112 -2.18 8.88 -4.59
CA GLY A 112 -2.35 10.32 -4.62
C GLY A 112 -1.06 11.07 -4.30
N ARG A 113 -0.87 11.40 -3.03
CA ARG A 113 0.33 12.13 -2.61
C ARG A 113 1.58 11.51 -3.22
N GLY A 114 1.57 10.19 -3.36
CA GLY A 114 2.72 9.50 -3.93
C GLY A 114 3.06 9.99 -5.31
N MET A 115 2.03 10.25 -6.12
CA MET A 115 2.24 10.74 -7.48
C MET A 115 3.09 12.00 -7.49
N LYS A 116 4.26 11.92 -8.11
CA LYS A 116 5.18 13.05 -8.19
C LYS A 116 4.83 13.95 -9.38
N ARG A 117 4.62 13.32 -10.54
CA ARG A 117 4.29 14.06 -11.76
C ARG A 117 2.85 14.57 -11.71
N VAL A 118 2.70 15.88 -11.65
CA VAL A 118 1.37 16.50 -11.60
C VAL A 118 0.55 16.12 -12.83
N SER A 119 -0.77 16.03 -12.65
CA SER A 119 -1.66 15.69 -13.76
C SER A 119 -1.87 16.89 -14.68
N GLY A 120 -1.01 17.01 -15.68
CA GLY A 120 -1.13 18.12 -16.62
C GLY A 120 0.12 18.99 -16.65
N PRO A 121 0.45 19.53 -17.82
CA PRO A 121 1.61 20.39 -18.01
C PRO A 121 1.45 21.74 -17.31
N SER A 122 0.21 22.11 -17.02
CA SER A 122 -0.09 23.37 -16.37
C SER A 122 -1.34 23.26 -15.50
N SER A 123 -1.35 24.00 -14.39
CA SER A 123 -2.48 23.98 -13.47
C SER A 123 -3.73 24.56 -14.14
N GLY A 124 -4.89 24.05 -13.73
CA GLY A 124 -6.14 24.53 -14.31
C GLY A 124 -6.44 25.96 -13.93
N GLY A 1 3.37 10.01 -21.67
CA GLY A 1 3.29 8.62 -22.10
C GLY A 1 1.85 8.17 -22.25
N SER A 2 1.45 7.20 -21.43
CA SER A 2 0.09 6.65 -21.48
C SER A 2 -0.69 7.06 -20.25
N SER A 3 -1.71 7.89 -20.45
CA SER A 3 -2.55 8.37 -19.34
C SER A 3 -3.96 8.69 -19.84
N GLY A 4 -4.91 8.72 -18.90
CA GLY A 4 -6.28 9.02 -19.25
C GLY A 4 -7.24 8.77 -18.11
N SER A 5 -7.90 7.62 -18.14
CA SER A 5 -8.86 7.27 -17.09
C SER A 5 -8.20 6.40 -16.03
N SER A 6 -7.54 7.06 -15.08
CA SER A 6 -6.85 6.36 -13.99
C SER A 6 -7.72 6.33 -12.74
N GLY A 7 -7.77 5.17 -12.09
CA GLY A 7 -8.56 5.04 -10.88
C GLY A 7 -9.18 3.66 -10.74
N ASN A 8 -9.07 2.85 -11.80
CA ASN A 8 -9.63 1.51 -11.79
C ASN A 8 -8.74 0.56 -10.99
N ASP A 9 -9.17 -0.69 -10.89
CA ASP A 9 -8.41 -1.71 -10.16
C ASP A 9 -7.02 -1.86 -10.74
N ASP A 10 -6.95 -2.31 -11.98
CA ASP A 10 -5.67 -2.51 -12.66
C ASP A 10 -4.74 -1.32 -12.42
N ILE A 11 -5.13 -0.16 -12.93
CA ILE A 11 -4.33 1.05 -12.78
C ILE A 11 -3.67 1.09 -11.41
N ILE A 12 -4.48 1.14 -10.36
CA ILE A 12 -3.97 1.18 -8.99
C ILE A 12 -2.88 0.13 -8.78
N VAL A 13 -3.16 -1.10 -9.20
CA VAL A 13 -2.21 -2.20 -9.06
C VAL A 13 -0.88 -1.85 -9.74
N ASN A 14 -0.96 -1.45 -11.00
CA ASN A 14 0.23 -1.10 -11.77
C ASN A 14 1.04 -0.03 -11.05
N TRP A 15 0.34 0.87 -10.35
CA TRP A 15 1.01 1.94 -9.62
C TRP A 15 1.76 1.40 -8.41
N VAL A 16 1.05 0.66 -7.56
CA VAL A 16 1.65 0.08 -6.36
C VAL A 16 2.97 -0.62 -6.70
N ASN A 17 2.98 -1.31 -7.83
CA ASN A 17 4.17 -2.03 -8.27
C ASN A 17 5.24 -1.06 -8.78
N ARG A 18 4.81 -0.05 -9.52
CA ARG A 18 5.73 0.95 -10.06
C ARG A 18 6.45 1.69 -8.93
N THR A 19 5.68 2.12 -7.94
CA THR A 19 6.23 2.85 -6.80
C THR A 19 7.26 2.01 -6.06
N LEU A 20 7.02 0.71 -5.98
CA LEU A 20 7.93 -0.20 -5.30
C LEU A 20 9.26 -0.29 -6.03
N SER A 21 9.20 -0.53 -7.33
CA SER A 21 10.41 -0.64 -8.15
C SER A 21 11.23 0.63 -8.07
N GLU A 22 10.56 1.78 -8.15
CA GLU A 22 11.23 3.07 -8.09
C GLU A 22 12.32 3.06 -7.03
N ALA A 23 11.96 2.63 -5.82
CA ALA A 23 12.91 2.57 -4.72
C ALA A 23 13.81 1.34 -4.83
N GLY A 24 13.23 0.24 -5.30
CA GLY A 24 14.00 -0.99 -5.44
C GLY A 24 13.62 -2.03 -4.41
N LYS A 25 12.31 -2.21 -4.19
CA LYS A 25 11.82 -3.17 -3.22
C LYS A 25 11.58 -4.53 -3.88
N SER A 26 11.84 -5.60 -3.14
CA SER A 26 11.66 -6.95 -3.65
C SER A 26 10.24 -7.45 -3.38
N THR A 27 9.36 -6.52 -2.99
CA THR A 27 7.98 -6.86 -2.70
C THR A 27 7.03 -6.33 -3.78
N SER A 28 5.91 -6.99 -3.95
CA SER A 28 4.92 -6.59 -4.96
C SER A 28 3.63 -7.40 -4.82
N ILE A 29 2.56 -6.88 -5.40
CA ILE A 29 1.27 -7.55 -5.35
C ILE A 29 0.68 -7.72 -6.74
N GLN A 30 -0.24 -8.68 -6.89
CA GLN A 30 -0.88 -8.92 -8.17
C GLN A 30 -2.23 -8.21 -8.25
N SER A 31 -2.97 -8.24 -7.15
CA SER A 31 -4.28 -7.60 -7.09
C SER A 31 -4.79 -7.52 -5.66
N PHE A 32 -5.95 -6.89 -5.48
CA PHE A 32 -6.54 -6.75 -4.16
C PHE A 32 -7.06 -8.09 -3.65
N LYS A 33 -6.98 -9.12 -4.50
CA LYS A 33 -7.44 -10.44 -4.13
C LYS A 33 -6.27 -11.41 -4.04
N ASP A 34 -5.08 -10.87 -3.82
CA ASP A 34 -3.87 -11.69 -3.70
C ASP A 34 -3.59 -12.02 -2.24
N LYS A 35 -3.08 -13.23 -2.01
CA LYS A 35 -2.76 -13.67 -0.66
C LYS A 35 -1.40 -13.14 -0.21
N THR A 36 -0.90 -12.13 -0.91
CA THR A 36 0.38 -11.52 -0.60
C THR A 36 0.20 -10.22 0.18
N ILE A 37 -1.05 -9.83 0.38
CA ILE A 37 -1.36 -8.60 1.10
C ILE A 37 -1.49 -8.86 2.60
N SER A 38 -1.92 -10.07 2.94
CA SER A 38 -2.09 -10.45 4.34
C SER A 38 -0.79 -10.28 5.11
N SER A 39 0.33 -10.38 4.41
CA SER A 39 1.65 -10.25 5.04
C SER A 39 1.99 -8.77 5.25
N SER A 40 1.19 -7.90 4.65
CA SER A 40 1.41 -6.46 4.78
C SER A 40 2.87 -6.10 4.47
N LEU A 41 3.49 -6.89 3.60
CA LEU A 41 4.88 -6.66 3.23
C LEU A 41 4.97 -5.75 2.00
N ALA A 42 4.02 -5.89 1.09
CA ALA A 42 3.99 -5.08 -0.12
C ALA A 42 3.47 -3.68 0.17
N VAL A 43 2.65 -3.56 1.21
CA VAL A 43 2.09 -2.27 1.60
C VAL A 43 3.14 -1.39 2.28
N VAL A 44 3.77 -1.94 3.31
CA VAL A 44 4.80 -1.20 4.05
C VAL A 44 5.92 -0.74 3.12
N ASP A 45 6.33 -1.63 2.21
CA ASP A 45 7.39 -1.31 1.27
C ASP A 45 6.98 -0.17 0.34
N LEU A 46 5.69 -0.11 0.03
CA LEU A 46 5.16 0.93 -0.85
C LEU A 46 5.40 2.32 -0.25
N ILE A 47 5.03 2.48 1.02
CA ILE A 47 5.21 3.76 1.70
C ILE A 47 6.67 4.21 1.66
N ASP A 48 7.58 3.27 1.93
CA ASP A 48 9.01 3.58 1.92
C ASP A 48 9.39 4.38 0.68
N ALA A 49 9.05 3.84 -0.49
CA ALA A 49 9.36 4.51 -1.76
C ALA A 49 8.93 5.97 -1.71
N ILE A 50 7.68 6.21 -1.35
CA ILE A 50 7.15 7.57 -1.27
C ILE A 50 7.93 8.41 -0.26
N GLN A 51 8.00 7.91 0.97
CA GLN A 51 8.71 8.60 2.04
C GLN A 51 9.66 7.66 2.77
N PRO A 52 10.87 7.48 2.22
CA PRO A 52 11.89 6.61 2.80
C PRO A 52 12.45 7.16 4.10
N GLY A 53 13.16 6.32 4.84
CA GLY A 53 13.74 6.74 6.11
C GLY A 53 12.77 6.64 7.26
N CYS A 54 11.47 6.67 6.95
CA CYS A 54 10.44 6.58 7.97
C CYS A 54 10.10 5.12 8.29
N ILE A 55 10.08 4.29 7.26
CA ILE A 55 9.77 2.87 7.42
C ILE A 55 10.90 2.15 8.18
N ASN A 56 10.60 1.70 9.38
CA ASN A 56 11.58 1.00 10.21
C ASN A 56 11.34 -0.51 10.17
N TYR A 57 12.02 -1.19 9.25
CA TYR A 57 11.89 -2.63 9.11
C TYR A 57 12.23 -3.34 10.41
N ASP A 58 13.23 -2.83 11.11
CA ASP A 58 13.67 -3.41 12.38
C ASP A 58 12.47 -3.90 13.18
N LEU A 59 11.36 -3.20 13.07
CA LEU A 59 10.14 -3.56 13.78
C LEU A 59 9.25 -4.46 12.94
N VAL A 60 9.24 -4.21 11.62
CA VAL A 60 8.44 -4.99 10.71
C VAL A 60 8.88 -6.45 10.69
N LYS A 61 7.91 -7.36 10.61
CA LYS A 61 8.20 -8.79 10.58
C LYS A 61 8.23 -9.31 9.15
N SER A 62 8.51 -10.61 9.01
CA SER A 62 8.59 -11.23 7.69
C SER A 62 8.71 -12.75 7.82
N GLY A 63 8.52 -13.45 6.71
CA GLY A 63 8.61 -14.90 6.71
C GLY A 63 7.32 -15.56 7.12
N ASN A 64 7.42 -16.57 7.99
CA ASN A 64 6.25 -17.29 8.46
C ASN A 64 5.48 -16.47 9.49
N LEU A 65 4.64 -15.56 9.01
CA LEU A 65 3.84 -14.72 9.90
C LEU A 65 2.59 -15.45 10.37
N THR A 66 2.57 -15.80 11.65
CA THR A 66 1.42 -16.50 12.23
C THR A 66 0.17 -15.64 12.17
N GLU A 67 -0.93 -16.18 12.70
CA GLU A 67 -2.20 -15.46 12.69
C GLU A 67 -2.07 -14.12 13.41
N ASP A 68 -1.03 -14.00 14.23
CA ASP A 68 -0.79 -12.77 14.98
C ASP A 68 0.25 -11.90 14.27
N ASP A 69 1.41 -12.48 13.99
CA ASP A 69 2.48 -11.76 13.31
C ASP A 69 1.94 -10.93 12.16
N LYS A 70 1.14 -11.56 11.31
CA LYS A 70 0.55 -10.88 10.17
C LYS A 70 -0.14 -9.59 10.59
N HIS A 71 -0.97 -9.68 11.63
CA HIS A 71 -1.69 -8.52 12.14
C HIS A 71 -0.73 -7.38 12.44
N ASN A 72 0.37 -7.69 13.12
CA ASN A 72 1.36 -6.68 13.47
C ASN A 72 1.91 -6.00 12.23
N ASN A 73 2.18 -6.79 11.19
CA ASN A 73 2.70 -6.26 9.94
C ASN A 73 1.70 -5.29 9.30
N ALA A 74 0.42 -5.50 9.56
CA ALA A 74 -0.63 -4.65 9.02
C ALA A 74 -0.68 -3.31 9.75
N LYS A 75 -0.88 -3.36 11.05
CA LYS A 75 -0.95 -2.15 11.87
C LYS A 75 0.11 -1.14 11.42
N TYR A 76 1.37 -1.51 11.59
CA TYR A 76 2.48 -0.64 11.22
C TYR A 76 2.20 0.04 9.88
N ALA A 77 1.79 -0.74 8.89
CA ALA A 77 1.50 -0.22 7.57
C ALA A 77 0.44 0.88 7.64
N VAL A 78 -0.60 0.65 8.44
CA VAL A 78 -1.68 1.63 8.59
C VAL A 78 -1.15 2.94 9.15
N SER A 79 -0.49 2.87 10.31
CA SER A 79 0.06 4.06 10.94
C SER A 79 1.04 4.77 10.02
N MET A 80 1.87 3.98 9.34
CA MET A 80 2.87 4.53 8.42
C MET A 80 2.19 5.29 7.29
N ALA A 81 1.22 4.65 6.65
CA ALA A 81 0.50 5.27 5.54
C ALA A 81 0.03 6.67 5.91
N ARG A 82 -0.68 6.78 7.03
CA ARG A 82 -1.19 8.07 7.49
C ARG A 82 -0.05 8.99 7.89
N ARG A 83 0.88 8.47 8.68
CA ARG A 83 2.03 9.25 9.12
C ARG A 83 2.57 10.13 8.00
N ILE A 84 2.88 9.49 6.87
CA ILE A 84 3.42 10.21 5.72
C ILE A 84 2.39 11.19 5.17
N GLY A 85 1.11 10.87 5.35
CA GLY A 85 0.06 11.74 4.86
C GLY A 85 -1.05 10.97 4.17
N ALA A 86 -1.94 10.37 4.95
CA ALA A 86 -3.05 9.60 4.41
C ALA A 86 -4.23 9.57 5.37
N ARG A 87 -5.44 9.69 4.84
CA ARG A 87 -6.64 9.66 5.66
C ARG A 87 -7.44 8.39 5.43
N VAL A 88 -6.74 7.28 5.23
CA VAL A 88 -7.37 5.99 4.99
C VAL A 88 -7.88 5.39 6.29
N TYR A 89 -9.18 5.54 6.55
CA TYR A 89 -9.79 5.00 7.76
C TYR A 89 -10.02 3.50 7.64
N ALA A 90 -8.98 2.78 7.21
CA ALA A 90 -9.07 1.34 7.05
C ALA A 90 -8.49 0.62 8.26
N LEU A 91 -9.26 -0.32 8.81
CA LEU A 91 -8.82 -1.08 9.97
C LEU A 91 -7.63 -1.97 9.62
N PRO A 92 -6.79 -2.26 10.63
CA PRO A 92 -5.60 -3.10 10.45
C PRO A 92 -5.97 -4.56 10.21
N GLU A 93 -7.20 -4.92 10.52
CA GLU A 93 -7.68 -6.29 10.34
C GLU A 93 -8.04 -6.55 8.89
N ASP A 94 -8.62 -5.54 8.24
CA ASP A 94 -9.02 -5.66 6.84
C ASP A 94 -7.85 -6.12 5.97
N LEU A 95 -6.65 -5.64 6.30
CA LEU A 95 -5.46 -6.00 5.55
C LEU A 95 -5.13 -7.48 5.75
N VAL A 96 -5.22 -7.94 6.99
CA VAL A 96 -4.92 -9.32 7.31
C VAL A 96 -5.86 -10.27 6.59
N GLU A 97 -7.13 -9.89 6.49
CA GLU A 97 -8.12 -10.71 5.82
C GLU A 97 -8.08 -10.48 4.30
N VAL A 98 -7.36 -9.45 3.89
CA VAL A 98 -7.23 -9.13 2.48
C VAL A 98 -8.60 -8.84 1.85
N LYS A 99 -9.38 -8.00 2.52
CA LYS A 99 -10.71 -7.63 2.03
C LYS A 99 -10.60 -6.85 0.73
N PRO A 100 -11.09 -7.45 -0.36
CA PRO A 100 -11.07 -6.83 -1.69
C PRO A 100 -12.04 -5.65 -1.79
N LYS A 101 -12.72 -5.35 -0.70
CA LYS A 101 -13.68 -4.25 -0.66
C LYS A 101 -13.12 -3.08 0.14
N MET A 102 -12.03 -3.32 0.86
CA MET A 102 -11.40 -2.28 1.67
C MET A 102 -9.98 -2.03 1.21
N VAL A 103 -9.26 -3.10 0.89
CA VAL A 103 -7.87 -2.98 0.43
C VAL A 103 -7.79 -2.15 -0.85
N MET A 104 -8.91 -2.03 -1.55
CA MET A 104 -8.96 -1.26 -2.78
C MET A 104 -8.77 0.23 -2.51
N THR A 105 -9.30 0.69 -1.38
CA THR A 105 -9.19 2.09 -1.00
C THR A 105 -7.87 2.36 -0.27
N VAL A 106 -7.38 1.35 0.44
CA VAL A 106 -6.13 1.49 1.19
C VAL A 106 -5.00 1.98 0.28
N PHE A 107 -4.98 1.47 -0.94
CA PHE A 107 -3.96 1.86 -1.91
C PHE A 107 -4.30 3.19 -2.58
N ALA A 108 -5.50 3.25 -3.14
CA ALA A 108 -5.96 4.47 -3.81
C ALA A 108 -5.68 5.70 -2.95
N CYS A 109 -5.85 5.55 -1.63
CA CYS A 109 -5.62 6.66 -0.71
C CYS A 109 -4.18 7.14 -0.78
N LEU A 110 -3.25 6.19 -0.81
CA LEU A 110 -1.83 6.52 -0.88
C LEU A 110 -1.49 7.22 -2.19
N MET A 111 -1.96 6.65 -3.30
CA MET A 111 -1.71 7.22 -4.62
C MET A 111 -2.03 8.71 -4.63
N GLY A 112 -3.18 9.07 -4.07
CA GLY A 112 -3.59 10.47 -4.02
C GLY A 112 -2.41 11.40 -3.82
N ARG A 113 -1.65 11.19 -2.76
CA ARG A 113 -0.50 12.02 -2.44
C ARG A 113 0.74 11.51 -3.17
N GLY A 114 1.00 10.22 -3.05
CA GLY A 114 2.16 9.62 -3.69
C GLY A 114 2.45 10.24 -5.05
N MET A 115 1.38 10.51 -5.80
CA MET A 115 1.53 11.11 -7.13
C MET A 115 2.37 12.37 -7.07
N LYS A 116 3.49 12.37 -7.77
CA LYS A 116 4.37 13.53 -7.80
C LYS A 116 3.91 14.55 -8.84
N ARG A 117 3.76 15.79 -8.40
CA ARG A 117 3.32 16.86 -9.30
C ARG A 117 2.06 16.45 -10.06
N VAL A 118 1.14 15.81 -9.36
CA VAL A 118 -0.11 15.36 -9.99
C VAL A 118 -0.69 16.43 -10.90
N SER A 119 -1.66 16.04 -11.72
CA SER A 119 -2.29 16.97 -12.65
C SER A 119 -3.75 17.21 -12.27
N GLY A 120 -4.07 18.46 -11.96
CA GLY A 120 -5.43 18.81 -11.58
C GLY A 120 -5.48 19.72 -10.36
N PRO A 121 -5.64 19.11 -9.18
CA PRO A 121 -5.71 19.85 -7.92
C PRO A 121 -4.37 20.47 -7.53
N SER A 122 -3.29 19.87 -8.02
CA SER A 122 -1.94 20.36 -7.72
C SER A 122 -1.93 21.88 -7.62
N SER A 123 -1.44 22.40 -6.50
CA SER A 123 -1.38 23.83 -6.28
C SER A 123 0.00 24.24 -5.75
N GLY A 124 0.62 25.20 -6.42
CA GLY A 124 1.93 25.66 -5.99
C GLY A 124 2.33 26.97 -6.67
#